data_6C87
#
_entry.id   6C87
#
_cell.length_a   97.340
_cell.length_b   103.120
_cell.length_c   195.550
_cell.angle_alpha   90.000
_cell.angle_beta   90.000
_cell.angle_gamma   90.000
#
_symmetry.space_group_name_H-M   'P 21 21 21'
#
loop_
_entity.id
_entity.type
_entity.pdbx_description
1 polymer 'Rab GDP dissociation inhibitor alpha'
2 non-polymer 'SULFATE ION'
3 water water
#
_entity_poly.entity_id   1
_entity_poly.type   'polypeptide(L)'
_entity_poly.pdbx_seq_one_letter_code
;MAHHHHHHMNEEYDVVVLGTGLTECVISGLLSVSGKKVLHMDRNPYYGGESASLNLDQMFEKFRGQDAKPPASLGRSRDY
NIDLIPKFLMANGKLVKILRMTGVTRYNMEFALVEGSFVYHKGEIHKVPITPTEVAKTPLLGFFEKLKAKKLVSYLYDYD
QNNPKTHQGFDCSKDTMDKIYKYYGVSEDTTDFLGHAVALYTDDSYMTTVPALEVIERMRLYEDSLNMYGKSPYVYPMYG
LGELPQVFARLCAVYGGTYMLDKKVDRIVYDDNGHVVGVESGGEVAKCKMVVGDPSYFPEKVRKTGKVIRVICILSHPVK
STENAKSSQIIFPQKQTGRKHDIYCCVTSFTHHVAPNGKYIAIVSTTVESDNPENEVKVVLDLLNPIDEKFVYILDTYAP
LEDGKKDGVFISKSYDATTHFESCAVDIVDIYERITGEKFDWNKKPVEPQEQ
;
_entity_poly.pdbx_strand_id   A,B,C,D
#
loop_
_chem_comp.id
_chem_comp.type
_chem_comp.name
_chem_comp.formula
SO4 non-polymer 'SULFATE ION' 'O4 S -2'
#
# COMPACT_ATOMS: atom_id res chain seq x y z
N MET A 9 -39.31 5.54 7.43
CA MET A 9 -38.95 5.10 6.09
C MET A 9 -38.54 3.63 6.05
N ASN A 10 -39.12 2.89 5.11
CA ASN A 10 -38.84 1.47 4.89
C ASN A 10 -38.56 1.28 3.41
N GLU A 11 -37.28 1.31 3.06
CA GLU A 11 -36.84 1.22 1.67
C GLU A 11 -35.90 0.04 1.49
N GLU A 12 -35.01 0.11 0.51
CA GLU A 12 -33.88 -0.80 0.41
C GLU A 12 -32.60 0.01 0.65
N TYR A 13 -31.71 -0.53 1.46
CA TYR A 13 -30.47 0.13 1.84
C TYR A 13 -29.30 -0.82 1.65
N ASP A 14 -28.11 -0.24 1.50
CA ASP A 14 -26.90 -1.06 1.52
C ASP A 14 -26.61 -1.56 2.93
N VAL A 15 -26.67 -0.67 3.92
CA VAL A 15 -26.32 -1.00 5.30
C VAL A 15 -27.32 -0.34 6.24
N VAL A 16 -27.67 -1.04 7.32
CA VAL A 16 -28.40 -0.47 8.44
C VAL A 16 -27.45 -0.39 9.63
N VAL A 17 -27.39 0.80 10.26
CA VAL A 17 -26.54 1.04 11.43
C VAL A 17 -27.45 1.26 12.64
N LEU A 18 -27.13 0.61 13.75
CA LEU A 18 -27.96 0.64 14.95
C LEU A 18 -27.17 1.20 16.12
N GLY A 19 -27.65 2.31 16.68
CA GLY A 19 -27.01 2.99 17.80
C GLY A 19 -26.16 4.17 17.36
N THR A 20 -26.08 5.18 18.23
CA THR A 20 -25.34 6.41 17.89
C THR A 20 -24.17 6.65 18.84
N GLY A 21 -23.58 5.60 19.39
CA GLY A 21 -22.24 5.75 19.94
C GLY A 21 -21.26 6.18 18.86
N LEU A 22 -20.12 6.69 19.27
CA LEU A 22 -19.20 7.27 18.29
C LEU A 22 -18.79 6.25 17.24
N THR A 23 -18.51 5.02 17.66
CA THR A 23 -18.06 3.99 16.73
C THR A 23 -19.05 3.81 15.60
N GLU A 24 -20.35 3.70 15.93
CA GLU A 24 -21.36 3.54 14.89
C GLU A 24 -21.47 4.78 14.01
N CYS A 25 -21.38 5.97 14.62
CA CYS A 25 -21.47 7.21 13.84
C CYS A 25 -20.35 7.31 12.82
N VAL A 26 -19.13 6.90 13.21
CA VAL A 26 -17.99 6.98 12.30
C VAL A 26 -18.09 5.95 11.19
N ILE A 27 -18.50 4.72 11.54
CA ILE A 27 -18.70 3.70 10.51
C ILE A 27 -19.80 4.15 9.53
N SER A 28 -20.90 4.68 10.06
CA SER A 28 -21.97 5.18 9.21
C SER A 28 -21.51 6.30 8.29
N GLY A 29 -20.73 7.24 8.83
CA GLY A 29 -20.21 8.33 8.00
C GLY A 29 -19.24 7.87 6.93
N LEU A 30 -18.35 6.94 7.27
CA LEU A 30 -17.42 6.40 6.28
C LEU A 30 -18.15 5.69 5.16
N LEU A 31 -19.21 4.94 5.49
CA LEU A 31 -19.99 4.26 4.46
C LEU A 31 -20.68 5.25 3.54
N SER A 32 -21.19 6.36 4.09
CA SER A 32 -21.90 7.34 3.28
C SER A 32 -20.95 8.06 2.32
N VAL A 33 -19.77 8.45 2.79
CA VAL A 33 -18.83 9.15 1.90
C VAL A 33 -18.23 8.20 0.86
N SER A 34 -18.33 6.89 1.08
CA SER A 34 -17.92 5.93 0.07
C SER A 34 -19.01 5.64 -0.97
N GLY A 35 -20.20 6.24 -0.83
CA GLY A 35 -21.27 6.10 -1.81
C GLY A 35 -22.42 5.20 -1.39
N LYS A 36 -22.34 4.57 -0.23
CA LYS A 36 -23.34 3.61 0.22
C LYS A 36 -24.60 4.31 0.73
N LYS A 37 -25.74 3.66 0.53
CA LYS A 37 -27.02 4.14 1.05
C LYS A 37 -27.24 3.54 2.44
N VAL A 38 -27.32 4.40 3.45
CA VAL A 38 -27.30 3.97 4.84
C VAL A 38 -28.61 4.37 5.51
N LEU A 39 -29.19 3.43 6.25
CA LEU A 39 -30.25 3.69 7.21
C LEU A 39 -29.64 3.66 8.60
N HIS A 40 -29.79 4.75 9.36
CA HIS A 40 -29.18 4.85 10.68
C HIS A 40 -30.28 5.04 11.72
N MET A 41 -30.41 4.10 12.66
CA MET A 41 -31.49 4.10 13.63
C MET A 41 -30.95 3.98 15.05
N ASP A 42 -31.76 4.46 16.00
CA ASP A 42 -31.46 4.36 17.41
C ASP A 42 -32.79 4.25 18.16
N ARG A 43 -32.85 3.34 19.14
CA ARG A 43 -34.06 3.16 19.93
C ARG A 43 -34.32 4.33 20.87
N ASN A 44 -33.28 5.10 21.22
CA ASN A 44 -33.44 6.21 22.16
C ASN A 44 -33.87 7.48 21.44
N PRO A 45 -34.54 8.40 22.16
CA PRO A 45 -34.79 9.74 21.62
C PRO A 45 -33.60 10.67 21.68
N TYR A 46 -32.44 10.21 22.11
CA TYR A 46 -31.22 11.01 22.25
C TYR A 46 -30.05 10.26 21.63
N TYR A 47 -28.93 10.96 21.43
CA TYR A 47 -27.73 10.35 20.89
C TYR A 47 -26.84 9.74 21.97
N GLY A 48 -26.04 8.74 21.57
CA GLY A 48 -24.90 8.28 22.33
C GLY A 48 -25.12 7.01 23.13
N GLY A 49 -26.36 6.71 23.51
CA GLY A 49 -26.60 5.54 24.33
C GLY A 49 -25.88 5.65 25.67
N GLU A 50 -25.03 4.66 25.95
CA GLU A 50 -24.29 4.66 27.20
C GLU A 50 -23.24 5.76 27.24
N SER A 51 -22.90 6.36 26.10
CA SER A 51 -21.92 7.44 26.06
C SER A 51 -22.58 8.80 25.85
N ALA A 52 -23.85 8.91 26.24
CA ALA A 52 -24.63 10.10 25.96
C ALA A 52 -24.07 11.31 26.71
N SER A 53 -24.48 12.48 26.24
CA SER A 53 -24.09 13.76 26.86
C SER A 53 -25.30 14.27 27.64
N LEU A 54 -25.15 14.38 28.95
CA LEU A 54 -26.25 14.71 29.84
C LEU A 54 -26.05 16.08 30.48
N ASN A 55 -27.18 16.78 30.71
CA ASN A 55 -27.13 17.97 31.53
C ASN A 55 -27.37 17.56 32.98
N LEU A 56 -27.35 18.54 33.88
CA LEU A 56 -27.36 18.24 35.31
C LEU A 56 -28.70 17.63 35.74
N ASP A 57 -29.82 18.18 35.25
CA ASP A 57 -31.12 17.58 35.55
C ASP A 57 -31.16 16.14 35.08
N GLN A 58 -30.61 15.87 33.90
CA GLN A 58 -30.59 14.51 33.36
C GLN A 58 -29.69 13.60 34.19
N MET A 59 -28.57 14.12 34.69
CA MET A 59 -27.71 13.35 35.57
C MET A 59 -28.44 12.96 36.85
N PHE A 60 -29.13 13.94 37.47
CA PHE A 60 -29.86 13.66 38.70
C PHE A 60 -31.03 12.69 38.46
N GLU A 61 -31.73 12.80 37.33
CA GLU A 61 -32.77 11.82 37.04
C GLU A 61 -32.15 10.42 36.89
N LYS A 62 -31.02 10.33 36.17
CA LYS A 62 -30.43 9.03 35.91
C LYS A 62 -29.85 8.40 37.18
N PHE A 63 -29.17 9.19 38.01
CA PHE A 63 -28.42 8.62 39.13
C PHE A 63 -29.06 8.80 40.50
N ARG A 64 -30.12 9.61 40.61
CA ARG A 64 -30.70 9.86 41.92
C ARG A 64 -32.19 9.55 41.99
N GLY A 65 -32.90 9.63 40.88
CA GLY A 65 -34.33 9.36 40.87
C GLY A 65 -35.11 10.34 40.01
N GLN A 66 -36.34 9.93 39.68
CA GLN A 66 -37.24 10.77 38.90
C GLN A 66 -37.57 12.08 39.60
N ASP A 67 -37.60 12.07 40.94
CA ASP A 67 -37.99 13.25 41.71
C ASP A 67 -36.81 14.14 42.11
N ALA A 68 -35.58 13.65 42.00
CA ALA A 68 -34.42 14.36 42.51
C ALA A 68 -34.07 15.59 41.67
N LYS A 69 -33.89 16.73 42.32
CA LYS A 69 -33.53 17.97 41.66
C LYS A 69 -32.16 18.44 42.14
N PRO A 70 -31.34 18.97 41.24
CA PRO A 70 -29.97 19.39 41.63
C PRO A 70 -30.00 20.63 42.51
N PRO A 71 -29.14 20.69 43.52
CA PRO A 71 -29.05 21.90 44.35
C PRO A 71 -28.53 23.09 43.56
N ALA A 72 -28.98 24.27 43.97
CA ALA A 72 -28.63 25.50 43.25
C ALA A 72 -27.12 25.73 43.25
N SER A 73 -26.41 25.25 44.27
CA SER A 73 -24.98 25.47 44.37
C SER A 73 -24.19 24.84 43.21
N LEU A 74 -24.80 23.91 42.47
CA LEU A 74 -24.12 23.29 41.34
C LEU A 74 -24.20 24.12 40.07
N GLY A 75 -25.06 25.13 40.02
CA GLY A 75 -25.14 26.00 38.87
C GLY A 75 -26.24 25.57 37.91
N ARG A 76 -26.25 26.23 36.75
CA ARG A 76 -27.31 26.02 35.77
C ARG A 76 -27.22 24.63 35.15
N SER A 77 -28.33 23.89 35.20
CA SER A 77 -28.33 22.54 34.69
C SER A 77 -27.95 22.51 33.22
N ARG A 78 -28.45 23.46 32.43
CA ARG A 78 -28.19 23.46 31.00
C ARG A 78 -26.79 23.97 30.67
N ASP A 79 -26.02 24.43 31.64
CA ASP A 79 -24.61 24.72 31.43
C ASP A 79 -23.73 23.47 31.43
N TYR A 80 -24.29 22.30 31.78
CA TYR A 80 -23.54 21.06 31.82
C TYR A 80 -23.76 20.25 30.56
N ASN A 81 -22.66 19.73 30.00
CA ASN A 81 -22.69 18.79 28.87
C ASN A 81 -21.78 17.65 29.30
N ILE A 82 -22.31 16.76 30.13
CA ILE A 82 -21.51 15.72 30.78
C ILE A 82 -21.50 14.48 29.89
N ASP A 83 -20.34 14.19 29.29
CA ASP A 83 -20.15 12.97 28.53
C ASP A 83 -19.96 11.81 29.50
N LEU A 84 -20.86 10.83 29.43
CA LEU A 84 -20.79 9.71 30.37
C LEU A 84 -19.55 8.85 30.14
N ILE A 85 -19.02 8.84 28.92
CA ILE A 85 -17.79 8.12 28.62
C ILE A 85 -16.81 9.09 27.95
N PRO A 86 -16.12 9.92 28.71
CA PRO A 86 -15.25 10.94 28.10
C PRO A 86 -13.89 10.38 27.72
N LYS A 87 -13.41 10.78 26.54
CA LYS A 87 -12.09 10.39 26.05
C LYS A 87 -11.48 11.57 25.30
N PHE A 88 -10.18 11.73 25.46
CA PHE A 88 -9.44 12.75 24.72
C PHE A 88 -8.95 12.19 23.39
N LEU A 89 -8.71 13.08 22.44
CA LEU A 89 -8.14 12.69 21.16
C LEU A 89 -6.66 13.07 21.15
N MET A 90 -5.81 12.09 20.84
CA MET A 90 -4.42 12.40 20.51
C MET A 90 -4.40 13.22 19.24
N ALA A 91 -3.71 14.36 19.28
CA ALA A 91 -3.89 15.44 18.32
C ALA A 91 -3.76 15.02 16.86
N ASN A 92 -2.87 14.08 16.54
CA ASN A 92 -2.78 13.65 15.15
C ASN A 92 -2.88 12.13 15.03
N GLY A 93 -3.64 11.50 15.93
CA GLY A 93 -3.77 10.07 16.00
C GLY A 93 -4.78 9.53 15.02
N LYS A 94 -5.13 8.25 15.21
CA LYS A 94 -5.96 7.55 14.25
C LYS A 94 -7.35 8.17 14.15
N LEU A 95 -7.98 8.44 15.30
CA LEU A 95 -9.35 8.93 15.25
C LEU A 95 -9.43 10.28 14.56
N VAL A 96 -8.51 11.18 14.86
CA VAL A 96 -8.49 12.48 14.20
C VAL A 96 -8.37 12.30 12.68
N LYS A 97 -7.55 11.34 12.25
CA LYS A 97 -7.40 11.10 10.81
C LYS A 97 -8.67 10.50 10.21
N ILE A 98 -9.32 9.58 10.92
CA ILE A 98 -10.57 9.01 10.41
C ILE A 98 -11.65 10.07 10.33
N LEU A 99 -11.76 10.92 11.37
CA LEU A 99 -12.72 12.01 11.37
C LEU A 99 -12.49 12.96 10.20
N ARG A 100 -11.21 13.21 9.87
CA ARG A 100 -10.91 14.05 8.72
C ARG A 100 -11.37 13.42 7.41
N MET A 101 -11.26 12.09 7.31
CA MET A 101 -11.68 11.40 6.09
C MET A 101 -13.17 11.59 5.81
N THR A 102 -13.99 11.62 6.87
CA THR A 102 -15.42 11.83 6.67
C THR A 102 -15.76 13.28 6.33
N GLY A 103 -14.91 14.22 6.73
CA GLY A 103 -15.20 15.62 6.50
C GLY A 103 -16.01 16.29 7.58
N VAL A 104 -16.43 15.56 8.62
CA VAL A 104 -17.23 16.17 9.68
C VAL A 104 -16.43 17.21 10.46
N THR A 105 -15.10 17.14 10.44
CA THR A 105 -14.26 18.09 11.17
C THR A 105 -14.27 19.48 10.56
N ARG A 106 -14.65 19.60 9.28
CA ARG A 106 -14.72 20.90 8.61
C ARG A 106 -16.02 21.65 8.91
N TYR A 107 -16.95 21.03 9.60
CA TYR A 107 -18.23 21.65 9.95
C TYR A 107 -18.05 22.74 10.99
N ASN A 108 -19.13 23.17 11.64
CA ASN A 108 -19.05 24.16 12.71
C ASN A 108 -18.62 23.47 14.00
N MET A 109 -17.42 22.90 13.94
CA MET A 109 -16.86 22.09 15.01
C MET A 109 -15.46 22.56 15.36
N GLU A 110 -15.24 22.87 16.63
CA GLU A 110 -13.97 23.37 17.12
C GLU A 110 -13.33 22.35 18.08
N PHE A 111 -12.06 22.03 17.84
CA PHE A 111 -11.27 21.25 18.79
C PHE A 111 -10.44 22.21 19.63
N ALA A 112 -10.46 22.02 20.95
CA ALA A 112 -9.70 22.83 21.89
C ALA A 112 -8.69 21.97 22.63
N LEU A 113 -7.58 22.59 23.02
CA LEU A 113 -6.50 21.84 23.63
C LEU A 113 -6.80 21.51 25.09
N VAL A 114 -6.22 20.43 25.55
CA VAL A 114 -6.22 20.03 26.94
C VAL A 114 -4.98 20.60 27.61
N GLU A 115 -5.15 21.14 28.82
CA GLU A 115 -4.06 21.92 29.42
C GLU A 115 -3.02 21.07 30.13
N GLY A 116 -3.35 19.89 30.61
CA GLY A 116 -2.45 19.14 31.46
C GLY A 116 -2.28 17.70 31.01
N SER A 117 -1.08 17.17 31.27
CA SER A 117 -0.82 15.74 31.09
C SER A 117 -0.02 15.27 32.28
N PHE A 118 -0.63 14.44 33.13
CA PHE A 118 -0.06 14.06 34.42
C PHE A 118 -0.10 12.55 34.62
N VAL A 119 0.82 12.05 35.45
CA VAL A 119 0.95 10.64 35.75
C VAL A 119 1.22 10.48 37.24
N TYR A 120 0.73 9.39 37.80
CA TYR A 120 0.78 9.15 39.24
C TYR A 120 2.03 8.38 39.65
N HIS A 121 2.54 8.71 40.84
CA HIS A 121 3.68 7.99 41.39
C HIS A 121 3.75 8.26 42.88
N LYS A 122 3.77 7.18 43.68
CA LYS A 122 3.98 7.26 45.13
C LYS A 122 3.15 8.36 45.78
N GLY A 123 1.85 8.34 45.51
CA GLY A 123 0.91 9.23 46.16
C GLY A 123 0.83 10.63 45.59
N GLU A 124 1.57 10.93 44.52
CA GLU A 124 1.57 12.25 43.92
C GLU A 124 1.37 12.12 42.41
N ILE A 125 0.88 13.20 41.80
CA ILE A 125 0.79 13.29 40.35
C ILE A 125 1.74 14.37 39.87
N HIS A 126 2.41 14.10 38.76
CA HIS A 126 3.40 15.02 38.22
C HIS A 126 3.23 15.12 36.71
N LYS A 127 3.77 16.20 36.15
CA LYS A 127 3.74 16.38 34.71
C LYS A 127 4.48 15.23 34.02
N VAL A 128 4.01 14.84 32.84
CA VAL A 128 4.66 13.77 32.08
C VAL A 128 5.94 14.32 31.46
N PRO A 129 7.11 13.74 31.76
CA PRO A 129 8.34 14.24 31.15
C PRO A 129 8.58 13.63 29.78
N ILE A 130 9.02 14.48 28.85
CA ILE A 130 9.22 14.11 27.46
C ILE A 130 10.68 14.19 27.04
N THR A 131 11.31 15.33 27.28
CA THR A 131 12.69 15.50 26.85
C THR A 131 13.63 14.78 27.80
N PRO A 132 14.83 14.42 27.34
CA PRO A 132 15.82 13.84 28.27
C PRO A 132 16.11 14.74 29.46
N THR A 133 16.04 16.07 29.27
CA THR A 133 16.28 16.99 30.38
C THR A 133 15.17 16.88 31.43
N GLU A 134 13.92 16.77 30.99
CA GLU A 134 12.81 16.60 31.92
C GLU A 134 12.88 15.26 32.63
N VAL A 135 13.27 14.21 31.92
CA VAL A 135 13.38 12.87 32.50
C VAL A 135 14.48 12.83 33.54
N ALA A 136 15.58 13.54 33.30
CA ALA A 136 16.67 13.54 34.27
C ALA A 136 16.32 14.25 35.57
N LYS A 137 15.22 15.00 35.61
CA LYS A 137 14.87 15.79 36.78
C LYS A 137 13.48 15.47 37.36
N THR A 138 12.79 14.44 36.85
CA THR A 138 11.40 14.26 37.24
C THR A 138 11.26 13.62 38.62
N PRO A 139 10.30 14.07 39.43
CA PRO A 139 10.06 13.40 40.71
C PRO A 139 9.49 12.00 40.57
N LEU A 140 9.11 11.58 39.36
CA LEU A 140 8.62 10.23 39.13
C LEU A 140 9.69 9.17 39.36
N LEU A 141 10.97 9.56 39.38
CA LEU A 141 12.08 8.62 39.46
C LEU A 141 12.97 8.96 40.64
N GLY A 142 13.63 7.93 41.19
CA GLY A 142 14.64 8.12 42.20
C GLY A 142 15.94 8.64 41.60
N PHE A 143 16.91 8.90 42.48
CA PHE A 143 18.14 9.57 42.06
C PHE A 143 18.86 8.79 40.96
N PHE A 144 19.06 7.49 41.17
CA PHE A 144 19.80 6.71 40.19
C PHE A 144 18.95 6.37 38.98
N GLU A 145 17.64 6.23 39.15
CA GLU A 145 16.78 5.95 38.01
C GLU A 145 16.66 7.16 37.08
N LYS A 146 16.70 8.38 37.62
CA LYS A 146 16.75 9.57 36.78
C LYS A 146 17.88 9.49 35.77
N LEU A 147 19.07 9.10 36.23
CA LEU A 147 20.23 9.01 35.34
C LEU A 147 20.07 7.86 34.35
N LYS A 148 19.57 6.71 34.81
CA LYS A 148 19.39 5.57 33.92
C LYS A 148 18.32 5.87 32.86
N ALA A 149 17.23 6.52 33.26
CA ALA A 149 16.18 6.86 32.30
C ALA A 149 16.59 8.00 31.36
N LYS A 150 17.46 8.92 31.83
CA LYS A 150 17.93 9.98 30.94
C LYS A 150 18.71 9.41 29.76
N LYS A 151 19.59 8.43 30.02
CA LYS A 151 20.34 7.80 28.94
C LYS A 151 19.42 6.99 28.04
N LEU A 152 18.42 6.32 28.61
CA LEU A 152 17.49 5.54 27.80
C LEU A 152 16.69 6.44 26.88
N VAL A 153 16.13 7.53 27.41
CA VAL A 153 15.28 8.39 26.60
C VAL A 153 16.12 9.15 25.58
N SER A 154 17.34 9.53 25.95
CA SER A 154 18.25 10.16 24.99
C SER A 154 18.51 9.22 23.80
N TYR A 155 18.72 7.93 24.09
CA TYR A 155 18.97 6.97 23.02
C TYR A 155 17.75 6.83 22.10
N LEU A 156 16.55 6.80 22.66
CA LEU A 156 15.36 6.57 21.84
C LEU A 156 15.05 7.76 20.94
N TYR A 157 15.21 8.99 21.46
CA TYR A 157 14.94 10.16 20.65
C TYR A 157 16.02 10.40 19.60
N ASP A 158 17.24 9.89 19.84
CA ASP A 158 18.31 10.00 18.86
C ASP A 158 18.34 8.84 17.89
N TYR A 159 17.45 7.86 18.03
CA TYR A 159 17.48 6.70 17.15
C TYR A 159 17.03 7.08 15.75
N ASP A 160 17.84 6.70 14.77
CA ASP A 160 17.52 6.86 13.35
C ASP A 160 17.67 5.49 12.72
N GLN A 161 16.57 4.97 12.16
CA GLN A 161 16.62 3.64 11.58
C GLN A 161 17.58 3.58 10.40
N ASN A 162 17.61 4.65 9.60
CA ASN A 162 18.48 4.72 8.43
C ASN A 162 19.91 5.14 8.76
N ASN A 163 20.17 5.56 10.00
CA ASN A 163 21.51 5.95 10.41
C ASN A 163 22.04 4.89 11.37
N PRO A 164 22.94 4.01 10.94
CA PRO A 164 23.42 2.94 11.83
C PRO A 164 24.27 3.45 12.99
N LYS A 165 24.79 4.68 12.93
CA LYS A 165 25.56 5.21 14.04
C LYS A 165 24.72 5.35 15.30
N THR A 166 23.42 5.59 15.15
CA THR A 166 22.51 5.77 16.27
C THR A 166 21.97 4.45 16.82
N HIS A 167 22.26 3.32 16.18
CA HIS A 167 21.70 2.05 16.61
C HIS A 167 22.29 1.59 17.95
N GLN A 168 23.61 1.76 18.13
CA GLN A 168 24.30 1.40 19.36
C GLN A 168 23.99 -0.04 19.80
N GLY A 169 24.05 -0.96 18.84
CA GLY A 169 23.89 -2.37 19.14
C GLY A 169 22.47 -2.89 19.14
N PHE A 170 21.50 -2.09 18.72
CA PHE A 170 20.10 -2.53 18.66
C PHE A 170 19.52 -2.20 17.30
N ASP A 171 18.67 -3.11 16.81
CA ASP A 171 17.90 -2.89 15.58
C ASP A 171 16.44 -2.81 16.02
N CYS A 172 15.95 -1.59 16.23
CA CYS A 172 14.61 -1.40 16.77
C CYS A 172 13.51 -1.81 15.80
N SER A 173 13.84 -2.02 14.53
CA SER A 173 12.87 -2.59 13.60
C SER A 173 12.60 -4.06 13.92
N LYS A 174 13.56 -4.75 14.52
CA LYS A 174 13.41 -6.16 14.89
C LYS A 174 13.41 -6.41 16.39
N ASP A 175 14.28 -5.73 17.15
CA ASP A 175 14.34 -5.93 18.59
C ASP A 175 13.13 -5.32 19.29
N THR A 176 12.77 -5.91 20.43
CA THR A 176 11.66 -5.43 21.24
C THR A 176 12.14 -4.52 22.36
N MET A 177 11.18 -3.88 23.03
CA MET A 177 11.50 -2.87 24.03
C MET A 177 12.10 -3.49 25.30
N ASP A 178 11.76 -4.73 25.61
CA ASP A 178 12.27 -5.35 26.84
C ASP A 178 13.80 -5.42 26.84
N LYS A 179 14.40 -5.68 25.67
CA LYS A 179 15.86 -5.74 25.59
C LYS A 179 16.48 -4.36 25.81
N ILE A 180 15.82 -3.31 25.33
CA ILE A 180 16.34 -1.96 25.51
C ILE A 180 16.19 -1.50 26.95
N TYR A 181 15.03 -1.81 27.58
CA TYR A 181 14.82 -1.44 28.96
C TYR A 181 15.85 -2.09 29.87
N LYS A 182 16.01 -3.41 29.75
CA LYS A 182 16.92 -4.15 30.63
C LYS A 182 18.36 -3.73 30.42
N TYR A 183 18.72 -3.32 29.20
CA TYR A 183 20.09 -2.89 28.94
C TYR A 183 20.41 -1.61 29.69
N TYR A 184 19.44 -0.69 29.78
CA TYR A 184 19.61 0.57 30.50
C TYR A 184 19.32 0.47 31.99
N GLY A 185 18.84 -0.69 32.47
CA GLY A 185 18.65 -0.88 33.89
C GLY A 185 17.56 -0.02 34.51
N VAL A 186 16.49 0.26 33.76
CA VAL A 186 15.35 1.01 34.28
C VAL A 186 14.39 0.04 34.94
N SER A 187 13.60 0.54 35.90
CA SER A 187 12.63 -0.25 36.64
C SER A 187 11.22 0.15 36.18
N GLU A 188 10.22 -0.29 36.95
CA GLU A 188 8.83 0.04 36.60
C GLU A 188 8.57 1.54 36.66
N ASP A 189 9.29 2.28 37.50
CA ASP A 189 9.05 3.72 37.59
C ASP A 189 9.32 4.43 36.27
N THR A 190 10.29 3.95 35.48
CA THR A 190 10.55 4.56 34.18
C THR A 190 9.58 4.03 33.14
N THR A 191 9.42 2.70 33.06
CA THR A 191 8.58 2.12 32.02
C THR A 191 7.11 2.46 32.20
N ASP A 192 6.68 2.77 33.43
CA ASP A 192 5.28 3.12 33.67
C ASP A 192 4.89 4.41 32.95
N PHE A 193 5.52 5.53 33.33
CA PHE A 193 5.16 6.79 32.68
C PHE A 193 5.52 6.77 31.20
N LEU A 194 6.62 6.11 30.85
CA LEU A 194 7.06 6.09 29.46
C LEU A 194 6.10 5.26 28.62
N GLY A 195 5.79 4.04 29.06
CA GLY A 195 4.96 3.14 28.30
C GLY A 195 3.48 3.46 28.39
N HIS A 196 3.01 3.88 29.57
CA HIS A 196 1.58 4.09 29.78
C HIS A 196 1.17 5.54 29.59
N ALA A 197 1.98 6.49 30.03
CA ALA A 197 1.59 7.90 29.94
C ALA A 197 2.07 8.58 28.67
N VAL A 198 3.14 8.08 28.04
CA VAL A 198 3.62 8.68 26.79
C VAL A 198 3.17 7.87 25.59
N ALA A 199 3.52 6.58 25.55
CA ALA A 199 3.19 5.73 24.43
C ALA A 199 1.77 5.18 24.48
N LEU A 200 1.11 5.31 25.63
CA LEU A 200 -0.33 5.01 25.81
C LEU A 200 -0.66 3.52 25.72
N TYR A 201 0.28 2.66 26.09
CA TYR A 201 -0.05 1.25 26.27
C TYR A 201 -0.81 1.09 27.59
N THR A 202 -1.67 0.08 27.64
CA THR A 202 -2.46 -0.19 28.83
C THR A 202 -1.89 -1.31 29.68
N ASP A 203 -0.97 -2.10 29.13
CA ASP A 203 -0.21 -3.07 29.91
C ASP A 203 1.16 -3.22 29.28
N ASP A 204 2.01 -4.02 29.90
CA ASP A 204 3.40 -4.13 29.50
C ASP A 204 3.68 -5.26 28.52
N SER A 205 2.66 -5.86 27.92
CA SER A 205 2.91 -6.94 26.98
C SER A 205 3.60 -6.46 25.70
N TYR A 206 3.51 -5.15 25.39
CA TYR A 206 4.18 -4.63 24.21
C TYR A 206 5.69 -4.82 24.29
N MET A 207 6.23 -4.93 25.50
CA MET A 207 7.68 -5.01 25.69
C MET A 207 8.29 -6.23 24.99
N THR A 208 7.49 -7.25 24.71
CA THR A 208 7.97 -8.46 24.06
C THR A 208 7.28 -8.77 22.75
N THR A 209 6.16 -8.12 22.44
CA THR A 209 5.36 -8.46 21.27
C THR A 209 5.44 -7.41 20.16
N VAL A 210 6.00 -6.23 20.42
CA VAL A 210 6.02 -5.16 19.42
C VAL A 210 7.45 -4.66 19.28
N PRO A 211 7.91 -4.36 18.06
CA PRO A 211 9.27 -3.83 17.89
C PRO A 211 9.42 -2.45 18.52
N ALA A 212 10.62 -2.19 19.02
CA ALA A 212 10.90 -0.91 19.66
C ALA A 212 10.66 0.27 18.73
N LEU A 213 10.83 0.07 17.42
CA LEU A 213 10.62 1.17 16.48
C LEU A 213 9.17 1.65 16.48
N GLU A 214 8.22 0.75 16.72
CA GLU A 214 6.83 1.16 16.87
C GLU A 214 6.62 1.94 18.16
N VAL A 215 7.29 1.51 19.23
CA VAL A 215 7.22 2.23 20.50
C VAL A 215 7.80 3.62 20.35
N ILE A 216 8.93 3.74 19.65
CA ILE A 216 9.55 5.04 19.42
C ILE A 216 8.62 5.94 18.61
N GLU A 217 7.95 5.37 17.62
CA GLU A 217 7.02 6.15 16.80
C GLU A 217 5.91 6.75 17.66
N ARG A 218 5.40 5.98 18.63
CA ARG A 218 4.35 6.48 19.52
C ARG A 218 4.85 7.63 20.40
N MET A 219 6.07 7.51 20.92
CA MET A 219 6.61 8.61 21.71
C MET A 219 6.82 9.86 20.85
N ARG A 220 7.24 9.68 19.61
CA ARG A 220 7.40 10.82 18.70
C ARG A 220 6.05 11.47 18.40
N LEU A 221 5.00 10.67 18.24
CA LEU A 221 3.68 11.23 18.02
C LEU A 221 3.26 12.12 19.19
N TYR A 222 3.51 11.66 20.42
CA TYR A 222 3.20 12.44 21.60
C TYR A 222 3.97 13.74 21.62
N GLU A 223 5.29 13.67 21.40
CA GLU A 223 6.12 14.87 21.45
C GLU A 223 5.76 15.85 20.34
N ASP A 224 5.48 15.36 19.13
CA ASP A 224 5.09 16.24 18.03
C ASP A 224 3.76 16.93 18.31
N SER A 225 2.76 16.16 18.74
CA SER A 225 1.46 16.76 19.06
C SER A 225 1.58 17.74 20.21
N LEU A 226 2.38 17.41 21.22
CA LEU A 226 2.58 18.28 22.37
C LEU A 226 3.18 19.61 21.96
N ASN A 227 4.12 19.62 21.01
CA ASN A 227 4.73 20.87 20.59
C ASN A 227 3.80 21.72 19.73
N MET A 228 2.80 21.10 19.09
CA MET A 228 1.87 21.81 18.21
C MET A 228 0.80 22.55 18.99
N TYR A 229 0.32 21.94 20.07
CA TYR A 229 -0.74 22.51 20.89
C TYR A 229 -0.25 23.04 22.22
N GLY A 230 0.96 22.68 22.65
CA GLY A 230 1.60 23.35 23.75
C GLY A 230 1.57 22.66 25.10
N LYS A 231 0.44 22.78 25.78
CA LYS A 231 0.30 22.24 27.13
C LYS A 231 0.31 20.71 27.16
N SER A 232 -0.30 20.06 26.17
CA SER A 232 -0.45 18.61 26.16
C SER A 232 -0.63 18.15 24.72
N PRO A 233 -0.59 16.85 24.46
CA PRO A 233 -0.86 16.35 23.10
C PRO A 233 -2.34 16.14 22.81
N TYR A 234 -3.24 16.46 23.73
CA TYR A 234 -4.63 16.07 23.63
C TYR A 234 -5.51 17.25 23.22
N VAL A 235 -6.52 16.97 22.40
CA VAL A 235 -7.60 17.91 22.13
C VAL A 235 -8.93 17.24 22.51
N TYR A 236 -9.98 18.06 22.59
CA TYR A 236 -11.34 17.69 23.01
C TYR A 236 -12.27 18.66 22.31
N PRO A 237 -13.44 18.20 21.86
CA PRO A 237 -14.33 19.12 21.14
C PRO A 237 -14.98 20.10 22.08
N MET A 238 -15.12 21.34 21.61
CA MET A 238 -15.89 22.35 22.31
C MET A 238 -17.34 21.86 22.47
N TYR A 239 -17.86 21.98 23.69
CA TYR A 239 -19.16 21.46 24.11
C TYR A 239 -19.17 19.94 24.26
N GLY A 240 -18.05 19.26 24.06
CA GLY A 240 -17.95 17.86 24.37
C GLY A 240 -18.32 16.95 23.23
N LEU A 241 -18.19 15.64 23.51
CA LEU A 241 -18.38 14.60 22.50
C LEU A 241 -19.81 14.53 21.96
N GLY A 242 -20.79 15.12 22.64
CA GLY A 242 -22.13 15.15 22.08
C GLY A 242 -22.23 15.88 20.75
N GLU A 243 -21.19 16.64 20.38
CA GLU A 243 -21.20 17.32 19.09
C GLU A 243 -21.00 16.35 17.94
N LEU A 244 -20.31 15.24 18.18
CA LEU A 244 -19.99 14.32 17.09
C LEU A 244 -21.22 13.68 16.47
N PRO A 245 -22.18 13.14 17.22
CA PRO A 245 -23.38 12.63 16.56
C PRO A 245 -24.14 13.69 15.80
N GLN A 246 -24.07 14.94 16.26
CA GLN A 246 -24.81 16.00 15.59
C GLN A 246 -24.27 16.24 14.18
N VAL A 247 -22.94 16.36 14.05
CA VAL A 247 -22.37 16.60 12.73
C VAL A 247 -22.49 15.35 11.85
N PHE A 248 -22.41 14.15 12.46
CA PHE A 248 -22.57 12.93 11.67
C PHE A 248 -24.00 12.73 11.18
N ALA A 249 -25.00 13.18 11.95
CA ALA A 249 -26.37 13.16 11.43
C ALA A 249 -26.52 14.18 10.30
N ARG A 250 -25.84 15.32 10.40
CA ARG A 250 -25.85 16.28 9.30
C ARG A 250 -25.10 15.73 8.09
N LEU A 251 -23.99 15.02 8.33
CA LEU A 251 -23.27 14.38 7.23
C LEU A 251 -24.14 13.35 6.51
N CYS A 252 -24.89 12.54 7.27
CA CYS A 252 -25.79 11.57 6.66
C CYS A 252 -26.85 12.26 5.81
N ALA A 253 -27.36 13.40 6.28
CA ALA A 253 -28.37 14.15 5.53
C ALA A 253 -27.81 14.66 4.20
N VAL A 254 -26.55 15.11 4.20
CA VAL A 254 -25.91 15.57 2.96
C VAL A 254 -25.91 14.47 1.91
N TYR A 255 -25.79 13.21 2.33
CA TYR A 255 -25.80 12.08 1.42
C TYR A 255 -27.18 11.43 1.32
N GLY A 256 -28.24 12.19 1.63
CA GLY A 256 -29.62 11.80 1.41
C GLY A 256 -30.29 11.03 2.53
N GLY A 257 -29.54 10.56 3.53
CA GLY A 257 -30.11 9.80 4.61
C GLY A 257 -30.69 10.65 5.73
N THR A 258 -31.23 9.95 6.73
CA THR A 258 -31.71 10.60 7.95
C THR A 258 -31.35 9.71 9.14
N TYR A 259 -30.94 10.35 10.23
CA TYR A 259 -30.74 9.65 11.50
C TYR A 259 -32.09 9.53 12.17
N MET A 260 -32.56 8.30 12.34
CA MET A 260 -33.88 8.05 12.91
C MET A 260 -33.72 7.70 14.38
N LEU A 261 -34.14 8.62 15.25
CA LEU A 261 -34.13 8.41 16.69
C LEU A 261 -35.49 7.89 17.15
N ASP A 262 -35.51 7.31 18.35
CA ASP A 262 -36.75 6.81 18.97
C ASP A 262 -37.42 5.75 18.11
N LYS A 263 -36.62 4.92 17.44
CA LYS A 263 -37.13 3.86 16.58
C LYS A 263 -36.71 2.51 17.15
N LYS A 264 -37.66 1.80 17.75
CA LYS A 264 -37.42 0.48 18.30
C LYS A 264 -37.29 -0.54 17.17
N VAL A 265 -36.41 -1.51 17.37
CA VAL A 265 -36.19 -2.58 16.39
C VAL A 265 -37.03 -3.78 16.80
N ASP A 266 -38.01 -4.15 15.97
CA ASP A 266 -38.87 -5.29 16.28
C ASP A 266 -38.10 -6.60 16.18
N ARG A 267 -37.46 -6.83 15.04
CA ARG A 267 -36.71 -8.06 14.82
C ARG A 267 -35.67 -7.80 13.74
N ILE A 268 -34.60 -8.56 13.79
CA ILE A 268 -33.65 -8.63 12.68
C ILE A 268 -34.08 -9.80 11.80
N VAL A 269 -34.08 -9.57 10.49
CA VAL A 269 -34.54 -10.59 9.55
C VAL A 269 -33.34 -11.25 8.91
N TYR A 270 -33.24 -12.57 9.07
CA TYR A 270 -32.16 -13.37 8.50
C TYR A 270 -32.76 -14.37 7.53
N ASP A 271 -31.93 -14.85 6.61
CA ASP A 271 -32.35 -15.88 5.70
C ASP A 271 -32.09 -17.26 6.32
N ASP A 272 -32.35 -18.32 5.55
CA ASP A 272 -32.17 -19.67 6.06
C ASP A 272 -30.70 -20.01 6.32
N ASN A 273 -29.79 -19.35 5.60
CA ASN A 273 -28.36 -19.53 5.83
C ASN A 273 -27.84 -18.71 7.00
N GLY A 274 -28.69 -17.92 7.64
CA GLY A 274 -28.32 -17.11 8.79
C GLY A 274 -27.77 -15.73 8.50
N HIS A 275 -27.76 -15.30 7.23
CA HIS A 275 -27.26 -13.99 6.87
C HIS A 275 -28.37 -12.95 6.89
N VAL A 276 -28.00 -11.71 7.23
CA VAL A 276 -28.97 -10.64 7.31
C VAL A 276 -29.54 -10.35 5.93
N VAL A 277 -30.85 -10.10 5.89
CA VAL A 277 -31.49 -9.61 4.67
C VAL A 277 -32.31 -8.37 4.92
N GLY A 278 -32.69 -8.07 6.15
CA GLY A 278 -33.47 -6.89 6.45
C GLY A 278 -33.59 -6.71 7.95
N VAL A 279 -34.09 -5.54 8.33
CA VAL A 279 -34.44 -5.23 9.72
C VAL A 279 -35.90 -4.81 9.73
N GLU A 280 -36.65 -5.30 10.71
CA GLU A 280 -38.08 -5.05 10.79
C GLU A 280 -38.35 -4.08 11.93
N SER A 281 -39.07 -3.01 11.63
CA SER A 281 -39.41 -2.00 12.65
C SER A 281 -40.81 -1.47 12.37
N GLY A 282 -41.69 -1.58 13.36
CA GLY A 282 -43.03 -1.05 13.25
C GLY A 282 -43.81 -1.60 12.08
N GLY A 283 -43.78 -2.92 11.90
CA GLY A 283 -44.49 -3.55 10.80
C GLY A 283 -43.91 -3.30 9.43
N GLU A 284 -42.83 -2.53 9.32
CA GLU A 284 -42.15 -2.30 8.07
C GLU A 284 -40.79 -2.99 8.09
N VAL A 285 -40.36 -3.46 6.92
CA VAL A 285 -39.10 -4.16 6.75
C VAL A 285 -38.27 -3.43 5.71
N ALA A 286 -37.04 -3.07 6.07
CA ALA A 286 -36.08 -2.47 5.15
C ALA A 286 -35.00 -3.49 4.82
N LYS A 287 -34.92 -3.88 3.56
CA LYS A 287 -33.92 -4.85 3.14
C LYS A 287 -32.52 -4.23 3.21
N CYS A 288 -31.54 -5.06 3.54
CA CYS A 288 -30.16 -4.58 3.62
C CYS A 288 -29.21 -5.75 3.40
N LYS A 289 -28.00 -5.43 2.95
CA LYS A 289 -26.97 -6.44 2.78
C LYS A 289 -26.16 -6.66 4.06
N MET A 290 -26.10 -5.66 4.94
CA MET A 290 -25.33 -5.74 6.17
C MET A 290 -26.03 -4.96 7.25
N VAL A 291 -25.70 -5.27 8.51
CA VAL A 291 -26.15 -4.49 9.64
C VAL A 291 -24.97 -4.22 10.57
N VAL A 292 -24.92 -3.02 11.15
CA VAL A 292 -23.85 -2.57 12.03
C VAL A 292 -24.48 -2.03 13.30
N GLY A 293 -23.90 -2.38 14.46
CA GLY A 293 -24.46 -1.88 15.71
C GLY A 293 -23.60 -2.18 16.91
N ASP A 294 -23.98 -1.57 18.04
CA ASP A 294 -23.28 -1.79 19.30
C ASP A 294 -23.85 -3.02 19.99
N PRO A 295 -23.13 -3.60 20.97
CA PRO A 295 -23.54 -4.89 21.54
C PRO A 295 -24.99 -4.96 22.01
N SER A 296 -25.59 -3.85 22.45
CA SER A 296 -26.94 -3.92 23.04
C SER A 296 -28.00 -4.38 22.05
N TYR A 297 -27.75 -4.28 20.75
CA TYR A 297 -28.73 -4.67 19.74
C TYR A 297 -28.65 -6.14 19.38
N PHE A 298 -27.59 -6.85 19.78
CA PHE A 298 -27.37 -8.25 19.44
C PHE A 298 -26.95 -9.04 20.68
N PRO A 299 -27.85 -9.18 21.65
CA PRO A 299 -27.47 -9.89 22.89
C PRO A 299 -26.98 -11.30 22.65
N GLU A 300 -27.54 -11.99 21.64
CA GLU A 300 -27.15 -13.36 21.38
C GLU A 300 -25.85 -13.49 20.61
N LYS A 301 -25.26 -12.38 20.14
CA LYS A 301 -24.05 -12.44 19.33
C LYS A 301 -22.83 -11.83 20.01
N VAL A 302 -22.90 -11.56 21.31
CA VAL A 302 -21.78 -10.99 22.04
C VAL A 302 -21.57 -11.79 23.32
N ARG A 303 -20.42 -11.55 23.95
CA ARG A 303 -20.07 -12.14 25.24
C ARG A 303 -19.57 -11.04 26.16
N LYS A 304 -19.86 -11.21 27.46
CA LYS A 304 -19.39 -10.25 28.44
C LYS A 304 -17.87 -10.30 28.54
N THR A 305 -17.23 -9.15 28.54
CA THR A 305 -15.78 -9.10 28.70
C THR A 305 -15.36 -8.51 30.03
N GLY A 306 -16.28 -7.96 30.82
CA GLY A 306 -15.95 -7.42 32.11
C GLY A 306 -16.89 -6.28 32.47
N LYS A 307 -16.41 -5.45 33.39
CA LYS A 307 -17.11 -4.25 33.83
C LYS A 307 -16.13 -3.08 33.84
N VAL A 308 -16.69 -1.87 33.71
CA VAL A 308 -15.92 -0.65 33.85
C VAL A 308 -16.68 0.28 34.77
N ILE A 309 -16.02 0.75 35.83
CA ILE A 309 -16.59 1.76 36.70
C ILE A 309 -16.12 3.12 36.22
N ARG A 310 -17.05 4.06 36.13
CA ARG A 310 -16.72 5.46 35.92
C ARG A 310 -17.38 6.24 37.04
N VAL A 311 -16.57 7.01 37.78
CA VAL A 311 -17.06 7.88 38.84
C VAL A 311 -16.94 9.32 38.37
N ILE A 312 -18.08 9.97 38.24
CA ILE A 312 -18.18 11.29 37.64
C ILE A 312 -18.27 12.29 38.79
N CYS A 313 -17.31 13.21 38.85
CA CYS A 313 -17.15 14.14 39.96
C CYS A 313 -17.24 15.58 39.50
N ILE A 314 -18.09 16.36 40.16
CA ILE A 314 -18.16 17.80 39.95
C ILE A 314 -17.31 18.47 41.02
N LEU A 315 -16.34 19.27 40.58
CA LEU A 315 -15.42 19.95 41.47
C LEU A 315 -15.61 21.45 41.33
N SER A 316 -15.38 22.17 42.43
CA SER A 316 -15.34 23.62 42.44
C SER A 316 -13.91 24.13 42.56
N HIS A 317 -12.94 23.33 42.11
CA HIS A 317 -11.53 23.66 42.26
C HIS A 317 -10.75 22.81 41.27
N PRO A 318 -9.60 23.30 40.80
CA PRO A 318 -8.74 22.44 39.98
C PRO A 318 -8.14 21.33 40.84
N VAL A 319 -7.61 20.32 40.18
CA VAL A 319 -6.98 19.23 40.90
C VAL A 319 -5.66 19.73 41.46
N LYS A 320 -5.40 19.43 42.73
CA LYS A 320 -4.14 19.81 43.34
C LYS A 320 -2.97 19.22 42.56
N SER A 321 -1.89 20.00 42.48
CA SER A 321 -0.64 19.67 41.79
C SER A 321 -0.76 19.74 40.27
N THR A 322 -1.88 20.19 39.73
CA THR A 322 -1.98 20.37 38.29
C THR A 322 -1.77 21.81 37.86
N GLU A 323 -1.25 22.65 38.74
CA GLU A 323 -0.94 24.05 38.46
C GLU A 323 -2.16 24.80 37.92
N ASN A 324 -3.30 24.59 38.58
CA ASN A 324 -4.55 25.27 38.25
C ASN A 324 -5.02 24.98 36.83
N ALA A 325 -4.68 23.80 36.32
CA ALA A 325 -5.14 23.38 35.00
C ALA A 325 -6.67 23.29 34.97
N LYS A 326 -7.27 23.83 33.92
CA LYS A 326 -8.72 23.79 33.74
C LYS A 326 -9.17 22.60 32.89
N SER A 327 -8.24 21.83 32.35
CA SER A 327 -8.52 20.55 31.71
C SER A 327 -7.25 19.73 31.77
N SER A 328 -7.38 18.41 31.91
CA SER A 328 -6.18 17.63 32.17
C SER A 328 -6.41 16.15 31.90
N GLN A 329 -5.37 15.51 31.40
CA GLN A 329 -5.25 14.05 31.36
C GLN A 329 -4.40 13.60 32.54
N ILE A 330 -4.88 12.59 33.28
CA ILE A 330 -4.17 12.05 34.44
C ILE A 330 -4.17 10.54 34.36
N ILE A 331 -2.97 9.94 34.29
CA ILE A 331 -2.79 8.49 34.17
C ILE A 331 -2.34 7.91 35.51
N PHE A 332 -2.96 6.79 35.91
CA PHE A 332 -2.58 6.05 37.11
C PHE A 332 -2.12 4.66 36.70
N PRO A 333 -0.81 4.46 36.47
CA PRO A 333 -0.34 3.15 36.00
C PRO A 333 -0.60 2.04 37.02
N GLN A 334 -0.94 0.85 36.49
CA GLN A 334 -1.32 -0.24 37.40
C GLN A 334 -0.18 -0.64 38.32
N LYS A 335 1.06 -0.60 37.84
CA LYS A 335 2.18 -0.96 38.71
C LYS A 335 2.47 0.11 39.75
N GLN A 336 1.91 1.31 39.63
CA GLN A 336 2.05 2.33 40.65
C GLN A 336 0.96 2.27 41.72
N THR A 337 -0.08 1.46 41.51
CA THR A 337 -1.23 1.42 42.41
C THR A 337 -1.53 0.03 42.97
N GLY A 338 -0.69 -0.96 42.67
CA GLY A 338 -0.93 -2.33 43.12
C GLY A 338 -2.11 -3.01 42.46
N ARG A 339 -2.35 -2.76 41.18
CA ARG A 339 -3.50 -3.24 40.45
C ARG A 339 -3.05 -3.96 39.19
N LYS A 340 -4.02 -4.54 38.48
CA LYS A 340 -3.77 -5.16 37.18
C LYS A 340 -4.38 -4.36 36.04
N HIS A 341 -4.92 -3.17 36.32
CA HIS A 341 -5.47 -2.30 35.30
C HIS A 341 -5.19 -0.86 35.69
N ASP A 342 -4.83 -0.05 34.70
CA ASP A 342 -4.61 1.37 34.95
C ASP A 342 -5.92 2.05 35.32
N ILE A 343 -5.82 3.13 36.08
CA ILE A 343 -6.94 4.00 36.35
C ILE A 343 -6.72 5.28 35.57
N TYR A 344 -7.78 5.80 34.98
CA TYR A 344 -7.73 6.98 34.14
C TYR A 344 -8.60 8.06 34.76
N CYS A 345 -8.10 9.29 34.74
CA CYS A 345 -8.91 10.44 35.15
C CYS A 345 -8.69 11.55 34.14
N CYS A 346 -9.77 12.00 33.52
CA CYS A 346 -9.74 13.17 32.66
C CYS A 346 -10.58 14.27 33.28
N VAL A 347 -10.11 15.50 33.15
CA VAL A 347 -10.74 16.65 33.76
C VAL A 347 -11.07 17.64 32.65
N THR A 348 -12.32 18.07 32.60
CA THR A 348 -12.77 19.12 31.70
C THR A 348 -13.56 20.13 32.51
N SER A 349 -13.84 21.29 31.92
CA SER A 349 -14.46 22.35 32.69
C SER A 349 -15.16 23.34 31.75
N PHE A 350 -15.42 24.53 32.27
CA PHE A 350 -15.99 25.62 31.48
C PHE A 350 -15.17 25.90 30.22
N THR A 351 -13.88 25.61 30.25
CA THR A 351 -13.03 25.94 29.09
C THR A 351 -13.38 25.11 27.86
N HIS A 352 -14.06 23.97 28.03
CA HIS A 352 -14.62 23.25 26.91
C HIS A 352 -16.13 23.37 26.85
N HIS A 353 -16.71 24.27 27.65
CA HIS A 353 -18.16 24.49 27.73
C HIS A 353 -18.92 23.20 28.02
N VAL A 354 -18.38 22.41 28.96
CA VAL A 354 -19.10 21.26 29.48
C VAL A 354 -19.57 21.45 30.92
N ALA A 355 -19.19 22.55 31.57
CA ALA A 355 -19.60 22.82 32.94
C ALA A 355 -19.74 24.32 33.11
N PRO A 356 -20.52 24.77 34.10
CA PRO A 356 -20.64 26.20 34.36
C PRO A 356 -19.30 26.79 34.75
N ASN A 357 -19.25 28.12 34.75
CA ASN A 357 -18.05 28.83 35.17
C ASN A 357 -17.70 28.50 36.61
N GLY A 358 -16.44 28.09 36.83
CA GLY A 358 -15.98 27.69 38.13
C GLY A 358 -16.19 26.22 38.47
N LYS A 359 -16.74 25.44 37.54
CA LYS A 359 -17.00 24.03 37.78
C LYS A 359 -16.09 23.18 36.91
N TYR A 360 -15.74 22.01 37.43
CA TYR A 360 -14.87 21.06 36.78
C TYR A 360 -15.53 19.70 36.80
N ILE A 361 -15.41 18.97 35.71
CA ILE A 361 -15.86 17.58 35.61
C ILE A 361 -14.60 16.71 35.61
N ALA A 362 -14.46 15.88 36.63
CA ALA A 362 -13.37 14.92 36.72
C ALA A 362 -13.99 13.54 36.74
N ILE A 363 -13.66 12.73 35.75
CA ILE A 363 -14.25 11.41 35.60
C ILE A 363 -13.15 10.37 35.77
N VAL A 364 -13.35 9.46 36.72
CA VAL A 364 -12.38 8.44 37.06
C VAL A 364 -12.88 7.11 36.51
N SER A 365 -12.01 6.39 35.81
CA SER A 365 -12.43 5.17 35.14
C SER A 365 -11.37 4.09 35.29
N THR A 366 -11.84 2.86 35.47
CA THR A 366 -10.94 1.71 35.48
C THR A 366 -11.77 0.47 35.22
N THR A 367 -11.08 -0.58 34.77
CA THR A 367 -11.70 -1.89 34.69
C THR A 367 -11.93 -2.41 36.10
N VAL A 368 -13.11 -2.98 36.32
CA VAL A 368 -13.47 -3.48 37.64
C VAL A 368 -12.73 -4.78 37.91
N GLU A 369 -12.06 -4.84 39.07
CA GLU A 369 -11.34 -6.05 39.45
C GLU A 369 -11.97 -6.80 40.62
N SER A 370 -12.81 -6.13 41.43
CA SER A 370 -13.24 -6.67 42.72
C SER A 370 -14.75 -6.51 42.89
N ASP A 371 -15.22 -6.90 44.08
CA ASP A 371 -16.62 -6.78 44.48
C ASP A 371 -17.00 -5.40 44.99
N ASN A 372 -16.01 -4.52 45.23
CA ASN A 372 -16.26 -3.16 45.67
C ASN A 372 -15.62 -2.22 44.66
N PRO A 373 -16.30 -1.95 43.53
CA PRO A 373 -15.67 -1.12 42.49
C PRO A 373 -15.33 0.28 42.94
N GLU A 374 -16.19 0.90 43.76
CA GLU A 374 -15.94 2.26 44.21
C GLU A 374 -14.63 2.37 44.98
N ASN A 375 -14.32 1.37 45.79
CA ASN A 375 -13.10 1.42 46.59
C ASN A 375 -11.86 1.27 45.73
N GLU A 376 -11.98 0.65 44.55
CA GLU A 376 -10.82 0.50 43.68
C GLU A 376 -10.31 1.85 43.20
N VAL A 377 -11.18 2.86 43.06
CA VAL A 377 -10.77 4.19 42.61
C VAL A 377 -10.61 5.16 43.77
N LYS A 378 -10.65 4.68 45.02
CA LYS A 378 -10.56 5.59 46.15
C LYS A 378 -9.24 6.34 46.16
N VAL A 379 -8.16 5.70 45.68
CA VAL A 379 -6.87 6.37 45.61
C VAL A 379 -6.96 7.63 44.76
N VAL A 380 -7.77 7.60 43.69
CA VAL A 380 -7.91 8.77 42.84
C VAL A 380 -8.88 9.77 43.46
N LEU A 381 -10.03 9.29 43.95
CA LEU A 381 -11.02 10.18 44.55
C LEU A 381 -10.46 10.96 45.73
N ASP A 382 -9.55 10.35 46.49
CA ASP A 382 -8.97 11.08 47.62
C ASP A 382 -8.16 12.29 47.13
N LEU A 383 -7.59 12.19 45.93
CA LEU A 383 -6.84 13.33 45.40
C LEU A 383 -7.76 14.44 44.90
N LEU A 384 -9.05 14.13 44.69
CA LEU A 384 -9.99 15.11 44.17
C LEU A 384 -10.72 15.89 45.25
N ASN A 385 -10.70 15.41 46.49
CA ASN A 385 -11.51 16.02 47.54
C ASN A 385 -11.10 17.47 47.77
N PRO A 386 -12.06 18.35 48.09
CA PRO A 386 -13.48 18.02 48.27
C PRO A 386 -14.27 17.88 46.96
N ILE A 387 -15.27 16.98 46.94
CA ILE A 387 -16.09 16.71 45.77
C ILE A 387 -17.52 17.20 46.04
N ASP A 388 -18.03 18.05 45.16
CA ASP A 388 -19.37 18.61 45.34
C ASP A 388 -20.44 17.57 45.12
N GLU A 389 -20.35 16.83 44.02
CA GLU A 389 -21.27 15.77 43.66
C GLU A 389 -20.51 14.65 42.97
N LYS A 390 -20.93 13.42 43.27
CA LYS A 390 -20.27 12.23 42.77
C LYS A 390 -21.34 11.26 42.24
N PHE A 391 -21.12 10.75 41.03
CA PHE A 391 -22.04 9.80 40.42
C PHE A 391 -21.29 8.52 40.04
N VAL A 392 -21.79 7.38 40.51
CA VAL A 392 -21.18 6.09 40.22
C VAL A 392 -21.86 5.49 39.00
N TYR A 393 -21.08 5.25 37.95
CA TYR A 393 -21.59 4.78 36.66
C TYR A 393 -20.83 3.50 36.29
N ILE A 394 -21.45 2.35 36.52
CA ILE A 394 -20.85 1.05 36.25
C ILE A 394 -21.54 0.43 35.04
N LEU A 395 -20.73 -0.08 34.10
CA LEU A 395 -21.25 -0.65 32.86
C LEU A 395 -20.60 -1.99 32.58
N ASP A 396 -21.39 -2.90 32.02
CA ASP A 396 -20.87 -4.14 31.49
C ASP A 396 -20.27 -3.89 30.10
N THR A 397 -19.18 -4.59 29.80
CA THR A 397 -18.52 -4.48 28.51
C THR A 397 -18.70 -5.77 27.72
N TYR A 398 -18.78 -5.64 26.40
CA TYR A 398 -19.06 -6.79 25.55
C TYR A 398 -18.19 -6.74 24.30
N ALA A 399 -18.04 -7.90 23.68
CA ALA A 399 -17.33 -8.05 22.43
C ALA A 399 -18.05 -9.10 21.60
N PRO A 400 -18.07 -8.93 20.28
CA PRO A 400 -18.81 -9.88 19.43
C PRO A 400 -18.13 -11.24 19.34
N LEU A 401 -18.96 -12.27 19.11
CA LEU A 401 -18.44 -13.62 18.96
C LEU A 401 -17.78 -13.84 17.59
N GLU A 402 -18.37 -13.29 16.53
CA GLU A 402 -17.86 -13.42 15.19
C GLU A 402 -17.60 -12.04 14.61
N ASP A 403 -16.77 -12.00 13.56
CA ASP A 403 -16.36 -10.73 12.98
C ASP A 403 -17.40 -10.13 12.04
N GLY A 404 -18.46 -10.86 11.73
CA GLY A 404 -19.54 -10.38 10.90
C GLY A 404 -19.47 -10.83 9.45
N LYS A 405 -18.36 -11.44 9.03
CA LYS A 405 -18.23 -11.82 7.64
C LYS A 405 -19.15 -12.98 7.28
N LYS A 406 -19.44 -13.87 8.23
CA LYS A 406 -20.29 -15.01 7.93
C LYS A 406 -21.77 -14.62 7.90
N ASP A 407 -22.22 -13.81 8.87
CA ASP A 407 -23.63 -13.49 8.99
C ASP A 407 -24.01 -12.08 8.57
N GLY A 408 -23.04 -11.21 8.30
CA GLY A 408 -23.33 -9.84 7.93
C GLY A 408 -23.64 -8.91 9.08
N VAL A 409 -23.41 -9.34 10.32
CA VAL A 409 -23.69 -8.53 11.51
C VAL A 409 -22.35 -8.07 12.08
N PHE A 410 -22.04 -6.79 11.92
CA PHE A 410 -20.78 -6.22 12.37
C PHE A 410 -21.03 -5.43 13.66
N ILE A 411 -20.48 -5.93 14.76
CA ILE A 411 -20.76 -5.41 16.09
C ILE A 411 -19.51 -4.72 16.65
N SER A 412 -19.73 -3.58 17.29
CA SER A 412 -18.63 -2.86 17.92
C SER A 412 -18.36 -3.39 19.32
N LYS A 413 -17.17 -3.07 19.83
CA LYS A 413 -16.84 -3.37 21.21
C LYS A 413 -17.34 -2.25 22.12
N SER A 414 -17.64 -2.61 23.37
CA SER A 414 -17.92 -1.60 24.37
C SER A 414 -16.69 -0.73 24.59
N TYR A 415 -16.90 0.50 25.03
CA TYR A 415 -15.78 1.39 25.23
C TYR A 415 -15.04 1.00 26.51
N ASP A 416 -13.71 0.88 26.39
CA ASP A 416 -12.90 0.52 27.54
C ASP A 416 -12.68 1.73 28.42
N ALA A 417 -11.96 1.53 29.53
CA ALA A 417 -11.82 2.54 30.56
C ALA A 417 -10.90 3.68 30.17
N THR A 418 -10.05 3.51 29.16
CA THR A 418 -9.09 4.55 28.80
C THR A 418 -9.80 5.86 28.48
N THR A 419 -9.12 6.96 28.80
CA THR A 419 -9.59 8.30 28.49
C THR A 419 -8.91 8.88 27.25
N HIS A 420 -8.53 8.02 26.32
CA HIS A 420 -8.11 8.44 24.99
C HIS A 420 -8.72 7.46 23.98
N PHE A 421 -8.70 7.83 22.71
CA PHE A 421 -9.57 7.19 21.72
C PHE A 421 -8.90 6.13 20.85
N GLU A 422 -7.64 5.78 21.09
CA GLU A 422 -6.93 4.87 20.19
C GLU A 422 -7.63 3.52 20.05
N SER A 423 -8.04 2.92 21.18
CA SER A 423 -8.66 1.61 21.09
C SER A 423 -10.02 1.69 20.39
N CYS A 424 -10.74 2.81 20.56
CA CYS A 424 -11.96 3.01 19.79
C CYS A 424 -11.65 3.13 18.29
N ALA A 425 -10.58 3.85 17.93
CA ALA A 425 -10.20 3.98 16.52
C ALA A 425 -9.77 2.65 15.93
N VAL A 426 -9.03 1.84 16.70
CA VAL A 426 -8.64 0.51 16.23
C VAL A 426 -9.89 -0.33 15.97
N ASP A 427 -10.92 -0.20 16.83
CA ASP A 427 -12.17 -0.93 16.59
C ASP A 427 -12.86 -0.46 15.32
N ILE A 428 -12.88 0.85 15.06
CA ILE A 428 -13.53 1.37 13.85
C ILE A 428 -12.82 0.84 12.61
N VAL A 429 -11.49 0.93 12.58
CA VAL A 429 -10.73 0.44 11.44
C VAL A 429 -10.96 -1.04 11.22
N ASP A 430 -10.96 -1.82 12.30
CA ASP A 430 -11.18 -3.25 12.18
C ASP A 430 -12.58 -3.53 11.62
N ILE A 431 -13.59 -2.84 12.17
CA ILE A 431 -14.96 -3.02 11.69
C ILE A 431 -15.06 -2.68 10.20
N TYR A 432 -14.45 -1.57 9.79
CA TYR A 432 -14.54 -1.17 8.40
C TYR A 432 -13.80 -2.15 7.49
N GLU A 433 -12.68 -2.69 7.96
CA GLU A 433 -11.98 -3.71 7.17
C GLU A 433 -12.81 -4.98 7.07
N ARG A 434 -13.50 -5.37 8.14
CA ARG A 434 -14.38 -6.52 8.11
C ARG A 434 -15.54 -6.30 7.14
N ILE A 435 -16.03 -5.07 7.03
CA ILE A 435 -17.14 -4.79 6.13
C ILE A 435 -16.70 -4.88 4.68
N THR A 436 -15.62 -4.18 4.33
CA THR A 436 -15.19 -4.07 2.94
C THR A 436 -14.30 -5.23 2.47
N GLY A 437 -13.75 -6.02 3.39
CA GLY A 437 -12.84 -7.06 2.99
C GLY A 437 -11.51 -6.57 2.45
N GLU A 438 -11.23 -5.29 2.60
CA GLU A 438 -10.00 -4.68 2.11
C GLU A 438 -9.26 -4.02 3.26
N LYS A 439 -7.95 -3.93 3.13
CA LYS A 439 -7.17 -3.21 4.13
C LYS A 439 -7.57 -1.75 4.13
N PHE A 440 -7.66 -1.16 5.32
CA PHE A 440 -8.14 0.20 5.46
C PHE A 440 -7.27 1.15 4.67
N ASP A 441 -7.88 1.87 3.72
CA ASP A 441 -7.16 2.82 2.88
C ASP A 441 -7.21 4.19 3.56
N TRP A 442 -6.08 4.61 4.13
CA TRP A 442 -6.03 5.90 4.81
C TRP A 442 -5.98 7.07 3.84
N ASN A 443 -6.02 6.80 2.54
CA ASN A 443 -6.04 7.84 1.53
C ASN A 443 -7.35 7.88 0.75
N LYS A 444 -8.33 7.06 1.14
CA LYS A 444 -9.61 7.09 0.44
C LYS A 444 -10.22 8.47 0.61
N LYS A 445 -10.82 8.96 -0.48
CA LYS A 445 -11.37 10.30 -0.50
C LYS A 445 -12.87 10.26 -0.76
N PRO A 446 -13.63 11.20 -0.20
CA PRO A 446 -15.09 11.13 -0.33
C PRO A 446 -15.55 11.33 -1.76
N VAL A 447 -16.73 10.77 -2.04
CA VAL A 447 -17.39 10.96 -3.32
C VAL A 447 -18.42 12.06 -3.16
N GLU A 448 -18.77 12.71 -4.27
CA GLU A 448 -19.72 13.83 -4.21
C GLU A 448 -21.14 13.33 -3.97
N PRO A 449 -21.87 13.92 -3.01
CA PRO A 449 -23.29 13.55 -2.82
C PRO A 449 -24.12 13.79 -4.07
N GLN A 450 -25.15 12.96 -4.24
CA GLN A 450 -26.01 13.02 -5.44
C GLN A 450 -27.29 13.83 -5.21
N MET B 9 33.05 5.67 -22.74
CA MET B 9 34.38 5.66 -22.13
C MET B 9 34.57 6.90 -21.24
N ASN B 10 34.66 8.07 -21.86
CA ASN B 10 34.78 9.34 -21.14
C ASN B 10 33.55 10.18 -21.48
N GLU B 11 32.40 9.82 -20.91
CA GLU B 11 31.16 10.54 -21.13
C GLU B 11 30.54 10.93 -19.80
N GLU B 12 29.22 11.17 -19.82
CA GLU B 12 28.39 11.28 -18.64
C GLU B 12 27.35 10.17 -18.67
N TYR B 13 27.10 9.57 -17.52
CA TYR B 13 26.11 8.51 -17.39
C TYR B 13 25.23 8.82 -16.18
N ASP B 14 24.04 8.24 -16.17
CA ASP B 14 23.22 8.30 -14.97
C ASP B 14 23.81 7.41 -13.89
N VAL B 15 24.17 6.17 -14.24
CA VAL B 15 24.70 5.19 -13.30
C VAL B 15 25.84 4.44 -13.98
N VAL B 16 26.89 4.15 -13.22
CA VAL B 16 27.95 3.23 -13.62
C VAL B 16 27.81 1.96 -12.77
N VAL B 17 27.79 0.81 -13.43
CA VAL B 17 27.63 -0.49 -12.77
C VAL B 17 28.94 -1.26 -12.93
N LEU B 18 29.40 -1.86 -11.83
CA LEU B 18 30.70 -2.54 -11.79
C LEU B 18 30.50 -4.01 -11.44
N GLY B 19 30.94 -4.89 -12.33
CA GLY B 19 30.82 -6.32 -12.12
C GLY B 19 29.61 -6.89 -12.83
N THR B 20 29.72 -8.14 -13.27
CA THR B 20 28.66 -8.77 -14.05
C THR B 20 28.11 -10.02 -13.37
N GLY B 21 28.13 -10.07 -12.04
CA GLY B 21 27.28 -11.00 -11.32
C GLY B 21 25.81 -10.71 -11.60
N LEU B 22 24.96 -11.68 -11.27
CA LEU B 22 23.55 -11.54 -11.65
C LEU B 22 22.92 -10.30 -11.02
N THR B 23 23.20 -10.06 -9.73
CA THR B 23 22.61 -8.91 -9.05
C THR B 23 22.89 -7.62 -9.80
N GLU B 24 24.15 -7.43 -10.20
CA GLU B 24 24.52 -6.25 -10.97
C GLU B 24 23.86 -6.25 -12.33
N CYS B 25 23.80 -7.42 -12.98
CA CYS B 25 23.17 -7.51 -14.30
C CYS B 25 21.70 -7.12 -14.24
N VAL B 26 20.97 -7.59 -13.23
CA VAL B 26 19.54 -7.32 -13.13
C VAL B 26 19.28 -5.86 -12.78
N ILE B 27 20.03 -5.32 -11.83
CA ILE B 27 19.90 -3.89 -11.51
C ILE B 27 20.23 -3.05 -12.73
N SER B 28 21.31 -3.41 -13.43
CA SER B 28 21.68 -2.69 -14.65
C SER B 28 20.57 -2.74 -15.68
N GLY B 29 19.94 -3.91 -15.85
CA GLY B 29 18.84 -4.01 -16.79
C GLY B 29 17.64 -3.18 -16.38
N LEU B 30 17.32 -3.19 -15.08
CA LEU B 30 16.19 -2.40 -14.58
C LEU B 30 16.39 -0.91 -14.83
N LEU B 31 17.61 -0.41 -14.63
CA LEU B 31 17.90 1.00 -14.85
C LEU B 31 17.74 1.38 -16.33
N SER B 32 18.15 0.49 -17.24
CA SER B 32 18.08 0.79 -18.66
C SER B 32 16.63 0.84 -19.13
N VAL B 33 15.81 -0.15 -18.75
CA VAL B 33 14.42 -0.13 -19.19
C VAL B 33 13.62 0.96 -18.51
N SER B 34 14.12 1.51 -17.40
CA SER B 34 13.49 2.65 -16.77
C SER B 34 13.93 3.96 -17.41
N GLY B 35 14.85 3.92 -18.37
CA GLY B 35 15.27 5.09 -19.11
C GLY B 35 16.63 5.66 -18.74
N LYS B 36 17.30 5.11 -17.74
CA LYS B 36 18.57 5.66 -17.30
C LYS B 36 19.71 5.23 -18.23
N LYS B 37 20.69 6.12 -18.37
CA LYS B 37 21.88 5.86 -19.18
C LYS B 37 22.94 5.19 -18.30
N VAL B 38 23.31 3.96 -18.66
CA VAL B 38 24.12 3.09 -17.81
C VAL B 38 25.43 2.79 -18.52
N LEU B 39 26.54 2.96 -17.80
CA LEU B 39 27.84 2.41 -18.18
C LEU B 39 28.07 1.18 -17.33
N HIS B 40 28.27 0.04 -17.98
CA HIS B 40 28.44 -1.22 -17.27
C HIS B 40 29.81 -1.80 -17.59
N MET B 41 30.63 -1.98 -16.56
CA MET B 41 32.00 -2.42 -16.73
C MET B 41 32.29 -3.65 -15.87
N ASP B 42 33.31 -4.38 -16.29
CA ASP B 42 33.85 -5.49 -15.53
C ASP B 42 35.34 -5.53 -15.81
N ARG B 43 36.13 -5.73 -14.77
CA ARG B 43 37.57 -5.82 -14.92
C ARG B 43 37.99 -7.11 -15.60
N ASN B 44 37.14 -8.17 -15.55
CA ASN B 44 37.53 -9.43 -16.15
C ASN B 44 37.16 -9.46 -17.64
N PRO B 45 37.88 -10.26 -18.43
CA PRO B 45 37.47 -10.53 -19.81
C PRO B 45 36.33 -11.52 -19.93
N TYR B 46 35.74 -11.94 -18.81
CA TYR B 46 34.65 -12.91 -18.78
C TYR B 46 33.53 -12.36 -17.91
N TYR B 47 32.36 -12.99 -18.03
CA TYR B 47 31.20 -12.61 -17.22
C TYR B 47 31.23 -13.37 -15.90
N GLY B 48 30.56 -12.81 -14.89
CA GLY B 48 30.17 -13.53 -13.69
C GLY B 48 31.04 -13.33 -12.47
N GLY B 49 32.31 -12.98 -12.65
CA GLY B 49 33.20 -12.84 -11.51
C GLY B 49 33.35 -14.14 -10.76
N GLU B 50 33.07 -14.10 -9.46
CA GLU B 50 33.20 -15.30 -8.63
C GLU B 50 32.15 -16.35 -8.97
N SER B 51 31.10 -15.97 -9.70
CA SER B 51 30.03 -16.88 -10.07
C SER B 51 30.08 -17.24 -11.55
N ALA B 52 31.26 -17.15 -12.16
CA ALA B 52 31.41 -17.37 -13.59
C ALA B 52 31.11 -18.82 -13.96
N SER B 53 30.88 -19.03 -15.25
CA SER B 53 30.57 -20.33 -15.82
C SER B 53 31.81 -20.88 -16.54
N LEU B 54 32.32 -22.01 -16.05
CA LEU B 54 33.58 -22.57 -16.55
C LEU B 54 33.35 -23.88 -17.30
N ASN B 55 34.19 -24.10 -18.32
CA ASN B 55 34.25 -25.40 -18.95
C ASN B 55 35.31 -26.25 -18.24
N LEU B 56 35.50 -27.47 -18.73
CA LEU B 56 36.35 -28.42 -18.00
C LEU B 56 37.80 -27.97 -17.98
N ASP B 57 38.33 -27.51 -19.13
CA ASP B 57 39.69 -27.00 -19.15
C ASP B 57 39.86 -25.83 -18.20
N GLN B 58 38.87 -24.92 -18.16
CA GLN B 58 38.98 -23.77 -17.27
C GLN B 58 38.93 -24.21 -15.81
N MET B 59 38.13 -25.23 -15.50
CA MET B 59 38.05 -25.76 -14.13
C MET B 59 39.41 -26.29 -13.70
N PHE B 60 40.03 -27.11 -14.54
CA PHE B 60 41.31 -27.71 -14.19
C PHE B 60 42.41 -26.67 -14.06
N GLU B 61 42.40 -25.65 -14.92
CA GLU B 61 43.37 -24.57 -14.76
C GLU B 61 43.16 -23.84 -13.43
N LYS B 62 41.90 -23.60 -13.07
CA LYS B 62 41.61 -22.85 -11.85
C LYS B 62 41.91 -23.64 -10.59
N PHE B 63 41.53 -24.91 -10.55
CA PHE B 63 41.59 -25.70 -9.32
C PHE B 63 42.74 -26.69 -9.26
N ARG B 64 43.43 -26.94 -10.36
CA ARG B 64 44.46 -27.97 -10.37
C ARG B 64 45.83 -27.51 -10.82
N GLY B 65 45.90 -26.45 -11.62
CA GLY B 65 47.15 -25.89 -12.07
C GLY B 65 47.03 -25.52 -13.55
N GLN B 66 47.92 -24.61 -13.98
CA GLN B 66 47.93 -24.22 -15.39
C GLN B 66 48.27 -25.40 -16.29
N ASP B 67 49.10 -26.33 -15.82
CA ASP B 67 49.55 -27.46 -16.63
C ASP B 67 48.68 -28.70 -16.51
N ALA B 68 47.79 -28.77 -15.53
CA ALA B 68 47.00 -29.99 -15.33
C ALA B 68 45.97 -30.15 -16.43
N LYS B 69 45.93 -31.34 -17.02
CA LYS B 69 45.04 -31.57 -18.14
C LYS B 69 43.96 -32.57 -17.76
N PRO B 70 42.72 -32.34 -18.20
CA PRO B 70 41.62 -33.23 -17.80
C PRO B 70 41.74 -34.57 -18.48
N PRO B 71 41.43 -35.65 -17.76
CA PRO B 71 41.43 -36.98 -18.40
C PRO B 71 40.37 -37.08 -19.48
N ALA B 72 40.67 -37.90 -20.49
CA ALA B 72 39.76 -38.04 -21.62
C ALA B 72 38.40 -38.62 -21.19
N SER B 73 38.39 -39.42 -20.11
CA SER B 73 37.15 -40.03 -19.63
C SER B 73 36.15 -39.00 -19.14
N LEU B 74 36.54 -37.74 -18.96
CA LEU B 74 35.57 -36.75 -18.53
C LEU B 74 34.72 -36.25 -19.69
N GLY B 75 35.14 -36.49 -20.93
CA GLY B 75 34.40 -36.05 -22.09
C GLY B 75 34.94 -34.74 -22.63
N ARG B 76 34.21 -34.20 -23.60
CA ARG B 76 34.59 -32.97 -24.28
C ARG B 76 34.50 -31.78 -23.33
N SER B 77 35.59 -31.00 -23.23
CA SER B 77 35.68 -29.92 -22.25
C SER B 77 34.54 -28.90 -22.41
N ARG B 78 34.25 -28.51 -23.64
CA ARG B 78 33.27 -27.45 -23.87
C ARG B 78 31.83 -27.97 -23.77
N ASP B 79 31.64 -29.26 -23.49
CA ASP B 79 30.33 -29.76 -23.11
C ASP B 79 29.95 -29.32 -21.70
N TYR B 80 30.91 -28.78 -20.94
CA TYR B 80 30.68 -28.40 -19.56
C TYR B 80 30.37 -26.91 -19.47
N ASN B 81 29.33 -26.57 -18.72
CA ASN B 81 28.99 -25.18 -18.38
C ASN B 81 28.74 -25.15 -16.88
N ILE B 82 29.84 -25.11 -16.11
CA ILE B 82 29.79 -25.27 -14.67
C ILE B 82 29.69 -23.89 -14.01
N ASP B 83 28.53 -23.59 -13.46
CA ASP B 83 28.34 -22.36 -12.68
C ASP B 83 28.99 -22.53 -11.31
N LEU B 84 29.93 -21.64 -10.99
CA LEU B 84 30.63 -21.73 -9.71
C LEU B 84 29.70 -21.46 -8.54
N ILE B 85 28.65 -20.69 -8.75
CA ILE B 85 27.66 -20.43 -7.70
C ILE B 85 26.29 -20.75 -8.29
N PRO B 86 25.90 -22.02 -8.32
CA PRO B 86 24.62 -22.37 -8.94
C PRO B 86 23.46 -22.18 -7.98
N LYS B 87 22.36 -21.67 -8.52
CA LYS B 87 21.12 -21.48 -7.80
C LYS B 87 19.97 -21.77 -8.75
N PHE B 88 18.94 -22.41 -8.23
CA PHE B 88 17.74 -22.68 -9.01
C PHE B 88 16.77 -21.51 -8.87
N LEU B 89 15.89 -21.37 -9.85
CA LEU B 89 14.86 -20.34 -9.84
C LEU B 89 13.52 -20.97 -9.48
N MET B 90 12.83 -20.35 -8.53
CA MET B 90 11.42 -20.67 -8.35
C MET B 90 10.63 -20.23 -9.59
N ALA B 91 9.86 -21.16 -10.16
CA ALA B 91 9.25 -20.95 -11.48
C ALA B 91 8.38 -19.69 -11.53
N ASN B 92 7.76 -19.31 -10.41
CA ASN B 92 6.96 -18.09 -10.35
C ASN B 92 7.43 -17.18 -9.20
N GLY B 93 8.71 -17.29 -8.84
CA GLY B 93 9.24 -16.52 -7.75
C GLY B 93 9.66 -15.11 -8.14
N LYS B 94 10.33 -14.45 -7.20
CA LYS B 94 10.60 -13.03 -7.34
C LYS B 94 11.54 -12.73 -8.51
N LEU B 95 12.62 -13.50 -8.64
CA LEU B 95 13.59 -13.21 -9.68
C LEU B 95 12.99 -13.37 -11.07
N VAL B 96 12.27 -14.47 -11.31
CA VAL B 96 11.61 -14.67 -12.61
C VAL B 96 10.65 -13.52 -12.90
N LYS B 97 9.95 -13.03 -11.88
CA LYS B 97 9.05 -11.92 -12.11
C LYS B 97 9.82 -10.64 -12.44
N ILE B 98 10.98 -10.45 -11.81
CA ILE B 98 11.81 -9.31 -12.18
C ILE B 98 12.37 -9.49 -13.59
N LEU B 99 12.81 -10.71 -13.92
CA LEU B 99 13.30 -10.99 -15.27
C LEU B 99 12.24 -10.72 -16.31
N ARG B 100 10.96 -11.02 -15.99
CA ARG B 100 9.89 -10.73 -16.92
C ARG B 100 9.76 -9.24 -17.15
N MET B 101 9.96 -8.43 -16.10
CA MET B 101 9.87 -6.99 -16.21
C MET B 101 10.94 -6.42 -17.13
N THR B 102 12.14 -6.99 -17.12
CA THR B 102 13.19 -6.49 -17.99
C THR B 102 12.98 -6.90 -19.44
N GLY B 103 12.21 -7.97 -19.69
CA GLY B 103 11.97 -8.45 -21.04
C GLY B 103 12.96 -9.47 -21.56
N VAL B 104 13.99 -9.83 -20.79
CA VAL B 104 14.97 -10.80 -21.27
C VAL B 104 14.35 -12.17 -21.46
N THR B 105 13.19 -12.42 -20.84
CA THR B 105 12.54 -13.72 -21.00
C THR B 105 11.97 -13.90 -22.40
N ARG B 106 11.78 -12.80 -23.13
CA ARG B 106 11.31 -12.87 -24.51
C ARG B 106 12.45 -13.11 -25.50
N TYR B 107 13.71 -13.03 -25.05
CA TYR B 107 14.86 -13.27 -25.91
C TYR B 107 14.99 -14.77 -26.19
N ASN B 108 16.13 -15.17 -26.74
CA ASN B 108 16.39 -16.59 -26.97
C ASN B 108 17.05 -17.24 -25.75
N MET B 109 16.31 -17.23 -24.64
CA MET B 109 16.78 -17.78 -23.39
C MET B 109 15.76 -18.81 -22.94
N GLU B 110 16.20 -20.05 -22.79
CA GLU B 110 15.34 -21.19 -22.55
C GLU B 110 15.57 -21.73 -21.15
N PHE B 111 14.49 -21.89 -20.41
CA PHE B 111 14.52 -22.56 -19.11
C PHE B 111 13.99 -23.98 -19.25
N ALA B 112 14.68 -24.91 -18.61
CA ALA B 112 14.20 -26.28 -18.47
C ALA B 112 13.96 -26.55 -16.99
N LEU B 113 12.97 -27.37 -16.71
CA LEU B 113 12.60 -27.59 -15.33
C LEU B 113 13.60 -28.52 -14.64
N VAL B 114 13.65 -28.39 -13.33
CA VAL B 114 14.38 -29.31 -12.46
C VAL B 114 13.46 -30.46 -12.13
N GLU B 115 13.99 -31.68 -12.12
CA GLU B 115 13.13 -32.85 -11.99
C GLU B 115 12.79 -33.19 -10.54
N GLY B 116 13.67 -32.87 -9.60
CA GLY B 116 13.53 -33.39 -8.25
C GLY B 116 13.67 -32.33 -7.17
N SER B 117 12.93 -32.55 -6.09
CA SER B 117 13.02 -31.74 -4.88
C SER B 117 13.05 -32.68 -3.69
N PHE B 118 14.18 -32.74 -3.01
CA PHE B 118 14.42 -33.72 -1.97
C PHE B 118 14.94 -33.02 -0.72
N VAL B 119 14.70 -33.66 0.43
CA VAL B 119 15.15 -33.17 1.72
C VAL B 119 15.71 -34.34 2.52
N TYR B 120 16.72 -34.03 3.33
CA TYR B 120 17.47 -35.01 4.10
C TYR B 120 16.84 -35.16 5.48
N HIS B 121 16.88 -36.39 5.99
CA HIS B 121 16.33 -36.66 7.32
C HIS B 121 16.85 -37.98 7.83
N LYS B 122 17.48 -37.94 9.01
CA LYS B 122 17.96 -39.13 9.71
C LYS B 122 18.69 -40.09 8.76
N GLY B 123 19.66 -39.55 8.04
CA GLY B 123 20.53 -40.35 7.20
C GLY B 123 19.99 -40.72 5.84
N GLU B 124 18.82 -40.23 5.46
CA GLU B 124 18.22 -40.57 4.18
C GLU B 124 17.75 -39.33 3.45
N ILE B 125 17.59 -39.49 2.14
CA ILE B 125 17.08 -38.46 1.24
C ILE B 125 15.69 -38.89 0.78
N HIS B 126 14.72 -37.98 0.84
CA HIS B 126 13.35 -38.28 0.49
C HIS B 126 12.73 -37.14 -0.31
N LYS B 127 11.67 -37.47 -1.05
CA LYS B 127 10.94 -36.43 -1.76
C LYS B 127 10.33 -35.44 -0.78
N VAL B 128 10.22 -34.20 -1.22
CA VAL B 128 9.58 -33.14 -0.46
C VAL B 128 8.07 -33.34 -0.60
N PRO B 129 7.33 -33.55 0.50
CA PRO B 129 5.87 -33.70 0.39
C PRO B 129 5.15 -32.37 0.44
N ILE B 130 4.15 -32.23 -0.45
CA ILE B 130 3.40 -30.98 -0.62
C ILE B 130 1.92 -31.18 -0.26
N THR B 131 1.28 -32.17 -0.84
CA THR B 131 -0.14 -32.34 -0.60
C THR B 131 -0.36 -33.00 0.75
N PRO B 132 -1.54 -32.82 1.35
CA PRO B 132 -1.86 -33.55 2.58
C PRO B 132 -1.74 -35.05 2.42
N THR B 133 -2.06 -35.59 1.23
CA THR B 133 -1.88 -37.02 0.99
C THR B 133 -0.41 -37.41 1.02
N GLU B 134 0.45 -36.59 0.41
CA GLU B 134 1.88 -36.90 0.43
C GLU B 134 2.45 -36.77 1.84
N VAL B 135 2.00 -35.76 2.58
CA VAL B 135 2.47 -35.59 3.94
C VAL B 135 1.98 -36.75 4.82
N ALA B 136 0.76 -37.23 4.57
CA ALA B 136 0.21 -38.35 5.32
C ALA B 136 0.93 -39.66 5.03
N LYS B 137 1.76 -39.72 3.98
CA LYS B 137 2.41 -40.96 3.60
C LYS B 137 3.93 -40.86 3.56
N THR B 138 4.51 -39.73 4.03
CA THR B 138 5.93 -39.49 3.81
C THR B 138 6.80 -40.25 4.82
N PRO B 139 7.92 -40.82 4.35
CA PRO B 139 8.87 -41.46 5.28
C PRO B 139 9.57 -40.47 6.19
N LEU B 140 9.46 -39.17 5.92
CA LEU B 140 10.08 -38.17 6.78
C LEU B 140 9.47 -38.14 8.18
N LEU B 141 8.27 -38.68 8.35
CA LEU B 141 7.53 -38.56 9.59
C LEU B 141 7.20 -39.94 10.14
N GLY B 142 7.10 -40.01 11.46
CA GLY B 142 6.65 -41.21 12.14
C GLY B 142 5.16 -41.45 11.98
N PHE B 143 4.70 -42.55 12.59
CA PHE B 143 3.32 -42.99 12.41
C PHE B 143 2.32 -41.92 12.85
N PHE B 144 2.52 -41.36 14.04
CA PHE B 144 1.60 -40.37 14.58
C PHE B 144 1.88 -38.97 14.05
N GLU B 145 3.14 -38.65 13.76
CA GLU B 145 3.45 -37.33 13.22
C GLU B 145 2.85 -37.15 11.83
N LYS B 146 2.74 -38.24 11.06
CA LYS B 146 2.05 -38.18 9.78
C LYS B 146 0.67 -37.55 9.92
N LEU B 147 -0.09 -37.99 10.95
CA LEU B 147 -1.43 -37.47 11.15
C LEU B 147 -1.42 -36.04 11.63
N LYS B 148 -0.52 -35.68 12.55
CA LYS B 148 -0.47 -34.30 13.00
C LYS B 148 -0.05 -33.37 11.86
N ALA B 149 0.93 -33.79 11.08
CA ALA B 149 1.39 -32.97 9.97
C ALA B 149 0.36 -32.91 8.84
N LYS B 150 -0.42 -33.98 8.65
CA LYS B 150 -1.47 -33.95 7.64
C LYS B 150 -2.52 -32.89 7.97
N LYS B 151 -2.94 -32.82 9.24
CA LYS B 151 -3.95 -31.83 9.64
C LYS B 151 -3.39 -30.41 9.54
N LEU B 152 -2.10 -30.23 9.85
CA LEU B 152 -1.49 -28.91 9.77
C LEU B 152 -1.39 -28.41 8.34
N VAL B 153 -0.91 -29.26 7.42
CA VAL B 153 -0.70 -28.82 6.05
C VAL B 153 -2.05 -28.60 5.35
N SER B 154 -3.05 -29.44 5.65
CA SER B 154 -4.39 -29.19 5.12
C SER B 154 -4.89 -27.83 5.55
N TYR B 155 -4.68 -27.48 6.81
CA TYR B 155 -5.16 -26.21 7.33
C TYR B 155 -4.49 -25.03 6.62
N LEU B 156 -3.18 -25.15 6.35
CA LEU B 156 -2.46 -24.03 5.76
C LEU B 156 -2.86 -23.79 4.32
N TYR B 157 -3.03 -24.85 3.52
CA TYR B 157 -3.40 -24.65 2.13
C TYR B 157 -4.86 -24.26 1.97
N ASP B 158 -5.72 -24.62 2.92
CA ASP B 158 -7.11 -24.18 2.91
C ASP B 158 -7.31 -22.87 3.63
N TYR B 159 -6.26 -22.29 4.21
CA TYR B 159 -6.41 -21.02 4.91
C TYR B 159 -6.62 -19.90 3.91
N ASP B 160 -7.68 -19.11 4.13
CA ASP B 160 -7.96 -17.90 3.37
C ASP B 160 -8.19 -16.78 4.37
N GLN B 161 -7.39 -15.72 4.27
CA GLN B 161 -7.48 -14.61 5.21
C GLN B 161 -8.85 -13.92 5.13
N ASN B 162 -9.38 -13.78 3.92
CA ASN B 162 -10.69 -13.12 3.76
C ASN B 162 -11.85 -14.05 4.07
N ASN B 163 -11.60 -15.34 4.28
CA ASN B 163 -12.64 -16.33 4.59
C ASN B 163 -12.50 -16.77 6.04
N PRO B 164 -13.38 -16.34 6.95
CA PRO B 164 -13.22 -16.69 8.37
C PRO B 164 -13.49 -18.16 8.70
N LYS B 165 -14.17 -18.91 7.82
CA LYS B 165 -14.44 -20.32 8.11
C LYS B 165 -13.14 -21.13 8.19
N THR B 166 -12.13 -20.73 7.43
CA THR B 166 -10.86 -21.45 7.36
C THR B 166 -9.89 -21.08 8.48
N HIS B 167 -10.23 -20.13 9.35
CA HIS B 167 -9.31 -19.70 10.40
C HIS B 167 -9.19 -20.76 11.49
N GLN B 168 -10.31 -21.36 11.90
CA GLN B 168 -10.33 -22.41 12.92
C GLN B 168 -9.57 -21.98 14.18
N GLY B 169 -9.83 -20.75 14.63
CA GLY B 169 -9.27 -20.26 15.88
C GLY B 169 -7.93 -19.56 15.79
N PHE B 170 -7.40 -19.33 14.59
CA PHE B 170 -6.14 -18.63 14.41
C PHE B 170 -6.30 -17.52 13.40
N ASP B 171 -5.62 -16.40 13.64
CA ASP B 171 -5.54 -15.29 12.68
C ASP B 171 -4.09 -15.18 12.24
N CYS B 172 -3.78 -15.80 11.10
CA CYS B 172 -2.40 -15.93 10.62
C CYS B 172 -1.81 -14.59 10.16
N SER B 173 -2.63 -13.56 9.97
CA SER B 173 -2.09 -12.23 9.68
C SER B 173 -1.38 -11.63 10.90
N LYS B 174 -1.78 -12.03 12.10
CA LYS B 174 -1.15 -11.56 13.33
C LYS B 174 -0.40 -12.65 14.08
N ASP B 175 -0.96 -13.86 14.13
CA ASP B 175 -0.31 -14.95 14.84
C ASP B 175 0.93 -15.43 14.08
N THR B 176 1.91 -15.92 14.82
CA THR B 176 3.11 -16.49 14.23
C THR B 176 3.00 -18.01 14.16
N MET B 177 3.97 -18.62 13.48
CA MET B 177 3.92 -20.06 13.21
C MET B 177 4.16 -20.91 14.45
N ASP B 178 4.93 -20.40 15.42
CA ASP B 178 5.26 -21.21 16.59
C ASP B 178 4.00 -21.61 17.36
N LYS B 179 3.02 -20.72 17.45
CA LYS B 179 1.77 -21.06 18.11
C LYS B 179 1.01 -22.13 17.34
N ILE B 180 1.06 -22.07 16.01
CA ILE B 180 0.39 -23.09 15.19
C ILE B 180 1.15 -24.41 15.25
N TYR B 181 2.48 -24.36 15.25
CA TYR B 181 3.28 -25.57 15.36
C TYR B 181 2.97 -26.32 16.65
N LYS B 182 3.03 -25.64 17.80
CA LYS B 182 2.76 -26.29 19.08
C LYS B 182 1.31 -26.77 19.16
N TYR B 183 0.38 -26.08 18.50
CA TYR B 183 -1.02 -26.49 18.55
C TYR B 183 -1.24 -27.85 17.89
N TYR B 184 -0.62 -28.08 16.74
CA TYR B 184 -0.76 -29.37 16.07
C TYR B 184 0.24 -30.39 16.60
N GLY B 185 1.14 -29.97 17.48
CA GLY B 185 2.07 -30.90 18.12
C GLY B 185 3.07 -31.52 17.17
N VAL B 186 3.51 -30.78 16.16
CA VAL B 186 4.51 -31.29 15.24
C VAL B 186 5.90 -31.08 15.81
N SER B 187 6.85 -31.90 15.37
CA SER B 187 8.23 -31.83 15.83
C SER B 187 9.12 -31.23 14.74
N GLU B 188 10.44 -31.33 14.96
CA GLU B 188 11.40 -30.85 13.97
C GLU B 188 11.30 -31.62 12.68
N ASP B 189 10.84 -32.88 12.74
CA ASP B 189 10.69 -33.68 11.53
C ASP B 189 9.73 -33.02 10.54
N THR B 190 8.72 -32.33 11.06
CA THR B 190 7.77 -31.60 10.21
C THR B 190 8.29 -30.21 9.85
N THR B 191 8.76 -29.46 10.84
CA THR B 191 9.14 -28.07 10.61
C THR B 191 10.33 -27.96 9.66
N ASP B 192 11.17 -28.99 9.61
CA ASP B 192 12.33 -28.93 8.74
C ASP B 192 11.91 -28.90 7.27
N PHE B 193 11.27 -29.96 6.80
CA PHE B 193 10.92 -29.99 5.38
C PHE B 193 9.93 -28.88 5.05
N LEU B 194 9.05 -28.54 5.98
CA LEU B 194 8.06 -27.50 5.72
C LEU B 194 8.70 -26.12 5.64
N GLY B 195 9.49 -25.77 6.65
CA GLY B 195 10.10 -24.46 6.72
C GLY B 195 11.32 -24.31 5.84
N HIS B 196 12.13 -25.36 5.74
CA HIS B 196 13.38 -25.24 5.01
C HIS B 196 13.27 -25.70 3.56
N ALA B 197 12.53 -26.78 3.29
CA ALA B 197 12.46 -27.29 1.94
C ALA B 197 11.27 -26.76 1.15
N VAL B 198 10.18 -26.38 1.80
CA VAL B 198 9.00 -25.83 1.12
C VAL B 198 8.97 -24.31 1.18
N ALA B 199 9.05 -23.74 2.37
CA ALA B 199 9.00 -22.28 2.52
C ALA B 199 10.35 -21.61 2.28
N LEU B 200 11.44 -22.39 2.24
CA LEU B 200 12.79 -21.92 1.89
C LEU B 200 13.39 -20.98 2.94
N TYR B 201 13.01 -21.12 4.21
CA TYR B 201 13.72 -20.44 5.28
C TYR B 201 15.04 -21.16 5.53
N THR B 202 16.02 -20.40 6.01
CA THR B 202 17.34 -20.96 6.28
C THR B 202 17.56 -21.27 7.76
N ASP B 203 16.70 -20.77 8.64
CA ASP B 203 16.69 -21.18 10.03
C ASP B 203 15.27 -21.05 10.56
N ASP B 204 15.08 -21.42 11.83
CA ASP B 204 13.75 -21.46 12.43
C ASP B 204 13.39 -20.17 13.17
N SER B 205 14.15 -19.08 12.98
CA SER B 205 13.82 -17.85 13.66
C SER B 205 12.51 -17.24 13.16
N TYR B 206 12.07 -17.60 11.95
CA TYR B 206 10.80 -17.10 11.42
C TYR B 206 9.63 -17.51 12.29
N MET B 207 9.78 -18.58 13.08
CA MET B 207 8.67 -19.12 13.85
C MET B 207 8.12 -18.11 14.85
N THR B 208 8.89 -17.09 15.22
CA THR B 208 8.46 -16.09 16.18
C THR B 208 8.46 -14.67 15.65
N THR B 209 9.08 -14.41 14.49
CA THR B 209 9.32 -13.06 14.03
C THR B 209 8.43 -12.61 12.86
N VAL B 210 7.71 -13.52 12.22
CA VAL B 210 6.90 -13.15 11.06
C VAL B 210 5.49 -13.73 11.20
N PRO B 211 4.48 -13.07 10.66
CA PRO B 211 3.13 -13.63 10.71
C PRO B 211 3.06 -14.95 9.96
N ALA B 212 2.20 -15.84 10.44
CA ALA B 212 2.03 -17.14 9.82
C ALA B 212 1.63 -17.02 8.35
N LEU B 213 0.92 -15.95 8.00
CA LEU B 213 0.50 -15.74 6.62
C LEU B 213 1.71 -15.57 5.69
N GLU B 214 2.82 -15.03 6.21
CA GLU B 214 4.04 -14.96 5.41
C GLU B 214 4.55 -16.35 5.09
N VAL B 215 4.48 -17.27 6.05
CA VAL B 215 4.86 -18.65 5.79
C VAL B 215 3.92 -19.29 4.77
N ILE B 216 2.61 -19.01 4.90
CA ILE B 216 1.63 -19.58 3.99
C ILE B 216 1.86 -19.11 2.56
N GLU B 217 2.20 -17.84 2.38
CA GLU B 217 2.46 -17.33 1.04
C GLU B 217 3.62 -18.09 0.38
N ARG B 218 4.65 -18.43 1.17
CA ARG B 218 5.78 -19.17 0.63
C ARG B 218 5.37 -20.58 0.21
N MET B 219 4.49 -21.23 0.98
CA MET B 219 4.01 -22.55 0.59
C MET B 219 3.16 -22.47 -0.69
N ARG B 220 2.35 -21.42 -0.83
CA ARG B 220 1.56 -21.26 -2.04
C ARG B 220 2.47 -21.02 -3.25
N LEU B 221 3.55 -20.24 -3.07
CA LEU B 221 4.51 -20.03 -4.15
C LEU B 221 5.11 -21.34 -4.61
N TYR B 222 5.43 -22.24 -3.67
CA TYR B 222 5.95 -23.55 -4.04
C TYR B 222 4.91 -24.33 -4.85
N GLU B 223 3.65 -24.38 -4.39
CA GLU B 223 2.64 -25.12 -5.14
C GLU B 223 2.40 -24.46 -6.50
N ASP B 224 2.36 -23.12 -6.54
CA ASP B 224 2.14 -22.42 -7.80
C ASP B 224 3.26 -22.69 -8.79
N SER B 225 4.51 -22.61 -8.33
CA SER B 225 5.65 -22.87 -9.20
C SER B 225 5.62 -24.31 -9.71
N LEU B 226 5.27 -25.26 -8.85
CA LEU B 226 5.17 -26.66 -9.26
C LEU B 226 4.05 -26.85 -10.29
N ASN B 227 2.95 -26.12 -10.14
CA ASN B 227 1.83 -26.24 -11.05
C ASN B 227 2.11 -25.66 -12.42
N MET B 228 3.19 -24.89 -12.60
CA MET B 228 3.39 -24.21 -13.88
C MET B 228 3.86 -25.17 -14.97
N TYR B 229 4.87 -25.99 -14.69
CA TYR B 229 5.37 -26.94 -15.67
C TYR B 229 5.31 -28.40 -15.21
N GLY B 230 5.29 -28.63 -13.91
CA GLY B 230 5.24 -29.96 -13.32
C GLY B 230 6.57 -30.37 -12.75
N LYS B 231 6.56 -31.55 -12.10
CA LYS B 231 7.71 -32.23 -11.50
C LYS B 231 8.36 -31.54 -10.30
N SER B 232 8.61 -30.24 -10.36
CA SER B 232 9.24 -29.54 -9.25
C SER B 232 8.94 -28.06 -9.40
N PRO B 233 9.18 -27.26 -8.36
CA PRO B 233 8.94 -25.82 -8.48
C PRO B 233 10.08 -25.05 -9.11
N TYR B 234 11.16 -25.73 -9.49
CA TYR B 234 12.40 -25.07 -9.87
C TYR B 234 12.65 -25.12 -11.37
N VAL B 235 13.15 -24.02 -11.93
CA VAL B 235 13.68 -23.99 -13.29
C VAL B 235 15.13 -23.52 -13.24
N TYR B 236 15.83 -23.70 -14.37
CA TYR B 236 17.24 -23.41 -14.50
C TYR B 236 17.47 -23.15 -15.98
N PRO B 237 18.33 -22.21 -16.35
CA PRO B 237 18.49 -21.91 -17.77
C PRO B 237 19.26 -23.00 -18.47
N MET B 238 18.85 -23.28 -19.70
CA MET B 238 19.64 -24.14 -20.58
C MET B 238 21.01 -23.51 -20.78
N TYR B 239 22.05 -24.32 -20.64
CA TYR B 239 23.47 -23.95 -20.65
C TYR B 239 23.88 -23.23 -19.36
N GLY B 240 22.98 -23.11 -18.37
CA GLY B 240 23.36 -22.60 -17.07
C GLY B 240 23.23 -21.10 -16.95
N LEU B 241 23.57 -20.61 -15.76
CA LEU B 241 23.40 -19.19 -15.43
C LEU B 241 24.24 -18.27 -16.30
N GLY B 242 25.24 -18.79 -17.02
CA GLY B 242 26.05 -18.00 -17.92
C GLY B 242 25.27 -17.38 -19.08
N GLU B 243 24.04 -17.80 -19.32
CA GLU B 243 23.23 -17.15 -20.35
C GLU B 243 22.70 -15.81 -19.89
N LEU B 244 22.56 -15.62 -18.57
CA LEU B 244 21.98 -14.38 -18.06
C LEU B 244 22.83 -13.15 -18.35
N PRO B 245 24.14 -13.14 -18.11
CA PRO B 245 24.93 -11.96 -18.51
C PRO B 245 24.88 -11.72 -20.00
N GLN B 246 24.71 -12.78 -20.79
CA GLN B 246 24.64 -12.66 -22.25
C GLN B 246 23.39 -11.92 -22.68
N VAL B 247 22.23 -12.30 -22.13
CA VAL B 247 20.98 -11.64 -22.53
C VAL B 247 20.92 -10.22 -21.99
N PHE B 248 21.47 -9.98 -20.79
CA PHE B 248 21.46 -8.63 -20.23
C PHE B 248 22.42 -7.70 -20.95
N ALA B 249 23.52 -8.24 -21.47
CA ALA B 249 24.40 -7.43 -22.31
C ALA B 249 23.70 -7.03 -23.60
N ARG B 250 22.88 -7.92 -24.16
CA ARG B 250 22.10 -7.56 -25.34
C ARG B 250 21.01 -6.55 -24.98
N LEU B 251 20.40 -6.70 -23.80
CA LEU B 251 19.40 -5.72 -23.36
C LEU B 251 20.02 -4.34 -23.23
N CYS B 252 21.23 -4.26 -22.69
CA CYS B 252 21.93 -2.98 -22.59
C CYS B 252 22.17 -2.38 -23.97
N ALA B 253 22.52 -3.22 -24.95
CA ALA B 253 22.76 -2.72 -26.31
C ALA B 253 21.46 -2.17 -26.92
N VAL B 254 20.33 -2.82 -26.66
CA VAL B 254 19.05 -2.34 -27.17
C VAL B 254 18.80 -0.91 -26.71
N TYR B 255 19.26 -0.56 -25.51
CA TYR B 255 19.08 0.78 -24.97
C TYR B 255 20.30 1.66 -25.16
N GLY B 256 21.16 1.33 -26.13
CA GLY B 256 22.25 2.20 -26.54
C GLY B 256 23.54 2.05 -25.78
N GLY B 257 23.54 1.34 -24.64
CA GLY B 257 24.74 1.18 -23.86
C GLY B 257 25.59 0.03 -24.35
N THR B 258 26.75 -0.14 -23.71
CA THR B 258 27.62 -1.26 -24.02
C THR B 258 28.23 -1.81 -22.75
N TYR B 259 28.31 -3.14 -22.68
CA TYR B 259 29.00 -3.82 -21.59
C TYR B 259 30.49 -3.84 -21.92
N MET B 260 31.30 -3.17 -21.11
CA MET B 260 32.74 -3.12 -21.33
C MET B 260 33.41 -4.14 -20.41
N LEU B 261 33.93 -5.19 -21.01
CA LEU B 261 34.71 -6.19 -20.32
C LEU B 261 36.19 -5.83 -20.38
N ASP B 262 36.98 -6.44 -19.50
CA ASP B 262 38.43 -6.26 -19.48
C ASP B 262 38.83 -4.80 -19.25
N LYS B 263 38.07 -4.07 -18.44
CA LYS B 263 38.34 -2.66 -18.14
C LYS B 263 38.61 -2.54 -16.64
N LYS B 264 39.88 -2.36 -16.25
CA LYS B 264 40.21 -2.22 -14.84
C LYS B 264 39.78 -0.85 -14.33
N VAL B 265 39.28 -0.82 -13.10
CA VAL B 265 38.80 0.41 -12.46
C VAL B 265 39.92 0.94 -11.58
N ASP B 266 40.49 2.08 -11.96
CA ASP B 266 41.60 2.64 -11.21
C ASP B 266 41.12 3.18 -9.86
N ARG B 267 40.11 4.04 -9.86
CA ARG B 267 39.63 4.63 -8.63
C ARG B 267 38.18 5.06 -8.79
N ILE B 268 37.47 5.10 -7.67
CA ILE B 268 36.17 5.75 -7.62
C ILE B 268 36.42 7.20 -7.21
N VAL B 269 35.79 8.13 -7.92
CA VAL B 269 36.02 9.55 -7.69
C VAL B 269 34.88 10.10 -6.86
N TYR B 270 35.22 10.71 -5.73
CA TYR B 270 34.26 11.30 -4.82
C TYR B 270 34.49 12.80 -4.69
N ASP B 271 33.44 13.51 -4.29
CA ASP B 271 33.56 14.95 -4.03
C ASP B 271 33.98 15.14 -2.57
N ASP B 272 34.04 16.40 -2.13
CA ASP B 272 34.48 16.68 -0.76
C ASP B 272 33.47 16.19 0.27
N ASN B 273 32.20 16.10 -0.10
CA ASN B 273 31.19 15.57 0.80
C ASN B 273 31.18 14.05 0.83
N GLY B 274 32.03 13.40 0.05
CA GLY B 274 32.09 11.95 0.01
C GLY B 274 31.14 11.30 -0.97
N HIS B 275 30.43 12.07 -1.78
CA HIS B 275 29.48 11.50 -2.73
C HIS B 275 30.18 11.20 -4.06
N VAL B 276 29.74 10.12 -4.70
CA VAL B 276 30.39 9.70 -5.94
C VAL B 276 30.12 10.72 -7.05
N VAL B 277 31.15 10.97 -7.85
CA VAL B 277 31.00 11.84 -9.02
C VAL B 277 31.49 11.20 -10.30
N GLY B 278 32.31 10.13 -10.25
CA GLY B 278 32.81 9.48 -11.45
C GLY B 278 33.56 8.21 -11.12
N VAL B 279 33.86 7.45 -12.18
CA VAL B 279 34.71 6.28 -12.08
C VAL B 279 35.86 6.45 -13.06
N GLU B 280 37.07 6.15 -12.61
CA GLU B 280 38.29 6.39 -13.39
C GLU B 280 38.85 5.08 -13.89
N SER B 281 39.10 5.01 -15.20
CA SER B 281 39.65 3.82 -15.83
C SER B 281 40.59 4.24 -16.95
N GLY B 282 41.84 3.80 -16.88
CA GLY B 282 42.82 4.12 -17.90
C GLY B 282 43.03 5.60 -18.11
N GLY B 283 43.16 6.35 -17.03
CA GLY B 283 43.37 7.79 -17.12
C GLY B 283 42.17 8.61 -17.54
N GLU B 284 41.05 7.99 -17.88
CA GLU B 284 39.83 8.69 -18.23
C GLU B 284 38.80 8.50 -17.10
N VAL B 285 37.97 9.50 -16.91
CA VAL B 285 36.97 9.50 -15.85
C VAL B 285 35.60 9.63 -16.49
N ALA B 286 34.68 8.74 -16.12
CA ALA B 286 33.30 8.77 -16.58
C ALA B 286 32.43 9.33 -15.46
N LYS B 287 31.83 10.50 -15.69
CA LYS B 287 30.99 11.12 -14.68
C LYS B 287 29.69 10.36 -14.50
N CYS B 288 29.20 10.31 -13.26
CA CYS B 288 27.96 9.62 -12.95
C CYS B 288 27.37 10.20 -11.67
N LYS B 289 26.05 10.03 -11.52
CA LYS B 289 25.38 10.42 -10.29
C LYS B 289 25.38 9.31 -9.24
N MET B 290 25.51 8.06 -9.67
CA MET B 290 25.51 6.91 -8.76
C MET B 290 26.42 5.84 -9.31
N VAL B 291 26.86 4.95 -8.43
CA VAL B 291 27.62 3.77 -8.83
C VAL B 291 27.05 2.54 -8.13
N VAL B 292 27.02 1.42 -8.85
CA VAL B 292 26.48 0.15 -8.37
C VAL B 292 27.51 -0.94 -8.65
N GLY B 293 27.76 -1.79 -7.67
CA GLY B 293 28.74 -2.84 -7.88
C GLY B 293 28.75 -3.84 -6.75
N ASP B 294 29.51 -4.93 -6.97
CA ASP B 294 29.67 -5.98 -5.97
C ASP B 294 30.81 -5.63 -5.03
N PRO B 295 30.88 -6.27 -3.86
CA PRO B 295 31.84 -5.85 -2.83
C PRO B 295 33.29 -5.70 -3.30
N SER B 296 33.73 -6.47 -4.29
CA SER B 296 35.15 -6.43 -4.68
C SER B 296 35.60 -5.06 -5.21
N TYR B 297 34.67 -4.22 -5.67
CA TYR B 297 35.00 -2.91 -6.21
C TYR B 297 35.08 -1.83 -5.14
N PHE B 298 34.57 -2.09 -3.93
CA PHE B 298 34.55 -1.13 -2.83
C PHE B 298 34.99 -1.79 -1.53
N PRO B 299 36.25 -2.22 -1.45
CA PRO B 299 36.70 -2.92 -0.24
C PRO B 299 36.56 -2.08 1.02
N GLU B 300 36.73 -0.77 0.93
CA GLU B 300 36.69 0.10 2.09
C GLU B 300 35.28 0.39 2.57
N LYS B 301 34.26 -0.06 1.83
CA LYS B 301 32.86 0.23 2.18
C LYS B 301 32.05 -1.02 2.51
N VAL B 302 32.71 -2.16 2.72
CA VAL B 302 32.00 -3.39 3.08
C VAL B 302 32.71 -4.01 4.27
N ARG B 303 32.04 -4.99 4.88
CA ARG B 303 32.59 -5.74 5.99
C ARG B 303 32.44 -7.23 5.69
N LYS B 304 33.42 -8.00 6.14
CA LYS B 304 33.40 -9.44 5.94
C LYS B 304 32.32 -10.06 6.83
N THR B 305 31.46 -10.91 6.25
CA THR B 305 30.39 -11.56 7.00
C THR B 305 30.59 -13.06 7.21
N GLY B 306 31.57 -13.67 6.57
CA GLY B 306 31.85 -15.08 6.78
C GLY B 306 32.40 -15.70 5.51
N LYS B 307 32.30 -17.02 5.43
CA LYS B 307 32.75 -17.78 4.27
C LYS B 307 31.68 -18.79 3.88
N VAL B 308 31.73 -19.18 2.61
CA VAL B 308 30.84 -20.20 2.06
C VAL B 308 31.72 -21.20 1.30
N ILE B 309 31.58 -22.48 1.62
CA ILE B 309 32.27 -23.51 0.86
C ILE B 309 31.29 -24.05 -0.19
N ARG B 310 31.78 -24.18 -1.42
CA ARG B 310 31.07 -24.86 -2.49
C ARG B 310 31.99 -25.96 -3.01
N VAL B 311 31.52 -27.19 -2.94
CA VAL B 311 32.25 -28.36 -3.42
C VAL B 311 31.56 -28.83 -4.68
N ILE B 312 32.29 -28.79 -5.79
CA ILE B 312 31.76 -29.08 -7.12
C ILE B 312 32.20 -30.49 -7.49
N CYS B 313 31.22 -31.37 -7.73
CA CYS B 313 31.48 -32.78 -7.98
C CYS B 313 30.95 -33.18 -9.35
N ILE B 314 31.80 -33.82 -10.14
CA ILE B 314 31.41 -34.42 -11.42
C ILE B 314 31.10 -35.89 -11.17
N LEU B 315 29.89 -36.31 -11.52
CA LEU B 315 29.43 -37.67 -11.31
C LEU B 315 29.13 -38.37 -12.65
N SER B 316 29.29 -39.68 -12.67
CA SER B 316 28.85 -40.52 -13.78
C SER B 316 27.60 -41.33 -13.42
N HIS B 317 26.81 -40.84 -12.48
CA HIS B 317 25.64 -41.54 -11.98
C HIS B 317 24.77 -40.50 -11.29
N PRO B 318 23.45 -40.69 -11.26
CA PRO B 318 22.60 -39.81 -10.46
C PRO B 318 22.84 -40.05 -8.97
N VAL B 319 22.36 -39.10 -8.17
CA VAL B 319 22.49 -39.22 -6.71
C VAL B 319 21.55 -40.32 -6.23
N LYS B 320 22.07 -41.20 -5.37
CA LYS B 320 21.24 -42.26 -4.82
C LYS B 320 20.03 -41.66 -4.11
N SER B 321 18.90 -42.35 -4.19
CA SER B 321 17.63 -42.02 -3.55
C SER B 321 16.93 -40.83 -4.18
N THR B 322 17.39 -40.32 -5.32
CA THR B 322 16.68 -39.28 -6.05
C THR B 322 15.89 -39.83 -7.23
N GLU B 323 15.70 -41.15 -7.30
CA GLU B 323 14.91 -41.79 -8.36
C GLU B 323 15.47 -41.49 -9.74
N ASN B 324 16.80 -41.56 -9.87
CA ASN B 324 17.52 -41.34 -11.15
C ASN B 324 17.25 -39.96 -11.73
N ALA B 325 16.95 -38.99 -10.87
CA ALA B 325 16.70 -37.64 -11.34
C ALA B 325 17.94 -37.07 -12.01
N LYS B 326 17.72 -36.44 -13.17
CA LYS B 326 18.82 -35.85 -13.92
C LYS B 326 19.06 -34.40 -13.54
N SER B 327 18.20 -33.81 -12.70
CA SER B 327 18.41 -32.51 -12.10
C SER B 327 17.62 -32.48 -10.81
N SER B 328 18.15 -31.83 -9.78
CA SER B 328 17.51 -32.02 -8.48
C SER B 328 17.99 -30.97 -7.48
N GLN B 329 17.06 -30.57 -6.61
CA GLN B 329 17.34 -29.80 -5.41
C GLN B 329 17.36 -30.76 -4.21
N ILE B 330 18.38 -30.63 -3.35
CA ILE B 330 18.49 -31.44 -2.13
C ILE B 330 18.84 -30.51 -0.97
N ILE B 331 17.96 -30.45 0.02
CA ILE B 331 18.15 -29.61 1.20
C ILE B 331 18.57 -30.49 2.38
N PHE B 332 19.60 -30.05 3.11
CA PHE B 332 20.08 -30.74 4.31
C PHE B 332 19.85 -29.83 5.50
N PRO B 333 18.70 -29.94 6.16
CA PRO B 333 18.41 -29.04 7.29
C PRO B 333 19.44 -29.20 8.41
N GLN B 334 19.76 -28.07 9.06
CA GLN B 334 20.80 -28.06 10.07
C GLN B 334 20.48 -28.97 11.24
N LYS B 335 19.20 -29.08 11.61
CA LYS B 335 18.87 -29.93 12.76
C LYS B 335 19.11 -31.41 12.47
N GLN B 336 19.29 -31.78 11.20
CA GLN B 336 19.61 -33.14 10.80
C GLN B 336 21.10 -33.41 10.72
N THR B 337 21.94 -32.40 10.90
CA THR B 337 23.38 -32.56 10.72
C THR B 337 24.20 -32.13 11.93
N GLY B 338 23.58 -31.65 12.99
CA GLY B 338 24.31 -31.14 14.13
C GLY B 338 25.04 -29.84 13.85
N ARG B 339 24.45 -28.98 13.02
CA ARG B 339 25.07 -27.73 12.60
C ARG B 339 24.12 -26.58 12.86
N LYS B 340 24.62 -25.36 12.64
CA LYS B 340 23.80 -24.16 12.73
C LYS B 340 23.52 -23.56 11.35
N HIS B 341 23.88 -24.25 10.28
CA HIS B 341 23.60 -23.77 8.94
C HIS B 341 23.23 -24.95 8.05
N ASP B 342 22.22 -24.74 7.21
CA ASP B 342 21.81 -25.77 6.28
C ASP B 342 22.90 -26.00 5.24
N ILE B 343 22.93 -27.23 4.71
CA ILE B 343 23.77 -27.58 3.57
C ILE B 343 22.87 -27.79 2.37
N TYR B 344 23.31 -27.31 1.21
CA TYR B 344 22.54 -27.36 -0.03
C TYR B 344 23.28 -28.17 -1.06
N CYS B 345 22.54 -29.01 -1.80
CA CYS B 345 23.12 -29.72 -2.93
C CYS B 345 22.18 -29.60 -4.11
N CYS B 346 22.66 -28.99 -5.20
CA CYS B 346 21.89 -28.94 -6.43
C CYS B 346 22.60 -29.77 -7.48
N VAL B 347 21.79 -30.48 -8.28
CA VAL B 347 22.28 -31.43 -9.28
C VAL B 347 21.75 -31.00 -10.64
N THR B 348 22.65 -30.84 -11.59
CA THR B 348 22.30 -30.58 -12.98
C THR B 348 23.13 -31.51 -13.84
N SER B 349 22.78 -31.61 -15.12
CA SER B 349 23.42 -32.61 -15.96
C SER B 349 23.32 -32.20 -17.43
N PHE B 350 23.41 -33.20 -18.30
CA PHE B 350 23.25 -33.01 -19.73
CA PHE B 350 23.28 -32.97 -19.73
C PHE B 350 21.91 -32.39 -20.10
N THR B 351 20.89 -32.56 -19.24
CA THR B 351 19.55 -32.08 -19.55
C THR B 351 19.44 -30.56 -19.53
N HIS B 352 20.36 -29.86 -18.88
CA HIS B 352 20.48 -28.41 -18.99
C HIS B 352 21.71 -28.01 -19.79
N HIS B 353 22.33 -28.98 -20.48
CA HIS B 353 23.52 -28.75 -21.30
C HIS B 353 24.61 -28.05 -20.51
N VAL B 354 24.79 -28.49 -19.26
CA VAL B 354 25.91 -28.07 -18.43
C VAL B 354 26.96 -29.15 -18.29
N ALA B 355 26.68 -30.36 -18.77
CA ALA B 355 27.61 -31.48 -18.67
C ALA B 355 27.45 -32.35 -19.89
N PRO B 356 28.46 -33.12 -20.26
CA PRO B 356 28.31 -34.08 -21.35
C PRO B 356 27.29 -35.15 -20.99
N ASN B 357 26.91 -35.91 -22.02
CA ASN B 357 25.97 -36.99 -21.85
C ASN B 357 26.51 -38.04 -20.88
N GLY B 358 25.68 -38.39 -19.89
CA GLY B 358 26.08 -39.33 -18.87
C GLY B 358 26.78 -38.71 -17.68
N LYS B 359 26.94 -37.39 -17.64
CA LYS B 359 27.62 -36.70 -16.57
C LYS B 359 26.65 -35.85 -15.76
N TYR B 360 26.94 -35.71 -14.48
CA TYR B 360 26.13 -34.94 -13.56
C TYR B 360 27.02 -33.96 -12.82
N ILE B 361 26.50 -32.75 -12.59
CA ILE B 361 27.17 -31.75 -11.76
C ILE B 361 26.41 -31.66 -10.46
N ALA B 362 27.07 -32.04 -9.36
CA ALA B 362 26.51 -31.95 -8.03
C ALA B 362 27.36 -31.00 -7.21
N ILE B 363 26.76 -29.88 -6.79
CA ILE B 363 27.47 -28.84 -6.06
C ILE B 363 26.89 -28.75 -4.65
N VAL B 364 27.77 -28.89 -3.65
CA VAL B 364 27.41 -28.89 -2.24
C VAL B 364 27.89 -27.57 -1.63
N SER B 365 27.01 -26.86 -0.94
CA SER B 365 27.35 -25.54 -0.42
C SER B 365 26.82 -25.36 1.00
N THR B 366 27.59 -24.65 1.83
CA THR B 366 27.14 -24.29 3.17
C THR B 366 27.99 -23.16 3.72
N THR B 367 27.45 -22.48 4.73
CA THR B 367 28.22 -21.49 5.48
C THR B 367 29.27 -22.17 6.34
N VAL B 368 30.48 -21.62 6.33
CA VAL B 368 31.62 -22.19 7.04
C VAL B 368 31.49 -21.87 8.54
N GLU B 369 31.58 -22.91 9.36
CA GLU B 369 31.53 -22.77 10.82
C GLU B 369 32.86 -23.05 11.49
N SER B 370 33.77 -23.79 10.83
CA SER B 370 34.93 -24.36 11.48
C SER B 370 36.19 -24.11 10.67
N ASP B 371 37.30 -24.68 11.15
CA ASP B 371 38.59 -24.62 10.50
C ASP B 371 38.76 -25.66 9.40
N ASN B 372 37.85 -26.64 9.30
CA ASN B 372 37.88 -27.65 8.25
C ASN B 372 36.56 -27.61 7.51
N PRO B 373 36.40 -26.66 6.59
CA PRO B 373 35.11 -26.56 5.86
C PRO B 373 34.79 -27.79 5.04
N GLU B 374 35.78 -28.39 4.40
CA GLU B 374 35.51 -29.57 3.58
C GLU B 374 34.92 -30.69 4.42
N ASN B 375 35.38 -30.83 5.67
CA ASN B 375 34.83 -31.87 6.53
C ASN B 375 33.40 -31.56 6.95
N GLU B 376 33.02 -30.28 6.98
CA GLU B 376 31.66 -29.91 7.36
C GLU B 376 30.61 -30.47 6.40
N VAL B 377 30.93 -30.60 5.11
CA VAL B 377 29.99 -31.12 4.13
C VAL B 377 30.24 -32.60 3.84
N LYS B 378 31.10 -33.24 4.62
CA LYS B 378 31.42 -34.64 4.34
C LYS B 378 30.19 -35.53 4.36
N VAL B 379 29.20 -35.20 5.19
CA VAL B 379 27.99 -36.02 5.23
C VAL B 379 27.32 -36.06 3.86
N VAL B 380 27.38 -34.95 3.12
CA VAL B 380 26.76 -34.92 1.80
C VAL B 380 27.67 -35.57 0.76
N LEU B 381 28.96 -35.27 0.78
CA LEU B 381 29.86 -35.87 -0.20
C LEU B 381 29.85 -37.39 -0.14
N ASP B 382 29.70 -37.97 1.07
CA ASP B 382 29.63 -39.43 1.19
C ASP B 382 28.41 -40.00 0.47
N LEU B 383 27.32 -39.25 0.38
CA LEU B 383 26.15 -39.72 -0.35
C LEU B 383 26.34 -39.63 -1.87
N LEU B 384 27.34 -38.90 -2.34
CA LEU B 384 27.55 -38.77 -3.78
C LEU B 384 28.47 -39.83 -4.34
N ASN B 385 29.20 -40.55 -3.49
CA ASN B 385 30.23 -41.46 -3.97
C ASN B 385 29.62 -42.52 -4.88
N PRO B 386 30.33 -42.94 -5.93
CA PRO B 386 31.68 -42.45 -6.27
C PRO B 386 31.66 -41.11 -7.02
N ILE B 387 32.69 -40.29 -6.80
CA ILE B 387 32.84 -38.98 -7.41
C ILE B 387 34.01 -39.02 -8.39
N ASP B 388 33.77 -38.59 -9.63
CA ASP B 388 34.84 -38.61 -10.62
C ASP B 388 35.87 -37.51 -10.36
N GLU B 389 35.40 -36.28 -10.16
CA GLU B 389 36.28 -35.14 -9.90
C GLU B 389 35.59 -34.25 -8.89
N LYS B 390 36.39 -33.71 -7.96
CA LYS B 390 35.91 -32.88 -6.87
C LYS B 390 36.74 -31.61 -6.85
N PHE B 391 36.06 -30.46 -6.78
CA PHE B 391 36.71 -29.16 -6.71
C PHE B 391 36.17 -28.40 -5.50
N VAL B 392 37.06 -27.96 -4.63
CA VAL B 392 36.68 -27.23 -3.43
C VAL B 392 36.79 -25.75 -3.72
N TYR B 393 35.69 -25.02 -3.56
CA TYR B 393 35.61 -23.60 -3.93
C TYR B 393 35.14 -22.82 -2.70
N ILE B 394 36.08 -22.18 -2.00
CA ILE B 394 35.77 -21.43 -0.78
C ILE B 394 35.89 -19.94 -1.07
N LEU B 395 34.89 -19.18 -0.64
CA LEU B 395 34.81 -17.74 -0.90
C LEU B 395 34.47 -16.99 0.38
N ASP B 396 35.03 -15.78 0.51
CA ASP B 396 34.61 -14.84 1.54
C ASP B 396 33.33 -14.13 1.10
N THR B 397 32.48 -13.82 2.08
CA THR B 397 31.23 -13.11 1.82
C THR B 397 31.29 -11.72 2.45
N TYR B 398 30.59 -10.77 1.83
CA TYR B 398 30.65 -9.39 2.28
C TYR B 398 29.27 -8.76 2.23
N ALA B 399 29.13 -7.67 2.99
CA ALA B 399 27.92 -6.87 3.01
C ALA B 399 28.31 -5.42 3.19
N PRO B 400 27.58 -4.48 2.56
CA PRO B 400 27.97 -3.08 2.63
C PRO B 400 27.72 -2.51 4.02
N LEU B 401 28.53 -1.50 4.36
CA LEU B 401 28.35 -0.81 5.64
C LEU B 401 27.17 0.16 5.60
N GLU B 402 26.96 0.83 4.47
CA GLU B 402 25.86 1.77 4.30
C GLU B 402 25.02 1.38 3.10
N ASP B 403 23.80 1.90 3.04
CA ASP B 403 22.87 1.52 1.97
C ASP B 403 23.09 2.30 0.67
N GLY B 404 23.95 3.33 0.69
CA GLY B 404 24.27 4.09 -0.51
C GLY B 404 23.55 5.42 -0.66
N LYS B 405 22.55 5.72 0.18
CA LYS B 405 21.81 6.96 -0.01
C LYS B 405 22.66 8.19 0.30
N LYS B 406 23.62 8.08 1.22
CA LYS B 406 24.42 9.26 1.54
C LYS B 406 25.52 9.50 0.50
N ASP B 407 26.20 8.44 0.05
CA ASP B 407 27.35 8.61 -0.82
C ASP B 407 27.10 8.21 -2.27
N GLY B 408 25.94 7.63 -2.59
CA GLY B 408 25.67 7.22 -3.95
C GLY B 408 26.31 5.93 -4.38
N VAL B 409 26.92 5.18 -3.46
CA VAL B 409 27.58 3.93 -3.76
C VAL B 409 26.69 2.80 -3.25
N PHE B 410 26.03 2.10 -4.18
CA PHE B 410 25.09 1.04 -3.87
C PHE B 410 25.76 -0.31 -4.14
N ILE B 411 25.99 -1.06 -3.06
CA ILE B 411 26.77 -2.31 -3.10
C ILE B 411 25.87 -3.50 -2.82
N SER B 412 26.05 -4.55 -3.58
CA SER B 412 25.31 -5.78 -3.40
C SER B 412 25.98 -6.67 -2.34
N LYS B 413 25.20 -7.61 -1.81
CA LYS B 413 25.74 -8.63 -0.93
C LYS B 413 26.33 -9.78 -1.73
N SER B 414 27.33 -10.43 -1.15
CA SER B 414 27.84 -11.66 -1.73
C SER B 414 26.75 -12.73 -1.74
N TYR B 415 26.89 -13.70 -2.62
CA TYR B 415 25.87 -14.74 -2.72
C TYR B 415 26.01 -15.72 -1.57
N ASP B 416 24.89 -15.99 -0.88
CA ASP B 416 24.92 -16.90 0.25
C ASP B 416 24.88 -18.36 -0.24
N ALA B 417 24.91 -19.30 0.70
CA ALA B 417 25.07 -20.70 0.35
C ALA B 417 23.83 -21.32 -0.27
N THR B 418 22.66 -20.69 -0.12
CA THR B 418 21.43 -21.30 -0.65
C THR B 418 21.57 -21.56 -2.15
N THR B 419 20.91 -22.63 -2.62
CA THR B 419 20.87 -23.01 -4.02
C THR B 419 19.57 -22.61 -4.70
N HIS B 420 18.95 -21.54 -4.23
CA HIS B 420 17.83 -20.93 -4.90
C HIS B 420 18.03 -19.42 -4.80
N PHE B 421 17.27 -18.67 -5.60
CA PHE B 421 17.58 -17.27 -5.87
C PHE B 421 16.80 -16.30 -4.99
N GLU B 422 16.04 -16.78 -4.01
CA GLU B 422 15.16 -15.89 -3.26
C GLU B 422 15.95 -14.77 -2.58
N SER B 423 17.06 -15.10 -1.90
CA SER B 423 17.78 -14.09 -1.15
C SER B 423 18.49 -13.10 -2.07
N CYS B 424 19.00 -13.59 -3.21
CA CYS B 424 19.57 -12.69 -4.21
C CYS B 424 18.50 -11.76 -4.78
N ALA B 425 17.28 -12.26 -4.98
CA ALA B 425 16.20 -11.41 -5.47
C ALA B 425 15.85 -10.33 -4.46
N VAL B 426 15.85 -10.68 -3.17
CA VAL B 426 15.59 -9.69 -2.13
C VAL B 426 16.64 -8.59 -2.15
N ASP B 427 17.90 -8.97 -2.36
CA ASP B 427 18.97 -7.99 -2.45
C ASP B 427 18.78 -7.07 -3.65
N ILE B 428 18.34 -7.62 -4.78
CA ILE B 428 18.08 -6.81 -5.97
C ILE B 428 16.98 -5.79 -5.69
N VAL B 429 15.86 -6.24 -5.10
CA VAL B 429 14.76 -5.34 -4.79
C VAL B 429 15.20 -4.24 -3.85
N ASP B 430 15.95 -4.60 -2.81
CA ASP B 430 16.39 -3.59 -1.83
C ASP B 430 17.30 -2.55 -2.48
N ILE B 431 18.28 -3.00 -3.27
CA ILE B 431 19.18 -2.10 -3.96
C ILE B 431 18.42 -1.15 -4.86
N TYR B 432 17.44 -1.66 -5.60
CA TYR B 432 16.68 -0.79 -6.50
C TYR B 432 15.86 0.21 -5.72
N GLU B 433 15.33 -0.20 -4.57
CA GLU B 433 14.58 0.73 -3.72
C GLU B 433 15.48 1.81 -3.14
N ARG B 434 16.69 1.43 -2.73
CA ARG B 434 17.63 2.42 -2.23
C ARG B 434 18.05 3.40 -3.32
N ILE B 435 18.14 2.93 -4.56
CA ILE B 435 18.54 3.80 -5.66
C ILE B 435 17.43 4.79 -6.02
N THR B 436 16.22 4.29 -6.20
CA THR B 436 15.12 5.11 -6.69
C THR B 436 14.36 5.87 -5.60
N GLY B 437 14.51 5.48 -4.34
CA GLY B 437 13.68 6.09 -3.32
C GLY B 437 12.22 5.73 -3.37
N GLU B 438 11.84 4.71 -4.14
CA GLU B 438 10.45 4.29 -4.29
C GLU B 438 10.29 2.81 -3.95
N LYS B 439 9.10 2.46 -3.44
CA LYS B 439 8.80 1.06 -3.18
C LYS B 439 8.72 0.31 -4.50
N PHE B 440 9.28 -0.91 -4.52
CA PHE B 440 9.40 -1.66 -5.76
C PHE B 440 8.01 -1.93 -6.33
N ASP B 441 7.79 -1.47 -7.56
CA ASP B 441 6.50 -1.66 -8.22
C ASP B 441 6.56 -2.96 -9.02
N TRP B 442 5.88 -3.99 -8.52
CA TRP B 442 5.86 -5.29 -9.19
C TRP B 442 4.99 -5.30 -10.46
N ASN B 443 4.44 -4.15 -10.88
CA ASN B 443 3.65 -4.05 -12.10
C ASN B 443 4.30 -3.21 -13.19
N LYS B 444 5.54 -2.74 -12.98
CA LYS B 444 6.22 -1.90 -13.95
C LYS B 444 6.50 -2.63 -15.26
N LYS B 445 6.37 -1.91 -16.38
CA LYS B 445 6.57 -2.39 -17.73
C LYS B 445 7.68 -1.60 -18.41
N PRO B 446 8.44 -2.21 -19.33
CA PRO B 446 9.57 -1.51 -19.94
C PRO B 446 9.14 -0.34 -20.83
N VAL B 447 10.04 0.63 -20.97
CA VAL B 447 9.83 1.79 -21.83
C VAL B 447 10.53 1.59 -23.17
N GLU B 448 10.03 2.28 -24.20
CA GLU B 448 10.58 2.14 -25.55
C GLU B 448 11.93 2.84 -25.66
N PRO B 449 12.96 2.18 -26.22
CA PRO B 449 14.29 2.77 -26.48
C PRO B 449 14.20 4.04 -27.33
N MET C 9 21.11 50.67 31.99
CA MET C 9 20.91 51.64 30.92
C MET C 9 22.22 51.95 30.18
N ASN C 10 23.32 52.03 30.90
CA ASN C 10 24.64 52.26 30.32
C ASN C 10 25.54 51.09 30.66
N GLU C 11 25.34 49.97 29.97
CA GLU C 11 26.11 48.76 30.20
C GLU C 11 26.70 48.33 28.86
N GLU C 12 27.08 47.06 28.75
CA GLU C 12 27.44 46.44 27.48
C GLU C 12 26.45 45.33 27.16
N TYR C 13 26.01 45.28 25.91
CA TYR C 13 25.04 44.29 25.46
C TYR C 13 25.54 43.64 24.17
N ASP C 14 25.01 42.45 23.89
CA ASP C 14 25.26 41.83 22.60
C ASP C 14 24.54 42.59 21.49
N VAL C 15 23.25 42.87 21.69
CA VAL C 15 22.41 43.54 20.69
C VAL C 15 21.51 44.54 21.41
N VAL C 16 21.27 45.68 20.76
CA VAL C 16 20.26 46.63 21.19
C VAL C 16 19.11 46.62 20.17
N VAL C 17 17.88 46.46 20.66
CA VAL C 17 16.69 46.41 19.81
C VAL C 17 15.85 47.66 20.04
N LEU C 18 15.40 48.28 18.95
CA LEU C 18 14.70 49.57 18.97
C LEU C 18 13.31 49.42 18.34
N GLY C 19 12.28 49.73 19.12
CA GLY C 19 10.89 49.63 18.68
C GLY C 19 10.25 48.33 19.12
N THR C 20 8.93 48.38 19.37
CA THR C 20 8.23 47.21 19.89
C THR C 20 7.15 46.70 18.94
N GLY C 21 7.34 46.91 17.65
CA GLY C 21 6.60 46.13 16.67
C GLY C 21 6.91 44.66 16.81
N LEU C 22 6.06 43.84 16.18
CA LEU C 22 6.20 42.40 16.37
C LEU C 22 7.55 41.90 15.85
N THR C 23 7.98 42.38 14.68
CA THR C 23 9.24 41.94 14.11
C THR C 23 10.40 42.15 15.09
N GLU C 24 10.47 43.32 15.70
CA GLU C 24 11.51 43.60 16.67
C GLU C 24 11.36 42.73 17.92
N CYS C 25 10.11 42.51 18.36
CA CYS C 25 9.89 41.69 19.55
C CYS C 25 10.36 40.26 19.33
N VAL C 26 10.06 39.69 18.16
CA VAL C 26 10.41 38.30 17.88
C VAL C 26 11.92 38.16 17.69
N ILE C 27 12.53 39.08 16.94
CA ILE C 27 13.99 39.05 16.78
C ILE C 27 14.66 39.17 18.14
N SER C 28 14.17 40.09 18.96
CA SER C 28 14.71 40.24 20.31
C SER C 28 14.55 38.95 21.11
N GLY C 29 13.37 38.31 21.00
CA GLY C 29 13.16 37.07 21.73
C GLY C 29 14.06 35.94 21.25
N LEU C 30 14.24 35.82 19.93
CA LEU C 30 15.12 34.79 19.41
C LEU C 30 16.55 34.99 19.90
N LEU C 31 17.01 36.25 19.95
CA LEU C 31 18.35 36.51 20.43
C LEU C 31 18.50 36.13 21.89
N SER C 32 17.48 36.39 22.70
CA SER C 32 17.57 36.12 24.13
C SER C 32 17.60 34.62 24.42
N VAL C 33 16.71 33.86 23.78
CA VAL C 33 16.67 32.42 24.07
C VAL C 33 17.91 31.70 23.52
N SER C 34 18.64 32.33 22.61
CA SER C 34 19.91 31.78 22.17
C SER C 34 21.06 32.12 23.10
N GLY C 35 20.81 32.95 24.12
CA GLY C 35 21.82 33.30 25.10
C GLY C 35 22.39 34.69 24.99
N LYS C 36 21.98 35.47 23.99
CA LYS C 36 22.53 36.80 23.82
C LYS C 36 21.94 37.79 24.83
N LYS C 37 22.75 38.76 25.22
CA LYS C 37 22.31 39.81 26.13
C LYS C 37 21.68 40.94 25.32
N VAL C 38 20.39 41.19 25.55
CA VAL C 38 19.59 42.08 24.73
C VAL C 38 19.13 43.26 25.56
N LEU C 39 19.32 44.47 25.02
CA LEU C 39 18.65 45.68 25.50
C LEU C 39 17.58 46.05 24.49
N HIS C 40 16.33 46.19 24.96
CA HIS C 40 15.19 46.50 24.10
C HIS C 40 14.58 47.82 24.55
N MET C 41 14.53 48.80 23.64
CA MET C 41 14.05 50.14 23.96
C MET C 41 12.97 50.58 23.00
N ASP C 42 12.17 51.55 23.46
CA ASP C 42 11.16 52.21 22.66
C ASP C 42 11.02 53.63 23.18
N ARG C 43 10.93 54.60 22.25
CA ARG C 43 10.77 56.00 22.63
C ARG C 43 9.39 56.28 23.21
N ASN C 44 8.36 55.43 22.91
CA ASN C 44 6.98 55.60 23.35
C ASN C 44 6.76 55.01 24.74
N PRO C 45 5.77 55.52 25.48
CA PRO C 45 5.35 54.86 26.72
C PRO C 45 4.44 53.67 26.50
N TYR C 46 4.19 53.29 25.25
CA TYR C 46 3.28 52.21 24.91
C TYR C 46 3.98 51.28 23.92
N TYR C 47 3.39 50.10 23.72
CA TYR C 47 3.93 49.13 22.77
C TYR C 47 3.42 49.37 21.36
N GLY C 48 4.20 48.89 20.38
CA GLY C 48 3.73 48.65 19.04
C GLY C 48 4.07 49.74 18.03
N GLY C 49 4.26 50.98 18.48
CA GLY C 49 4.51 52.05 17.53
C GLY C 49 3.33 52.24 16.60
N GLU C 50 3.59 52.15 15.29
CA GLU C 50 2.52 52.34 14.32
C GLU C 50 1.49 51.21 14.36
N SER C 51 1.83 50.08 14.98
CA SER C 51 0.93 48.93 15.05
C SER C 51 0.33 48.75 16.45
N ALA C 52 0.26 49.82 17.22
CA ALA C 52 -0.19 49.75 18.59
C ALA C 52 -1.67 49.36 18.69
N SER C 53 -2.04 48.92 19.88
CA SER C 53 -3.40 48.51 20.21
C SER C 53 -4.04 49.64 21.01
N LEU C 54 -5.11 50.21 20.47
CA LEU C 54 -5.77 51.36 21.08
C LEU C 54 -7.14 50.96 21.59
N ASN C 55 -7.56 51.61 22.67
CA ASN C 55 -8.94 51.50 23.13
C ASN C 55 -9.77 52.59 22.46
N LEU C 56 -11.06 52.63 22.79
CA LEU C 56 -11.96 53.53 22.07
C LEU C 56 -11.64 54.99 22.36
N ASP C 57 -11.38 55.35 23.62
CA ASP C 57 -11.01 56.72 23.94
C ASP C 57 -9.74 57.14 23.19
N GLN C 58 -8.75 56.25 23.13
CA GLN C 58 -7.49 56.56 22.45
C GLN C 58 -7.70 56.71 20.95
N MET C 59 -8.59 55.92 20.35
CA MET C 59 -8.87 56.05 18.92
C MET C 59 -9.40 57.44 18.58
N PHE C 60 -10.37 57.91 19.36
CA PHE C 60 -10.96 59.22 19.10
C PHE C 60 -9.92 60.32 19.30
N GLU C 61 -9.05 60.15 20.29
CA GLU C 61 -7.96 61.10 20.50
C GLU C 61 -7.03 61.13 19.30
N LYS C 62 -6.70 59.95 18.74
CA LYS C 62 -5.75 59.90 17.63
C LYS C 62 -6.36 60.42 16.34
N PHE C 63 -7.60 60.04 16.02
CA PHE C 63 -8.17 60.29 14.70
C PHE C 63 -9.20 61.41 14.66
N ARG C 64 -9.64 61.93 15.80
CA ARG C 64 -10.70 62.92 15.82
C ARG C 64 -10.32 64.19 16.54
N GLY C 65 -9.37 64.14 17.45
CA GLY C 65 -8.92 65.32 18.17
C GLY C 65 -8.73 65.01 19.65
N GLN C 66 -7.92 65.85 20.31
CA GLN C 66 -7.71 65.69 21.74
C GLN C 66 -9.01 65.85 22.52
N ASP C 67 -9.94 66.66 22.00
CA ASP C 67 -11.19 66.94 22.70
C ASP C 67 -12.33 66.00 22.33
N ALA C 68 -12.21 65.26 21.24
CA ALA C 68 -13.35 64.46 20.79
C ALA C 68 -13.54 63.25 21.70
N LYS C 69 -14.77 63.06 22.17
CA LYS C 69 -15.08 61.94 23.04
C LYS C 69 -16.07 61.01 22.36
N PRO C 70 -15.91 59.69 22.51
CA PRO C 70 -16.77 58.73 21.80
C PRO C 70 -18.18 58.73 22.34
N PRO C 71 -19.18 58.60 21.48
CA PRO C 71 -20.57 58.49 21.94
C PRO C 71 -20.81 57.21 22.72
N ALA C 72 -21.75 57.29 23.68
CA ALA C 72 -22.02 56.17 24.58
C ALA C 72 -22.55 54.96 23.82
N SER C 73 -23.19 55.17 22.67
CA SER C 73 -23.75 54.07 21.91
C SER C 73 -22.69 53.08 21.45
N LEU C 74 -21.41 53.47 21.50
CA LEU C 74 -20.32 52.58 21.12
C LEU C 74 -19.92 51.61 22.23
N GLY C 75 -20.33 51.83 23.47
CA GLY C 75 -20.00 50.92 24.55
C GLY C 75 -18.79 51.35 25.35
N ARG C 76 -18.37 50.46 26.26
CA ARG C 76 -17.29 50.76 27.20
C ARG C 76 -15.96 50.88 26.46
N SER C 77 -15.28 52.01 26.66
CA SER C 77 -14.07 52.29 25.88
C SER C 77 -13.01 51.22 26.06
N ARG C 78 -12.82 50.74 27.28
CA ARG C 78 -11.77 49.77 27.52
C ARG C 78 -12.14 48.36 27.09
N ASP C 79 -13.36 48.14 26.58
CA ASP C 79 -13.71 46.86 25.96
C ASP C 79 -13.08 46.72 24.57
N TYR C 80 -12.50 47.78 24.04
CA TYR C 80 -11.91 47.78 22.72
C TYR C 80 -10.41 47.56 22.82
N ASN C 81 -9.88 46.70 21.96
CA ASN C 81 -8.43 46.52 21.81
C ASN C 81 -8.18 46.51 20.32
N ILE C 82 -8.12 47.69 19.74
CA ILE C 82 -8.06 47.87 18.30
C ILE C 82 -6.60 47.91 17.87
N ASP C 83 -6.16 46.86 17.18
CA ASP C 83 -4.81 46.83 16.62
C ASP C 83 -4.79 47.65 15.33
N LEU C 84 -3.95 48.68 15.29
CA LEU C 84 -3.91 49.54 14.12
C LEU C 84 -3.40 48.81 12.89
N ILE C 85 -2.61 47.76 13.07
CA ILE C 85 -2.15 46.94 11.95
C ILE C 85 -2.50 45.50 12.27
N PRO C 86 -3.74 45.08 12.03
CA PRO C 86 -4.16 43.72 12.38
C PRO C 86 -3.76 42.72 11.30
N LYS C 87 -3.29 41.55 11.75
CA LYS C 87 -2.92 40.45 10.87
C LYS C 87 -3.28 39.13 11.55
N PHE C 88 -3.73 38.17 10.75
CA PHE C 88 -4.01 36.84 11.26
C PHE C 88 -2.78 35.94 11.13
N LEU C 89 -2.73 34.94 11.98
CA LEU C 89 -1.67 33.94 11.97
C LEU C 89 -2.17 32.64 11.35
N MET C 90 -1.41 32.11 10.41
CA MET C 90 -1.65 30.72 9.98
C MET C 90 -1.43 29.78 11.15
N ALA C 91 -2.41 28.92 11.43
CA ALA C 91 -2.40 28.11 12.64
C ALA C 91 -1.11 27.31 12.77
N ASN C 92 -0.53 26.91 11.65
CA ASN C 92 0.75 26.18 11.66
C ASN C 92 1.77 26.85 10.74
N GLY C 93 1.67 28.18 10.56
CA GLY C 93 2.53 28.90 9.65
C GLY C 93 3.88 29.24 10.25
N LYS C 94 4.61 30.09 9.52
CA LYS C 94 6.00 30.36 9.89
C LYS C 94 6.09 31.10 11.22
N LEU C 95 5.26 32.12 11.41
CA LEU C 95 5.33 32.89 12.64
C LEU C 95 4.97 32.03 13.85
N VAL C 96 3.94 31.19 13.73
CA VAL C 96 3.58 30.32 14.84
C VAL C 96 4.75 29.43 15.21
N LYS C 97 5.45 28.91 14.21
CA LYS C 97 6.57 28.02 14.49
C LYS C 97 7.70 28.79 15.16
N ILE C 98 7.94 30.03 14.75
CA ILE C 98 8.94 30.85 15.43
C ILE C 98 8.51 31.15 16.85
N LEU C 99 7.23 31.49 17.05
CA LEU C 99 6.75 31.73 18.41
C LEU C 99 6.93 30.50 19.28
N ARG C 100 6.76 29.30 18.72
CA ARG C 100 7.00 28.09 19.50
C ARG C 100 8.47 27.98 19.89
N MET C 101 9.38 28.33 18.97
CA MET C 101 10.80 28.23 19.27
C MET C 101 11.21 29.16 20.41
N THR C 102 10.59 30.33 20.51
CA THR C 102 10.91 31.24 21.59
C THR C 102 10.33 30.77 22.92
N GLY C 103 9.30 29.94 22.90
CA GLY C 103 8.67 29.46 24.10
C GLY C 103 7.51 30.29 24.63
N VAL C 104 7.19 31.44 23.99
CA VAL C 104 6.12 32.29 24.50
C VAL C 104 4.74 31.65 24.42
N THR C 105 4.57 30.61 23.59
CA THR C 105 3.25 29.99 23.46
C THR C 105 2.83 29.23 24.72
N ARG C 106 3.78 28.89 25.59
CA ARG C 106 3.45 28.22 26.84
C ARG C 106 3.01 29.18 27.93
N TYR C 107 3.10 30.49 27.70
CA TYR C 107 2.71 31.49 28.69
C TYR C 107 1.18 31.52 28.82
N ASN C 108 0.68 32.55 29.48
CA ASN C 108 -0.75 32.79 29.57
C ASN C 108 -1.23 33.63 28.39
N MET C 109 -1.02 33.07 27.21
CA MET C 109 -1.36 33.74 25.97
C MET C 109 -2.26 32.81 25.17
N GLU C 110 -3.45 33.27 24.88
CA GLU C 110 -4.48 32.43 24.30
C GLU C 110 -4.72 32.86 22.86
N PHE C 111 -4.66 31.90 21.96
CA PHE C 111 -5.04 32.09 20.56
C PHE C 111 -6.41 31.48 20.35
N ALA C 112 -7.28 32.22 19.67
CA ALA C 112 -8.58 31.72 19.27
C ALA C 112 -8.65 31.71 17.76
N LEU C 113 -9.38 30.75 17.22
CA LEU C 113 -9.43 30.63 15.77
C LEU C 113 -10.35 31.69 15.18
N VAL C 114 -10.10 32.01 13.94
CA VAL C 114 -10.96 32.88 13.15
C VAL C 114 -12.03 32.00 12.52
N GLU C 115 -13.27 32.48 12.48
CA GLU C 115 -14.35 31.60 12.09
C GLU C 115 -14.48 31.43 10.58
N GLY C 116 -14.13 32.46 9.81
CA GLY C 116 -14.43 32.45 8.40
C GLY C 116 -13.23 32.84 7.54
N SER C 117 -13.19 32.25 6.35
CA SER C 117 -12.20 32.56 5.34
C SER C 117 -12.92 32.74 4.01
N PHE C 118 -12.93 33.97 3.50
CA PHE C 118 -13.75 34.33 2.36
C PHE C 118 -12.92 35.03 1.29
N VAL C 119 -13.44 34.95 0.06
CA VAL C 119 -12.82 35.56 -1.09
C VAL C 119 -13.90 36.26 -1.89
N TYR C 120 -13.53 37.38 -2.51
CA TYR C 120 -14.46 38.19 -3.28
C TYR C 120 -14.35 37.76 -4.74
N HIS C 121 -15.48 37.76 -5.45
CA HIS C 121 -15.49 37.32 -6.84
C HIS C 121 -16.76 37.83 -7.51
N LYS C 122 -16.60 38.57 -8.61
CA LYS C 122 -17.72 39.07 -9.41
C LYS C 122 -18.83 39.65 -8.54
N GLY C 123 -18.44 40.56 -7.65
CA GLY C 123 -19.37 41.30 -6.83
C GLY C 123 -19.90 40.58 -5.61
N GLU C 124 -19.46 39.34 -5.35
CA GLU C 124 -19.97 38.56 -4.23
C GLU C 124 -18.82 38.05 -3.39
N ILE C 125 -19.15 37.72 -2.14
CA ILE C 125 -18.22 37.12 -1.19
C ILE C 125 -18.61 35.66 -1.01
N HIS C 126 -17.63 34.76 -1.11
CA HIS C 126 -17.92 33.35 -0.97
C HIS C 126 -16.87 32.68 -0.12
N LYS C 127 -17.29 31.59 0.52
CA LYS C 127 -16.37 30.79 1.32
C LYS C 127 -15.26 30.24 0.43
N VAL C 128 -14.06 30.15 0.98
CA VAL C 128 -12.91 29.64 0.24
C VAL C 128 -12.93 28.12 0.18
N PRO C 129 -12.96 27.52 -1.01
CA PRO C 129 -12.94 26.06 -1.12
C PRO C 129 -11.53 25.49 -1.11
N ILE C 130 -11.36 24.40 -0.35
CA ILE C 130 -10.06 23.77 -0.15
C ILE C 130 -10.03 22.35 -0.70
N THR C 131 -10.99 21.52 -0.32
CA THR C 131 -11.01 20.13 -0.74
C THR C 131 -11.57 20.01 -2.16
N PRO C 132 -11.25 18.91 -2.86
CA PRO C 132 -11.87 18.69 -4.17
C PRO C 132 -13.39 18.68 -4.14
N THR C 133 -14.00 18.17 -3.05
CA THR C 133 -15.46 18.17 -2.93
C THR C 133 -16.01 19.59 -2.84
N GLU C 134 -15.33 20.46 -2.08
CA GLU C 134 -15.79 21.84 -1.97
C GLU C 134 -15.60 22.58 -3.31
N VAL C 135 -14.47 22.33 -3.97
CA VAL C 135 -14.23 22.96 -5.27
C VAL C 135 -15.24 22.47 -6.30
N ALA C 136 -15.66 21.21 -6.19
CA ALA C 136 -16.65 20.67 -7.12
C ALA C 136 -18.03 21.29 -6.95
N LYS C 137 -18.28 22.01 -5.86
CA LYS C 137 -19.60 22.59 -5.60
C LYS C 137 -19.56 24.10 -5.37
N THR C 138 -18.41 24.78 -5.63
CA THR C 138 -18.28 26.18 -5.23
C THR C 138 -18.95 27.11 -6.26
N PRO C 139 -19.68 28.13 -5.80
CA PRO C 139 -20.24 29.14 -6.72
C PRO C 139 -19.18 30.02 -7.37
N LEU C 140 -17.93 29.93 -6.96
CA LEU C 140 -16.90 30.72 -7.62
C LEU C 140 -16.68 30.30 -9.06
N LEU C 141 -17.12 29.10 -9.44
CA LEU C 141 -16.81 28.53 -10.74
C LEU C 141 -18.08 28.18 -11.51
N GLY C 142 -17.99 28.26 -12.84
CA GLY C 142 -19.07 27.81 -13.69
C GLY C 142 -19.12 26.29 -13.71
N PHE C 143 -20.14 25.77 -14.40
CA PHE C 143 -20.40 24.33 -14.35
C PHE C 143 -19.20 23.52 -14.82
N PHE C 144 -18.63 23.88 -15.97
CA PHE C 144 -17.52 23.08 -16.50
C PHE C 144 -16.20 23.39 -15.82
N GLU C 145 -16.00 24.63 -15.35
CA GLU C 145 -14.79 24.95 -14.60
C GLU C 145 -14.78 24.23 -13.27
N LYS C 146 -15.95 24.02 -12.66
CA LYS C 146 -16.04 23.24 -11.43
C LYS C 146 -15.35 21.89 -11.60
N LEU C 147 -15.62 21.23 -12.71
CA LEU C 147 -15.07 19.90 -12.97
C LEU C 147 -13.56 19.96 -13.21
N LYS C 148 -13.12 20.92 -14.02
CA LYS C 148 -11.70 21.04 -14.33
C LYS C 148 -10.89 21.40 -13.09
N ALA C 149 -11.39 22.32 -12.27
CA ALA C 149 -10.66 22.69 -11.07
C ALA C 149 -10.63 21.55 -10.06
N LYS C 150 -11.67 20.72 -10.03
CA LYS C 150 -11.65 19.55 -9.14
C LYS C 150 -10.51 18.62 -9.51
N LYS C 151 -10.32 18.36 -10.81
CA LYS C 151 -9.20 17.51 -11.22
C LYS C 151 -7.86 18.17 -10.92
N LEU C 152 -7.78 19.49 -11.08
CA LEU C 152 -6.53 20.20 -10.81
C LEU C 152 -6.18 20.12 -9.33
N VAL C 153 -7.15 20.39 -8.46
CA VAL C 153 -6.87 20.39 -7.03
C VAL C 153 -6.61 18.98 -6.52
N SER C 154 -7.30 17.99 -7.08
CA SER C 154 -6.99 16.60 -6.75
C SER C 154 -5.55 16.27 -7.12
N TYR C 155 -5.11 16.70 -8.31
CA TYR C 155 -3.74 16.42 -8.75
C TYR C 155 -2.72 17.06 -7.82
N LEU C 156 -2.98 18.29 -7.38
CA LEU C 156 -2.02 18.99 -6.55
C LEU C 156 -1.90 18.37 -5.16
N TYR C 157 -3.03 17.98 -4.56
CA TYR C 157 -3.01 17.37 -3.24
C TYR C 157 -2.55 15.91 -3.26
N ASP C 158 -2.70 15.22 -4.39
CA ASP C 158 -2.23 13.85 -4.56
C ASP C 158 -0.80 13.79 -5.05
N TYR C 159 -0.17 14.93 -5.32
CA TYR C 159 1.19 14.95 -5.83
C TYR C 159 2.18 14.51 -4.76
N ASP C 160 3.04 13.57 -5.11
CA ASP C 160 4.17 13.17 -4.27
C ASP C 160 5.41 13.26 -5.13
N GLN C 161 6.36 14.09 -4.71
CA GLN C 161 7.57 14.29 -5.50
C GLN C 161 8.37 13.00 -5.64
N ASN C 162 8.44 12.19 -4.58
CA ASN C 162 9.21 10.97 -4.63
C ASN C 162 8.48 9.84 -5.34
N ASN C 163 7.21 10.02 -5.67
CA ASN C 163 6.42 9.01 -6.38
C ASN C 163 6.10 9.50 -7.79
N PRO C 164 6.76 8.99 -8.83
CA PRO C 164 6.48 9.47 -10.19
C PRO C 164 5.11 9.06 -10.73
N LYS C 165 4.43 8.08 -10.13
CA LYS C 165 3.10 7.71 -10.61
C LYS C 165 2.11 8.86 -10.47
N THR C 166 2.28 9.72 -9.45
CA THR C 166 1.39 10.85 -9.22
C THR C 166 1.76 12.08 -10.06
N HIS C 167 2.85 12.03 -10.81
CA HIS C 167 3.30 13.20 -11.55
C HIS C 167 2.37 13.52 -12.72
N GLN C 168 1.86 12.49 -13.38
CA GLN C 168 0.91 12.66 -14.49
C GLN C 168 1.44 13.67 -15.51
N GLY C 169 2.72 13.50 -15.87
CA GLY C 169 3.32 14.30 -16.93
C GLY C 169 3.93 15.62 -16.50
N PHE C 170 4.03 15.90 -15.20
CA PHE C 170 4.61 17.14 -14.72
C PHE C 170 5.65 16.85 -13.64
N ASP C 171 6.73 17.62 -13.65
CA ASP C 171 7.74 17.60 -12.59
C ASP C 171 7.67 18.94 -11.86
N CYS C 172 6.91 18.97 -10.78
CA CYS C 172 6.63 20.21 -10.07
C CYS C 172 7.85 20.78 -9.37
N SER C 173 8.94 20.02 -9.25
CA SER C 173 10.18 20.61 -8.72
C SER C 173 10.77 21.62 -9.69
N LYS C 174 10.53 21.46 -10.98
CA LYS C 174 11.01 22.37 -12.02
C LYS C 174 9.90 23.13 -12.73
N ASP C 175 8.77 22.47 -13.01
CA ASP C 175 7.68 23.12 -13.74
C ASP C 175 6.99 24.17 -12.88
N THR C 176 6.48 25.20 -13.55
CA THR C 176 5.72 26.26 -12.90
C THR C 176 4.22 26.03 -13.03
N MET C 177 3.45 26.84 -12.29
CA MET C 177 2.01 26.68 -12.23
C MET C 177 1.30 27.01 -13.54
N ASP C 178 1.85 27.93 -14.34
CA ASP C 178 1.15 28.36 -15.54
C ASP C 178 0.95 27.21 -16.52
N LYS C 179 1.94 26.32 -16.65
CA LYS C 179 1.79 25.17 -17.54
C LYS C 179 0.75 24.20 -17.01
N ILE C 180 0.70 24.02 -15.69
CA ILE C 180 -0.31 23.15 -15.09
C ILE C 180 -1.69 23.79 -15.15
N TYR C 181 -1.75 25.11 -14.94
CA TYR C 181 -3.02 25.83 -15.06
C TYR C 181 -3.57 25.70 -16.48
N LYS C 182 -2.75 26.01 -17.49
CA LYS C 182 -3.22 25.95 -18.87
C LYS C 182 -3.59 24.53 -19.28
N TYR C 183 -2.93 23.52 -18.71
CA TYR C 183 -3.23 22.14 -19.06
C TYR C 183 -4.61 21.72 -18.55
N TYR C 184 -4.97 22.12 -17.34
CA TYR C 184 -6.28 21.76 -16.83
C TYR C 184 -7.36 22.72 -17.29
N GLY C 185 -6.98 23.81 -17.97
CA GLY C 185 -7.95 24.73 -18.54
C GLY C 185 -8.73 25.54 -17.52
N VAL C 186 -8.11 25.90 -16.40
CA VAL C 186 -8.78 26.75 -15.43
C VAL C 186 -8.51 28.20 -15.80
N SER C 187 -9.42 29.09 -15.39
CA SER C 187 -9.32 30.52 -15.64
C SER C 187 -9.00 31.27 -14.36
N GLU C 188 -9.11 32.60 -14.41
CA GLU C 188 -8.87 33.42 -13.24
C GLU C 188 -9.86 33.12 -12.12
N ASP C 189 -11.05 32.60 -12.47
CA ASP C 189 -12.02 32.24 -11.45
C ASP C 189 -11.47 31.18 -10.49
N THR C 190 -10.63 30.28 -10.99
CA THR C 190 -9.94 29.31 -10.17
C THR C 190 -8.66 29.87 -9.55
N THR C 191 -7.83 30.54 -10.37
CA THR C 191 -6.52 30.96 -9.91
C THR C 191 -6.60 32.05 -8.84
N ASP C 192 -7.68 32.84 -8.82
CA ASP C 192 -7.79 33.88 -7.79
C ASP C 192 -7.87 33.27 -6.40
N PHE C 193 -8.92 32.47 -6.14
CA PHE C 193 -9.02 31.92 -4.79
C PHE C 193 -7.88 30.96 -4.49
N LEU C 194 -7.41 30.21 -5.49
CA LEU C 194 -6.32 29.25 -5.24
C LEU C 194 -5.01 29.94 -4.91
N GLY C 195 -4.61 30.92 -5.73
CA GLY C 195 -3.34 31.58 -5.54
C GLY C 195 -3.33 32.64 -4.46
N HIS C 196 -4.40 33.42 -4.36
CA HIS C 196 -4.43 34.55 -3.44
C HIS C 196 -5.06 34.23 -2.09
N ALA C 197 -6.14 33.46 -2.08
CA ALA C 197 -6.83 33.19 -0.83
C ALA C 197 -6.36 31.91 -0.17
N VAL C 198 -5.83 30.95 -0.94
CA VAL C 198 -5.33 29.71 -0.35
C VAL C 198 -3.83 29.77 -0.19
N ALA C 199 -3.10 30.02 -1.30
CA ALA C 199 -1.64 30.06 -1.22
C ALA C 199 -1.10 31.38 -0.72
N LEU C 200 -1.95 32.42 -0.65
CA LEU C 200 -1.62 33.71 -0.03
C LEU C 200 -0.60 34.49 -0.84
N TYR C 201 -0.55 34.29 -2.15
CA TYR C 201 0.22 35.19 -3.01
C TYR C 201 -0.52 36.51 -3.16
N THR C 202 0.25 37.57 -3.39
CA THR C 202 -0.31 38.91 -3.55
C THR C 202 -0.45 39.32 -5.00
N ASP C 203 0.18 38.61 -5.91
CA ASP C 203 -0.03 38.78 -7.34
C ASP C 203 0.24 37.44 -8.03
N ASP C 204 0.05 37.41 -9.34
CA ASP C 204 0.15 36.17 -10.11
C ASP C 204 1.53 35.92 -10.70
N SER C 205 2.55 36.67 -10.27
CA SER C 205 3.89 36.47 -10.81
C SER C 205 4.47 35.10 -10.45
N TYR C 206 3.95 34.46 -9.40
CA TYR C 206 4.42 33.12 -9.02
C TYR C 206 4.18 32.09 -10.12
N MET C 207 3.22 32.35 -11.02
CA MET C 207 2.89 31.37 -12.04
C MET C 207 4.06 31.10 -12.97
N THR C 208 5.02 32.02 -13.05
CA THR C 208 6.17 31.86 -13.91
C THR C 208 7.51 31.93 -13.18
N THR C 209 7.54 32.37 -11.92
CA THR C 209 8.80 32.63 -11.23
C THR C 209 9.14 31.59 -10.17
N VAL C 210 8.22 30.73 -9.77
CA VAL C 210 8.50 29.78 -8.71
C VAL C 210 8.07 28.38 -9.16
N PRO C 211 8.75 27.33 -8.72
CA PRO C 211 8.30 25.98 -9.07
C PRO C 211 6.92 25.71 -8.48
N ALA C 212 6.12 24.94 -9.22
CA ALA C 212 4.77 24.63 -8.78
C ALA C 212 4.74 23.95 -7.41
N LEU C 213 5.78 23.20 -7.07
CA LEU C 213 5.83 22.51 -5.79
C LEU C 213 5.80 23.48 -4.62
N GLU C 214 6.30 24.70 -4.81
CA GLU C 214 6.16 25.72 -3.77
C GLU C 214 4.69 26.05 -3.54
N VAL C 215 3.91 26.14 -4.62
CA VAL C 215 2.48 26.38 -4.49
C VAL C 215 1.80 25.23 -3.76
N ILE C 216 2.16 23.99 -4.09
CA ILE C 216 1.58 22.84 -3.42
C ILE C 216 1.88 22.89 -1.92
N GLU C 217 3.10 23.29 -1.57
CA GLU C 217 3.44 23.40 -0.15
C GLU C 217 2.54 24.43 0.53
N ARG C 218 2.27 25.54 -0.15
CA ARG C 218 1.41 26.57 0.44
C ARG C 218 0.00 26.07 0.64
N MET C 219 -0.52 25.29 -0.31
CA MET C 219 -1.86 24.74 -0.17
C MET C 219 -1.91 23.76 1.01
N ARG C 220 -0.86 22.97 1.20
CA ARG C 220 -0.82 22.06 2.33
C ARG C 220 -0.78 22.83 3.64
N LEU C 221 -0.07 23.96 3.68
CA LEU C 221 -0.05 24.79 4.89
C LEU C 221 -1.45 25.26 5.25
N TYR C 222 -2.24 25.66 4.25
CA TYR C 222 -3.62 26.08 4.51
C TYR C 222 -4.42 24.90 5.06
N GLU C 223 -4.34 23.75 4.40
CA GLU C 223 -5.10 22.61 4.86
C GLU C 223 -4.61 22.13 6.22
N ASP C 224 -3.30 22.15 6.44
CA ASP C 224 -2.76 21.73 7.74
C ASP C 224 -3.24 22.66 8.85
N SER C 225 -3.17 23.97 8.61
CA SER C 225 -3.63 24.93 9.62
C SER C 225 -5.12 24.78 9.90
N LEU C 226 -5.91 24.53 8.85
CA LEU C 226 -7.35 24.34 9.00
C LEU C 226 -7.65 23.08 9.82
N ASN C 227 -6.87 22.03 9.62
CA ASN C 227 -7.06 20.76 10.34
C ASN C 227 -6.68 20.83 11.81
N MET C 228 -6.03 21.90 12.27
CA MET C 228 -5.54 21.90 13.65
C MET C 228 -6.67 22.10 14.65
N TYR C 229 -7.52 23.12 14.44
CA TYR C 229 -8.64 23.39 15.32
C TYR C 229 -9.98 23.38 14.61
N GLY C 230 -10.00 23.60 13.30
CA GLY C 230 -11.20 23.62 12.51
C GLY C 230 -11.62 25.04 12.14
N LYS C 231 -12.64 25.10 11.27
CA LYS C 231 -13.29 26.32 10.79
C LYS C 231 -12.48 27.18 9.80
N SER C 232 -11.23 27.47 10.09
CA SER C 232 -10.41 28.28 9.19
C SER C 232 -8.95 28.03 9.54
N PRO C 233 -8.02 28.45 8.68
CA PRO C 233 -6.60 28.25 8.99
C PRO C 233 -6.01 29.32 9.89
N TYR C 234 -6.81 30.29 10.30
CA TYR C 234 -6.31 31.48 10.97
C TYR C 234 -6.61 31.46 12.45
N VAL C 235 -5.65 31.91 13.24
CA VAL C 235 -5.85 32.19 14.65
C VAL C 235 -5.47 33.64 14.90
N TYR C 236 -5.85 34.14 16.08
CA TYR C 236 -5.65 35.52 16.46
C TYR C 236 -5.61 35.48 17.98
N PRO C 237 -4.76 36.28 18.62
CA PRO C 237 -4.66 36.22 20.08
C PRO C 237 -5.89 36.84 20.75
N MET C 238 -6.30 36.24 21.85
CA MET C 238 -7.31 36.85 22.70
C MET C 238 -6.79 38.20 23.18
N TYR C 239 -7.64 39.23 23.09
CA TYR C 239 -7.31 40.64 23.35
C TYR C 239 -6.44 41.26 22.27
N GLY C 240 -6.12 40.53 21.20
CA GLY C 240 -5.45 41.12 20.06
C GLY C 240 -3.94 41.04 20.13
N LEU C 241 -3.32 41.57 19.08
CA LEU C 241 -1.87 41.47 18.93
C LEU C 241 -1.09 42.21 20.01
N GLY C 242 -1.76 43.10 20.75
CA GLY C 242 -1.11 43.77 21.88
C GLY C 242 -0.65 42.83 22.97
N GLU C 243 -1.14 41.59 22.98
CA GLU C 243 -0.64 40.62 23.96
C GLU C 243 0.77 40.16 23.62
N LEU C 244 1.14 40.20 22.36
CA LEU C 244 2.45 39.68 21.98
C LEU C 244 3.60 40.51 22.57
N PRO C 245 3.61 41.84 22.49
CA PRO C 245 4.72 42.58 23.13
C PRO C 245 4.82 42.34 24.62
N GLN C 246 3.69 42.04 25.28
CA GLN C 246 3.70 41.85 26.73
C GLN C 246 4.47 40.59 27.11
N VAL C 247 4.22 39.48 26.42
CA VAL C 247 4.91 38.24 26.78
C VAL C 247 6.39 38.29 26.43
N PHE C 248 6.75 38.98 25.34
CA PHE C 248 8.15 39.08 24.95
C PHE C 248 8.95 39.95 25.92
N ALA C 249 8.31 40.99 26.48
CA ALA C 249 8.96 41.76 27.52
C ALA C 249 9.15 40.92 28.79
N ARG C 250 8.17 40.06 29.12
CA ARG C 250 8.36 39.13 30.22
C ARG C 250 9.41 38.09 29.87
N LEU C 251 9.42 37.63 28.63
CA LEU C 251 10.46 36.70 28.19
C LEU C 251 11.84 37.34 28.28
N CYS C 252 11.94 38.62 27.91
CA CYS C 252 13.22 39.31 27.91
C CYS C 252 13.84 39.38 29.31
N ALA C 253 13.05 39.70 30.33
CA ALA C 253 13.61 39.76 31.68
C ALA C 253 14.07 38.40 32.16
N VAL C 254 13.30 37.34 31.84
CA VAL C 254 13.67 35.99 32.23
C VAL C 254 15.05 35.62 31.68
N TYR C 255 15.40 36.13 30.51
CA TYR C 255 16.70 35.86 29.88
C TYR C 255 17.71 36.98 30.11
N GLY C 256 17.54 37.78 31.16
CA GLY C 256 18.55 38.73 31.60
C GLY C 256 18.49 40.13 31.00
N GLY C 257 17.69 40.35 29.96
CA GLY C 257 17.57 41.68 29.37
C GLY C 257 16.53 42.54 30.08
N THR C 258 16.35 43.76 29.57
CA THR C 258 15.29 44.63 30.06
C THR C 258 14.64 45.37 28.91
N TYR C 259 13.31 45.45 28.94
CA TYR C 259 12.54 46.31 28.02
C TYR C 259 12.43 47.70 28.65
N MET C 260 13.02 48.70 28.01
CA MET C 260 12.94 50.08 28.49
C MET C 260 11.96 50.85 27.59
N LEU C 261 10.81 51.21 28.13
CA LEU C 261 9.89 52.05 27.40
C LEU C 261 10.13 53.52 27.76
N ASP C 262 9.64 54.41 26.90
CA ASP C 262 9.73 55.85 27.10
C ASP C 262 11.19 56.33 27.24
N LYS C 263 12.11 55.69 26.50
CA LYS C 263 13.53 56.07 26.46
C LYS C 263 13.86 56.51 25.04
N LYS C 264 14.05 57.81 24.84
CA LYS C 264 14.35 58.35 23.52
C LYS C 264 15.78 58.02 23.11
N VAL C 265 15.96 57.77 21.81
CA VAL C 265 17.27 57.43 21.24
C VAL C 265 17.89 58.71 20.68
N ASP C 266 18.98 59.17 21.32
CA ASP C 266 19.62 60.41 20.89
C ASP C 266 20.36 60.21 19.57
N ARG C 267 21.26 59.22 19.51
CA ARG C 267 22.07 59.00 18.33
C ARG C 267 22.56 57.56 18.32
N ILE C 268 22.88 57.08 17.14
CA ILE C 268 23.61 55.83 16.95
C ILE C 268 25.10 56.16 16.86
N VAL C 269 25.93 55.38 17.53
CA VAL C 269 27.37 55.60 17.59
C VAL C 269 28.06 54.62 16.64
N TYR C 270 28.86 55.14 15.71
CA TYR C 270 29.60 54.34 14.76
C TYR C 270 31.10 54.56 14.94
N ASP C 271 31.90 53.57 14.53
CA ASP C 271 33.35 53.69 14.60
C ASP C 271 33.90 54.27 13.29
N ASP C 272 35.23 54.30 13.17
CA ASP C 272 35.87 54.89 11.99
C ASP C 272 35.58 54.10 10.72
N ASN C 273 35.33 52.80 10.83
CA ASN C 273 34.94 51.99 9.66
C ASN C 273 33.45 52.08 9.36
N GLY C 274 32.67 52.82 10.15
CA GLY C 274 31.25 52.96 9.92
C GLY C 274 30.36 51.92 10.57
N HIS C 275 30.93 51.03 11.37
CA HIS C 275 30.17 49.99 12.04
C HIS C 275 29.64 50.48 13.37
N VAL C 276 28.44 50.00 13.73
CA VAL C 276 27.80 50.45 14.97
C VAL C 276 28.61 49.95 16.17
N VAL C 277 28.70 50.80 17.18
CA VAL C 277 29.34 50.40 18.43
C VAL C 277 28.47 50.66 19.66
N GLY C 278 27.45 51.51 19.58
CA GLY C 278 26.61 51.78 20.73
C GLY C 278 25.42 52.63 20.35
N VAL C 279 24.47 52.72 21.29
CA VAL C 279 23.31 53.58 21.16
C VAL C 279 23.28 54.52 22.36
N GLU C 280 23.01 55.79 22.10
CA GLU C 280 23.08 56.84 23.11
C GLU C 280 21.68 57.30 23.49
N SER C 281 21.37 57.29 24.78
CA SER C 281 20.07 57.73 25.26
C SER C 281 20.24 58.40 26.61
N GLY C 282 19.78 59.65 26.72
CA GLY C 282 19.85 60.39 27.96
C GLY C 282 21.26 60.56 28.50
N GLY C 283 22.20 60.92 27.63
CA GLY C 283 23.59 61.11 28.03
C GLY C 283 24.35 59.83 28.34
N GLU C 284 23.70 58.67 28.27
CA GLU C 284 24.34 57.38 28.46
C GLU C 284 24.40 56.62 27.14
N VAL C 285 25.46 55.83 26.97
CA VAL C 285 25.67 55.03 25.78
C VAL C 285 25.80 53.58 26.20
N ALA C 286 25.03 52.71 25.55
CA ALA C 286 25.11 51.27 25.76
C ALA C 286 25.85 50.68 24.56
N LYS C 287 27.03 50.14 24.81
CA LYS C 287 27.83 49.53 23.76
C LYS C 287 27.20 48.22 23.31
N CYS C 288 27.31 47.93 22.02
CA CYS C 288 26.75 46.72 21.46
C CYS C 288 27.48 46.38 20.18
N LYS C 289 27.43 45.09 19.82
CA LYS C 289 28.01 44.65 18.57
C LYS C 289 27.05 44.86 17.40
N MET C 290 25.75 44.93 17.68
CA MET C 290 24.73 45.09 16.64
C MET C 290 23.59 45.93 17.20
N VAL C 291 22.83 46.51 16.29
CA VAL C 291 21.57 47.19 16.63
C VAL C 291 20.50 46.71 15.66
N VAL C 292 19.29 46.54 16.17
CA VAL C 292 18.14 46.08 15.40
C VAL C 292 16.99 47.05 15.66
N GLY C 293 16.27 47.43 14.60
CA GLY C 293 15.17 48.36 14.81
C GLY C 293 14.31 48.52 13.57
N ASP C 294 13.18 49.21 13.76
CA ASP C 294 12.24 49.54 12.70
C ASP C 294 12.64 50.83 11.99
N PRO C 295 12.14 51.06 10.77
CA PRO C 295 12.63 52.19 9.96
C PRO C 295 12.62 53.54 10.64
N SER C 296 11.73 53.79 11.60
CA SER C 296 11.64 55.13 12.16
C SER C 296 12.91 55.56 12.89
N TYR C 297 13.73 54.61 13.33
CA TYR C 297 14.93 54.94 14.08
C TYR C 297 16.13 55.25 13.21
N PHE C 298 16.08 54.96 11.91
CA PHE C 298 17.20 55.18 11.01
C PHE C 298 16.71 55.84 9.72
N PRO C 299 16.23 57.09 9.80
CA PRO C 299 15.69 57.73 8.59
C PRO C 299 16.68 57.81 7.44
N GLU C 300 17.97 58.02 7.73
CA GLU C 300 18.97 58.15 6.68
C GLU C 300 19.39 56.82 6.08
N LYS C 301 18.90 55.70 6.59
CA LYS C 301 19.30 54.37 6.13
C LYS C 301 18.15 53.59 5.49
N VAL C 302 17.01 54.25 5.23
CA VAL C 302 15.86 53.61 4.62
C VAL C 302 15.36 54.49 3.47
N ARG C 303 14.50 53.91 2.64
CA ARG C 303 13.87 54.62 1.53
C ARG C 303 12.38 54.37 1.56
N LYS C 304 11.61 55.37 1.10
CA LYS C 304 10.17 55.21 0.99
C LYS C 304 9.85 54.20 -0.10
N THR C 305 8.97 53.25 0.21
CA THR C 305 8.54 52.24 -0.76
C THR C 305 7.10 52.40 -1.21
N GLY C 306 6.33 53.28 -0.59
CA GLY C 306 4.95 53.50 -0.97
C GLY C 306 4.14 53.86 0.27
N LYS C 307 2.82 53.66 0.16
CA LYS C 307 1.91 53.93 1.25
C LYS C 307 0.95 52.76 1.40
N VAL C 308 0.37 52.64 2.60
CA VAL C 308 -0.68 51.66 2.87
C VAL C 308 -1.81 52.37 3.60
N ILE C 309 -3.02 52.24 3.08
CA ILE C 309 -4.21 52.75 3.75
C ILE C 309 -4.84 51.60 4.53
N ARG C 310 -5.18 51.87 5.79
CA ARG C 310 -5.99 50.97 6.60
C ARG C 310 -7.18 51.77 7.09
N VAL C 311 -8.38 51.31 6.77
CA VAL C 311 -9.61 51.95 7.21
C VAL C 311 -10.22 51.09 8.30
N ILE C 312 -10.34 51.66 9.49
CA ILE C 312 -10.80 50.95 10.67
C ILE C 312 -12.26 51.30 10.88
N CYS C 313 -13.12 50.27 10.88
CA CYS C 313 -14.56 50.43 10.95
C CYS C 313 -15.13 49.67 12.15
N ILE C 314 -15.91 50.35 12.96
CA ILE C 314 -16.66 49.71 14.03
C ILE C 314 -18.06 49.41 13.50
N LEU C 315 -18.45 48.14 13.56
CA LEU C 315 -19.74 47.69 13.06
C LEU C 315 -20.59 47.15 14.19
N SER C 316 -21.91 47.29 14.05
CA SER C 316 -22.88 46.69 14.95
C SER C 316 -23.55 45.48 14.34
N HIS C 317 -22.90 44.85 13.37
CA HIS C 317 -23.47 43.74 12.63
C HIS C 317 -22.31 43.01 11.98
N PRO C 318 -22.45 41.71 11.75
CA PRO C 318 -21.42 41.01 10.97
C PRO C 318 -21.44 41.47 9.53
N VAL C 319 -20.37 41.12 8.80
CA VAL C 319 -20.28 41.49 7.40
C VAL C 319 -21.25 40.64 6.59
N LYS C 320 -21.97 41.29 5.66
CA LYS C 320 -22.89 40.57 4.80
C LYS C 320 -22.15 39.48 4.03
N SER C 321 -22.83 38.35 3.81
CA SER C 321 -22.33 37.20 3.06
C SER C 321 -21.23 36.43 3.77
N THR C 322 -20.92 36.75 5.02
CA THR C 322 -19.98 35.95 5.78
C THR C 322 -20.68 34.97 6.73
N GLU C 323 -21.98 34.76 6.52
CA GLU C 323 -22.75 33.81 7.30
C GLU C 323 -22.66 34.10 8.80
N ASN C 324 -22.79 35.38 9.14
CA ASN C 324 -22.80 35.85 10.53
C ASN C 324 -21.50 35.50 11.27
N ALA C 325 -20.41 35.37 10.53
CA ALA C 325 -19.13 35.08 11.16
C ALA C 325 -18.77 36.21 12.11
N LYS C 326 -18.31 35.85 13.31
CA LYS C 326 -17.92 36.87 14.28
C LYS C 326 -16.46 37.24 14.15
N SER C 327 -15.71 36.54 13.30
CA SER C 327 -14.36 36.91 12.94
C SER C 327 -14.10 36.33 11.56
N SER C 328 -13.31 37.03 10.74
CA SER C 328 -13.24 36.64 9.34
C SER C 328 -12.03 37.22 8.65
N GLN C 329 -11.47 36.43 7.74
CA GLN C 329 -10.54 36.89 6.72
C GLN C 329 -11.32 37.03 5.43
N ILE C 330 -11.14 38.16 4.75
CA ILE C 330 -11.75 38.36 3.44
C ILE C 330 -10.69 38.91 2.51
N ILE C 331 -10.41 38.19 1.42
CA ILE C 331 -9.45 38.60 0.41
C ILE C 331 -10.21 39.16 -0.79
N PHE C 332 -9.77 40.31 -1.30
CA PHE C 332 -10.31 40.93 -2.50
C PHE C 332 -9.24 40.92 -3.59
N PRO C 333 -9.20 39.88 -4.43
CA PRO C 333 -8.15 39.81 -5.45
C PRO C 333 -8.21 41.00 -6.39
N GLN C 334 -7.02 41.45 -6.82
CA GLN C 334 -6.94 42.65 -7.64
C GLN C 334 -7.72 42.50 -8.94
N LYS C 335 -7.77 41.30 -9.51
CA LYS C 335 -8.48 41.11 -10.77
C LYS C 335 -9.98 41.28 -10.64
N GLN C 336 -10.52 41.21 -9.42
CA GLN C 336 -11.95 41.42 -9.20
C GLN C 336 -12.31 42.86 -8.87
N THR C 337 -11.32 43.73 -8.68
CA THR C 337 -11.56 45.10 -8.23
C THR C 337 -11.01 46.16 -9.17
N GLY C 338 -10.46 45.77 -10.31
CA GLY C 338 -9.88 46.73 -11.25
C GLY C 338 -8.63 47.41 -10.73
N ARG C 339 -7.81 46.69 -9.97
CA ARG C 339 -6.64 47.25 -9.30
C ARG C 339 -5.42 46.40 -9.63
N LYS C 340 -4.26 46.88 -9.18
CA LYS C 340 -2.99 46.15 -9.31
C LYS C 340 -2.48 45.64 -7.98
N HIS C 341 -3.28 45.74 -6.91
CA HIS C 341 -2.93 45.24 -5.59
C HIS C 341 -4.19 44.69 -4.93
N ASP C 342 -4.03 43.57 -4.22
CA ASP C 342 -5.19 43.02 -3.52
C ASP C 342 -5.62 43.94 -2.37
N ILE C 343 -6.91 43.87 -2.04
CA ILE C 343 -7.47 44.53 -0.88
C ILE C 343 -7.79 43.47 0.16
N TYR C 344 -7.48 43.77 1.40
CA TYR C 344 -7.65 42.84 2.51
C TYR C 344 -8.61 43.46 3.53
N CYS C 345 -9.51 42.64 4.03
CA CYS C 345 -10.42 43.03 5.11
C CYS C 345 -10.44 41.90 6.13
N CYS C 346 -10.04 42.21 7.35
CA CYS C 346 -10.14 41.26 8.45
C CYS C 346 -11.14 41.76 9.49
N VAL C 347 -11.91 40.83 10.04
CA VAL C 347 -12.97 41.15 10.99
C VAL C 347 -12.70 40.41 12.29
N THR C 348 -12.70 41.16 13.39
CA THR C 348 -12.65 40.59 14.73
C THR C 348 -13.73 41.24 15.56
N SER C 349 -14.00 40.65 16.72
CA SER C 349 -15.13 41.11 17.51
C SER C 349 -14.93 40.69 18.97
N PHE C 350 -16.04 40.65 19.71
CA PHE C 350 -16.04 40.27 21.11
C PHE C 350 -15.48 38.86 21.32
N THR C 351 -15.55 38.00 20.30
CA THR C 351 -15.08 36.62 20.49
C THR C 351 -13.56 36.57 20.69
N HIS C 352 -12.84 37.60 20.25
CA HIS C 352 -11.45 37.78 20.60
C HIS C 352 -11.23 38.91 21.61
N HIS C 353 -12.32 39.42 22.20
CA HIS C 353 -12.27 40.48 23.22
C HIS C 353 -11.50 41.70 22.74
N VAL C 354 -11.76 42.09 21.49
CA VAL C 354 -11.23 43.33 20.96
C VAL C 354 -12.31 44.40 20.85
N ALA C 355 -13.57 44.05 21.07
CA ALA C 355 -14.70 44.97 20.96
C ALA C 355 -15.74 44.55 21.98
N PRO C 356 -16.67 45.43 22.34
CA PRO C 356 -17.75 45.04 23.24
C PRO C 356 -18.65 44.01 22.58
N ASN C 357 -19.49 43.39 23.40
CA ASN C 357 -20.48 42.47 22.89
C ASN C 357 -21.40 43.18 21.92
N GLY C 358 -21.56 42.60 20.73
CA GLY C 358 -22.35 43.19 19.68
C GLY C 358 -21.61 44.12 18.75
N LYS C 359 -20.31 44.33 18.94
CA LYS C 359 -19.53 45.21 18.08
C LYS C 359 -18.52 44.40 17.28
N TYR C 360 -18.20 44.91 16.08
CA TYR C 360 -17.27 44.27 15.18
C TYR C 360 -16.22 45.27 14.73
N ILE C 361 -14.97 44.82 14.60
CA ILE C 361 -13.89 45.63 14.06
C ILE C 361 -13.59 45.09 12.67
N ALA C 362 -13.83 45.90 11.64
CA ALA C 362 -13.52 45.52 10.27
C ALA C 362 -12.49 46.51 9.74
N ILE C 363 -11.30 46.01 9.42
CA ILE C 363 -10.20 46.88 8.97
C ILE C 363 -9.85 46.51 7.54
N VAL C 364 -9.92 47.49 6.65
CA VAL C 364 -9.70 47.32 5.22
C VAL C 364 -8.34 47.92 4.89
N SER C 365 -7.51 47.16 4.19
CA SER C 365 -6.14 47.60 3.92
C SER C 365 -5.75 47.27 2.49
N THR C 366 -4.97 48.16 1.88
CA THR C 366 -4.44 47.91 0.55
C THR C 366 -3.27 48.86 0.31
N THR C 367 -2.41 48.49 -0.64
CA THR C 367 -1.36 49.40 -1.08
C THR C 367 -1.98 50.58 -1.81
N VAL C 368 -1.49 51.78 -1.50
CA VAL C 368 -2.04 53.00 -2.08
C VAL C 368 -1.53 53.18 -3.51
N GLU C 369 -2.46 53.39 -4.44
CA GLU C 369 -2.12 53.60 -5.83
C GLU C 369 -2.36 55.01 -6.34
N SER C 370 -3.18 55.80 -5.65
CA SER C 370 -3.68 57.06 -6.20
C SER C 370 -3.58 58.18 -5.17
N ASP C 371 -4.09 59.34 -5.55
CA ASP C 371 -4.14 60.53 -4.71
C ASP C 371 -5.33 60.51 -3.74
N ASN C 372 -6.28 59.60 -3.94
CA ASN C 372 -7.46 59.46 -3.11
C ASN C 372 -7.46 58.03 -2.58
N PRO C 373 -6.68 57.74 -1.55
CA PRO C 373 -6.59 56.35 -1.06
C PRO C 373 -7.93 55.82 -0.60
N GLU C 374 -8.75 56.65 0.05
CA GLU C 374 -10.04 56.17 0.56
C GLU C 374 -10.92 55.65 -0.55
N ASN C 375 -10.88 56.30 -1.71
CA ASN C 375 -11.71 55.86 -2.82
C ASN C 375 -11.29 54.50 -3.33
N GLU C 376 -10.01 54.16 -3.17
CA GLU C 376 -9.51 52.87 -3.65
C GLU C 376 -10.17 51.70 -2.93
N VAL C 377 -10.54 51.85 -1.66
CA VAL C 377 -11.17 50.77 -0.92
C VAL C 377 -12.70 50.95 -0.84
N LYS C 378 -13.25 51.89 -1.60
CA LYS C 378 -14.68 52.15 -1.50
C LYS C 378 -15.50 50.93 -1.82
N VAL C 379 -15.02 50.06 -2.71
CA VAL C 379 -15.77 48.85 -3.05
C VAL C 379 -15.98 47.98 -1.82
N VAL C 380 -15.01 47.95 -0.90
CA VAL C 380 -15.15 47.15 0.31
C VAL C 380 -15.99 47.88 1.36
N LEU C 381 -15.76 49.18 1.55
CA LEU C 381 -16.51 49.95 2.53
C LEU C 381 -18.01 49.94 2.26
N ASP C 382 -18.40 49.92 0.99
CA ASP C 382 -19.83 49.86 0.65
C ASP C 382 -20.44 48.54 1.11
N LEU C 383 -19.66 47.47 1.14
CA LEU C 383 -20.13 46.18 1.62
C LEU C 383 -20.24 46.12 3.13
N LEU C 384 -19.64 47.07 3.85
CA LEU C 384 -19.73 47.07 5.31
C LEU C 384 -20.88 47.89 5.85
N ASN C 385 -21.51 48.74 5.03
CA ASN C 385 -22.51 49.65 5.54
C ASN C 385 -23.67 48.89 6.18
N PRO C 386 -24.26 49.42 7.26
CA PRO C 386 -23.89 50.69 7.90
C PRO C 386 -22.68 50.58 8.83
N ILE C 387 -21.88 51.65 8.88
CA ILE C 387 -20.68 51.69 9.70
C ILE C 387 -20.90 52.69 10.82
N ASP C 388 -20.71 52.26 12.07
CA ASP C 388 -20.94 53.19 13.17
C ASP C 388 -19.85 54.25 13.19
N GLU C 389 -18.59 53.84 13.10
CA GLU C 389 -17.45 54.76 13.18
C GLU C 389 -16.37 54.32 12.21
N LYS C 390 -15.74 55.28 11.55
CA LYS C 390 -14.75 55.01 10.52
C LYS C 390 -13.51 55.85 10.80
N PHE C 391 -12.34 55.21 10.76
CA PHE C 391 -11.06 55.89 10.97
C PHE C 391 -10.13 55.57 9.82
N VAL C 392 -9.60 56.60 9.16
CA VAL C 392 -8.68 56.43 8.04
C VAL C 392 -7.26 56.54 8.55
N TYR C 393 -6.47 55.48 8.34
CA TYR C 393 -5.11 55.37 8.87
C TYR C 393 -4.18 55.07 7.69
N ILE C 394 -3.50 56.10 7.19
CA ILE C 394 -2.58 55.98 6.07
C ILE C 394 -1.14 56.08 6.59
N LEU C 395 -0.28 55.19 6.11
CA LEU C 395 1.12 55.15 6.53
C LEU C 395 2.04 55.07 5.33
N ASP C 396 3.21 55.69 5.47
CA ASP C 396 4.29 55.46 4.53
C ASP C 396 5.00 54.16 4.89
N THR C 397 5.48 53.47 3.87
CA THR C 397 6.23 52.23 4.06
C THR C 397 7.69 52.41 3.66
N TYR C 398 8.56 51.67 4.34
CA TYR C 398 10.01 51.82 4.18
C TYR C 398 10.67 50.44 4.12
N ALA C 399 11.89 50.42 3.56
CA ALA C 399 12.73 49.23 3.45
C ALA C 399 14.18 49.66 3.60
N PRO C 400 15.04 48.83 4.18
CA PRO C 400 16.43 49.24 4.39
C PRO C 400 17.23 49.27 3.09
N LEU C 401 18.21 50.17 3.05
CA LEU C 401 19.11 50.27 1.90
C LEU C 401 20.17 49.18 1.91
N GLU C 402 20.68 48.84 3.10
CA GLU C 402 21.68 47.80 3.25
C GLU C 402 21.13 46.72 4.17
N ASP C 403 21.72 45.52 4.10
CA ASP C 403 21.20 44.41 4.89
C ASP C 403 21.71 44.42 6.33
N GLY C 404 22.66 45.29 6.66
CA GLY C 404 23.13 45.44 8.00
C GLY C 404 24.44 44.73 8.32
N LYS C 405 24.92 43.87 7.41
CA LYS C 405 26.14 43.13 7.72
C LYS C 405 27.36 44.04 7.74
N LYS C 406 27.36 45.11 6.95
CA LYS C 406 28.54 45.97 6.92
C LYS C 406 28.59 46.92 8.13
N ASP C 407 27.46 47.50 8.50
CA ASP C 407 27.43 48.54 9.52
C ASP C 407 26.87 48.06 10.86
N GLY C 408 26.34 46.85 10.93
CA GLY C 408 25.78 46.34 12.16
C GLY C 408 24.39 46.85 12.47
N VAL C 409 23.76 47.54 11.52
CA VAL C 409 22.43 48.12 11.69
C VAL C 409 21.46 47.29 10.87
N PHE C 410 20.65 46.47 11.54
CA PHE C 410 19.70 45.57 10.89
C PHE C 410 18.30 46.15 11.01
N ILE C 411 17.71 46.55 9.88
CA ILE C 411 16.45 47.27 9.87
C ILE C 411 15.36 46.38 9.29
N SER C 412 14.20 46.42 9.93
CA SER C 412 13.05 45.68 9.46
C SER C 412 12.31 46.48 8.40
N LYS C 413 11.48 45.78 7.63
CA LYS C 413 10.58 46.43 6.72
C LYS C 413 9.31 46.88 7.43
N SER C 414 8.71 47.94 6.92
CA SER C 414 7.38 48.32 7.38
C SER C 414 6.41 47.20 7.03
N TYR C 415 5.29 47.17 7.75
CA TYR C 415 4.29 46.13 7.53
C TYR C 415 3.49 46.42 6.27
N ASP C 416 3.35 45.42 5.41
CA ASP C 416 2.57 45.57 4.20
C ASP C 416 1.07 45.46 4.52
N ALA C 417 0.24 45.60 3.49
CA ALA C 417 -1.20 45.69 3.68
C ALA C 417 -1.85 44.35 4.00
N THR C 418 -1.20 43.24 3.71
CA THR C 418 -1.83 41.94 3.91
C THR C 418 -2.26 41.77 5.36
N THR C 419 -3.35 41.02 5.54
CA THR C 419 -3.89 40.70 6.85
C THR C 419 -3.51 39.30 7.31
N HIS C 420 -2.36 38.82 6.87
CA HIS C 420 -1.75 37.64 7.43
C HIS C 420 -0.26 37.91 7.60
N PHE C 421 0.41 37.05 8.34
CA PHE C 421 1.73 37.36 8.88
C PHE C 421 2.86 36.78 8.04
N GLU C 422 2.57 36.19 6.88
CA GLU C 422 3.59 35.45 6.15
C GLU C 422 4.79 36.34 5.82
N SER C 423 4.53 37.55 5.30
CA SER C 423 5.63 38.41 4.87
C SER C 423 6.41 38.96 6.07
N CYS C 424 5.73 39.27 7.17
CA CYS C 424 6.43 39.71 8.37
C CYS C 424 7.33 38.60 8.92
N ALA C 425 6.85 37.35 8.88
CA ALA C 425 7.68 36.24 9.31
C ALA C 425 8.89 36.09 8.40
N VAL C 426 8.69 36.28 7.09
CA VAL C 426 9.80 36.20 6.15
C VAL C 426 10.85 37.26 6.46
N ASP C 427 10.41 38.46 6.84
CA ASP C 427 11.35 39.50 7.22
C ASP C 427 12.11 39.10 8.48
N ILE C 428 11.42 38.49 9.43
CA ILE C 428 12.07 38.06 10.67
C ILE C 428 13.18 37.06 10.35
N VAL C 429 12.85 36.05 9.56
CA VAL C 429 13.84 35.02 9.23
C VAL C 429 15.03 35.64 8.50
N ASP C 430 14.74 36.56 7.57
CA ASP C 430 15.82 37.20 6.83
C ASP C 430 16.73 37.99 7.75
N ILE C 431 16.14 38.82 8.61
CA ILE C 431 16.93 39.60 9.56
C ILE C 431 17.79 38.71 10.44
N TYR C 432 17.21 37.62 10.96
CA TYR C 432 17.98 36.74 11.84
C TYR C 432 19.11 36.05 11.08
N GLU C 433 18.86 35.69 9.82
CA GLU C 433 19.93 35.09 9.02
C GLU C 433 21.03 36.12 8.76
N ARG C 434 20.65 37.38 8.55
CA ARG C 434 21.67 38.42 8.38
C ARG C 434 22.50 38.59 9.64
N ILE C 435 21.88 38.41 10.81
CA ILE C 435 22.60 38.53 12.07
C ILE C 435 23.55 37.36 12.26
N THR C 436 23.05 36.14 12.06
CA THR C 436 23.82 34.93 12.34
C THR C 436 24.72 34.47 11.19
N GLY C 437 24.49 34.94 9.97
CA GLY C 437 25.25 34.42 8.85
C GLY C 437 24.97 32.97 8.52
N GLU C 438 23.95 32.37 9.11
CA GLU C 438 23.62 30.97 8.88
C GLU C 438 22.17 30.86 8.42
N LYS C 439 21.90 29.82 7.63
CA LYS C 439 20.53 29.57 7.21
C LYS C 439 19.70 29.26 8.44
N PHE C 440 18.47 29.76 8.44
CA PHE C 440 17.61 29.65 9.61
C PHE C 440 17.37 28.21 9.98
N ASP C 441 17.68 27.87 11.24
CA ASP C 441 17.49 26.52 11.76
C ASP C 441 16.10 26.42 12.39
N TRP C 442 15.20 25.72 11.69
CA TRP C 442 13.84 25.52 12.17
C TRP C 442 13.72 24.46 13.25
N ASN C 443 14.83 23.85 13.68
CA ASN C 443 14.80 22.86 14.74
C ASN C 443 15.53 23.30 15.99
N LYS C 444 16.04 24.53 16.03
CA LYS C 444 16.73 25.05 17.21
C LYS C 444 15.76 25.17 18.38
N LYS C 445 16.26 24.84 19.58
CA LYS C 445 15.49 24.79 20.81
C LYS C 445 16.04 25.79 21.84
N PRO C 446 15.19 26.32 22.72
CA PRO C 446 15.63 27.34 23.69
C PRO C 446 16.64 26.81 24.70
N VAL C 447 17.45 27.74 25.23
CA VAL C 447 18.42 27.43 26.29
C VAL C 447 17.81 27.79 27.64
N GLU C 448 18.32 27.16 28.69
CA GLU C 448 17.77 27.36 30.03
C GLU C 448 18.12 28.75 30.58
N PRO C 449 17.13 29.50 31.09
CA PRO C 449 17.36 30.78 31.78
C PRO C 449 18.30 30.63 32.98
N MET D 9 -12.45 -57.91 -13.67
CA MET D 9 -13.37 -58.07 -14.80
C MET D 9 -14.63 -58.81 -14.38
N ASN D 10 -15.79 -58.25 -14.74
CA ASN D 10 -17.11 -58.81 -14.47
C ASN D 10 -17.35 -58.95 -12.95
N GLU D 11 -17.52 -57.78 -12.34
CA GLU D 11 -17.75 -57.63 -10.90
C GLU D 11 -18.95 -56.72 -10.70
N GLU D 12 -18.98 -56.01 -9.57
CA GLU D 12 -19.89 -54.89 -9.38
C GLU D 12 -19.06 -53.60 -9.29
N TYR D 13 -19.51 -52.56 -9.98
CA TYR D 13 -18.82 -51.28 -9.99
C TYR D 13 -19.81 -50.15 -9.76
N ASP D 14 -19.28 -49.01 -9.31
CA ASP D 14 -20.11 -47.82 -9.22
C ASP D 14 -20.43 -47.29 -10.62
N VAL D 15 -19.42 -47.15 -11.47
CA VAL D 15 -19.57 -46.59 -12.82
C VAL D 15 -18.72 -47.39 -13.81
N VAL D 16 -19.25 -47.60 -15.01
CA VAL D 16 -18.50 -48.13 -16.13
C VAL D 16 -18.26 -47.01 -17.14
N VAL D 17 -17.02 -46.82 -17.54
CA VAL D 17 -16.63 -45.78 -18.49
C VAL D 17 -16.19 -46.45 -19.78
N LEU D 18 -16.67 -45.94 -20.91
CA LEU D 18 -16.44 -46.54 -22.22
C LEU D 18 -15.72 -45.54 -23.13
N GLY D 19 -14.54 -45.92 -23.60
CA GLY D 19 -13.75 -45.07 -24.47
C GLY D 19 -12.68 -44.30 -23.70
N THR D 20 -11.56 -44.03 -24.36
CA THR D 20 -10.42 -43.38 -23.73
C THR D 20 -10.06 -42.05 -24.39
N GLY D 21 -11.03 -41.35 -24.96
CA GLY D 21 -10.85 -39.93 -25.24
C GLY D 21 -10.64 -39.15 -23.95
N LEU D 22 -10.16 -37.92 -24.09
CA LEU D 22 -9.80 -37.15 -22.88
C LEU D 22 -11.01 -36.95 -21.97
N THR D 23 -12.16 -36.60 -22.55
CA THR D 23 -13.35 -36.35 -21.74
C THR D 23 -13.70 -37.54 -20.85
N GLU D 24 -13.69 -38.75 -21.40
CA GLU D 24 -13.95 -39.94 -20.59
C GLU D 24 -12.82 -40.18 -19.58
N CYS D 25 -11.58 -39.97 -19.99
CA CYS D 25 -10.46 -40.18 -19.07
C CYS D 25 -10.55 -39.25 -17.87
N VAL D 26 -10.94 -38.00 -18.10
CA VAL D 26 -11.00 -37.06 -16.99
C VAL D 26 -12.18 -37.37 -16.09
N ILE D 27 -13.34 -37.67 -16.66
CA ILE D 27 -14.50 -38.05 -15.85
C ILE D 27 -14.17 -39.29 -15.03
N SER D 28 -13.55 -40.29 -15.67
CA SER D 28 -13.18 -41.51 -14.97
C SER D 28 -12.24 -41.23 -13.80
N GLY D 29 -11.25 -40.36 -14.01
CA GLY D 29 -10.34 -40.00 -12.93
C GLY D 29 -11.03 -39.25 -11.80
N LEU D 30 -11.92 -38.32 -12.14
CA LEU D 30 -12.66 -37.57 -11.13
C LEU D 30 -13.48 -38.51 -10.27
N LEU D 31 -14.09 -39.53 -10.88
CA LEU D 31 -14.84 -40.50 -10.11
C LEU D 31 -13.94 -41.32 -9.19
N SER D 32 -12.75 -41.69 -9.68
CA SER D 32 -11.87 -42.55 -8.90
C SER D 32 -11.34 -41.82 -7.67
N VAL D 33 -10.86 -40.59 -7.84
CA VAL D 33 -10.36 -39.84 -6.69
C VAL D 33 -11.47 -39.40 -5.77
N SER D 34 -12.73 -39.46 -6.20
CA SER D 34 -13.85 -39.22 -5.29
C SER D 34 -14.25 -40.44 -4.49
N GLY D 35 -13.64 -41.60 -4.76
CA GLY D 35 -13.90 -42.81 -4.02
C GLY D 35 -14.72 -43.84 -4.77
N LYS D 36 -15.18 -43.55 -5.97
CA LYS D 36 -16.01 -44.48 -6.73
C LYS D 36 -15.17 -45.60 -7.32
N LYS D 37 -15.78 -46.78 -7.41
CA LYS D 37 -15.15 -47.93 -8.04
C LYS D 37 -15.48 -47.91 -9.53
N VAL D 38 -14.44 -47.81 -10.37
CA VAL D 38 -14.61 -47.53 -11.79
C VAL D 38 -14.09 -48.71 -12.61
N LEU D 39 -14.90 -49.17 -13.56
CA LEU D 39 -14.44 -50.05 -14.63
C LEU D 39 -14.36 -49.22 -15.91
N HIS D 40 -13.18 -49.18 -16.52
CA HIS D 40 -12.95 -48.39 -17.73
C HIS D 40 -12.52 -49.32 -18.86
N MET D 41 -13.29 -49.31 -19.95
CA MET D 41 -13.04 -50.21 -21.07
C MET D 41 -12.93 -49.42 -22.37
N ASP D 42 -12.27 -50.05 -23.34
CA ASP D 42 -12.19 -49.51 -24.69
C ASP D 42 -12.10 -50.69 -25.64
N ARG D 43 -12.87 -50.63 -26.73
CA ARG D 43 -12.88 -51.73 -27.69
C ARG D 43 -11.59 -51.82 -28.50
N ASN D 44 -10.83 -50.70 -28.63
CA ASN D 44 -9.61 -50.66 -29.42
C ASN D 44 -8.41 -51.14 -28.62
N PRO D 45 -7.36 -51.64 -29.28
CA PRO D 45 -6.11 -51.92 -28.58
C PRO D 45 -5.24 -50.70 -28.31
N TYR D 46 -5.73 -49.49 -28.60
CA TYR D 46 -4.99 -48.26 -28.41
C TYR D 46 -5.89 -47.25 -27.70
N TYR D 47 -5.30 -46.19 -27.17
CA TYR D 47 -6.05 -45.14 -26.50
C TYR D 47 -6.54 -44.09 -27.49
N GLY D 48 -7.60 -43.39 -27.08
CA GLY D 48 -7.99 -42.14 -27.68
C GLY D 48 -9.13 -42.22 -28.67
N GLY D 49 -9.35 -43.36 -29.30
CA GLY D 49 -10.40 -43.46 -30.31
C GLY D 49 -10.13 -42.52 -31.46
N GLU D 50 -11.09 -41.64 -31.76
CA GLU D 50 -10.94 -40.69 -32.85
C GLU D 50 -9.86 -39.63 -32.58
N SER D 51 -9.44 -39.48 -31.33
CA SER D 51 -8.43 -38.51 -30.95
C SER D 51 -7.10 -39.19 -30.61
N ALA D 52 -6.84 -40.35 -31.21
CA ALA D 52 -5.65 -41.14 -30.91
C ALA D 52 -4.39 -40.43 -31.39
N SER D 53 -3.26 -40.87 -30.82
CA SER D 53 -1.93 -40.38 -31.15
C SER D 53 -1.24 -41.46 -31.99
N LEU D 54 -0.94 -41.13 -33.24
CA LEU D 54 -0.41 -42.10 -34.19
C LEU D 54 1.03 -41.76 -34.54
N ASN D 55 1.81 -42.79 -34.82
CA ASN D 55 3.13 -42.56 -35.39
C ASN D 55 3.01 -42.58 -36.91
N LEU D 56 4.14 -42.39 -37.59
CA LEU D 56 4.08 -42.21 -39.04
C LEU D 56 3.61 -43.47 -39.74
N ASP D 57 4.11 -44.65 -39.33
CA ASP D 57 3.63 -45.90 -39.91
C ASP D 57 2.13 -46.04 -39.73
N GLN D 58 1.62 -45.69 -38.54
CA GLN D 58 0.20 -45.79 -38.28
C GLN D 58 -0.61 -44.82 -39.13
N MET D 59 -0.07 -43.61 -39.36
CA MET D 59 -0.76 -42.64 -40.22
C MET D 59 -0.87 -43.17 -41.64
N PHE D 60 0.22 -43.70 -42.18
CA PHE D 60 0.16 -44.21 -43.55
C PHE D 60 -0.77 -45.41 -43.66
N GLU D 61 -0.75 -46.29 -42.65
CA GLU D 61 -1.67 -47.42 -42.65
C GLU D 61 -3.12 -46.95 -42.62
N LYS D 62 -3.42 -45.95 -41.80
CA LYS D 62 -4.79 -45.48 -41.64
C LYS D 62 -5.26 -44.71 -42.89
N PHE D 63 -4.40 -43.88 -43.47
CA PHE D 63 -4.81 -42.96 -44.53
C PHE D 63 -4.38 -43.38 -45.94
N ARG D 64 -3.53 -44.40 -46.09
CA ARG D 64 -3.06 -44.72 -47.44
C ARG D 64 -3.27 -46.17 -47.84
N GLY D 65 -3.34 -47.08 -46.89
CA GLY D 65 -3.52 -48.49 -47.18
C GLY D 65 -2.70 -49.37 -46.25
N GLN D 66 -3.11 -50.64 -46.17
CA GLN D 66 -2.44 -51.61 -45.30
C GLN D 66 -0.97 -51.81 -45.71
N ASP D 67 -0.66 -51.70 -46.99
CA ASP D 67 0.69 -51.95 -47.47
C ASP D 67 1.56 -50.68 -47.53
N ALA D 68 0.96 -49.49 -47.41
CA ALA D 68 1.68 -48.26 -47.66
C ALA D 68 2.69 -47.94 -46.55
N LYS D 69 3.93 -47.66 -46.95
CA LYS D 69 5.04 -47.32 -46.08
C LYS D 69 5.50 -45.89 -46.35
N PRO D 70 5.85 -45.13 -45.32
CA PRO D 70 6.22 -43.72 -45.52
C PRO D 70 7.55 -43.57 -46.21
N PRO D 71 7.71 -42.58 -47.08
CA PRO D 71 9.02 -42.34 -47.70
C PRO D 71 10.05 -41.94 -46.66
N ALA D 72 11.30 -42.29 -46.94
CA ALA D 72 12.38 -42.07 -45.97
C ALA D 72 12.55 -40.59 -45.65
N SER D 73 12.22 -39.71 -46.60
CA SER D 73 12.41 -38.28 -46.40
C SER D 73 11.59 -37.74 -45.25
N LEU D 74 10.55 -38.47 -44.81
CA LEU D 74 9.71 -38.06 -43.69
C LEU D 74 10.31 -38.36 -42.33
N GLY D 75 11.35 -39.18 -42.27
CA GLY D 75 12.04 -39.46 -41.03
C GLY D 75 11.57 -40.72 -40.35
N ARG D 76 12.12 -40.92 -39.15
CA ARG D 76 11.83 -42.11 -38.36
C ARG D 76 10.42 -42.10 -37.81
N SER D 77 9.69 -43.20 -38.05
CA SER D 77 8.28 -43.27 -37.70
C SER D 77 8.03 -43.06 -36.21
N ARG D 78 8.86 -43.65 -35.35
CA ARG D 78 8.58 -43.57 -33.93
C ARG D 78 8.90 -42.22 -33.32
N ASP D 79 9.50 -41.32 -34.11
CA ASP D 79 9.69 -39.93 -33.72
C ASP D 79 8.42 -39.10 -33.82
N TYR D 80 7.35 -39.65 -34.41
CA TYR D 80 6.08 -38.95 -34.56
C TYR D 80 5.09 -39.37 -33.48
N ASN D 81 4.41 -38.37 -32.88
CA ASN D 81 3.27 -38.57 -31.98
C ASN D 81 2.20 -37.61 -32.45
N ILE D 82 1.46 -38.02 -33.49
CA ILE D 82 0.52 -37.12 -34.14
C ILE D 82 -0.83 -37.31 -33.48
N ASP D 83 -1.25 -36.31 -32.70
CA ASP D 83 -2.59 -36.30 -32.13
C ASP D 83 -3.54 -35.91 -33.23
N LEU D 84 -4.50 -36.79 -33.53
CA LEU D 84 -5.44 -36.55 -34.62
C LEU D 84 -6.34 -35.36 -34.34
N ILE D 85 -6.59 -35.06 -33.07
CA ILE D 85 -7.40 -33.91 -32.70
C ILE D 85 -6.60 -33.08 -31.69
N PRO D 86 -5.62 -32.30 -32.15
CA PRO D 86 -4.78 -31.55 -31.21
C PRO D 86 -5.47 -30.28 -30.73
N LYS D 87 -5.30 -30.01 -29.44
CA LYS D 87 -5.82 -28.82 -28.79
C LYS D 87 -4.81 -28.35 -27.76
N PHE D 88 -4.67 -27.05 -27.64
CA PHE D 88 -3.79 -26.47 -26.64
C PHE D 88 -4.56 -26.20 -25.36
N LEU D 89 -3.83 -26.13 -24.26
CA LEU D 89 -4.43 -25.78 -22.98
C LEU D 89 -4.12 -24.32 -22.69
N MET D 90 -5.15 -23.55 -22.38
CA MET D 90 -4.95 -22.24 -21.78
C MET D 90 -4.31 -22.42 -20.41
N ALA D 91 -3.21 -21.69 -20.17
CA ALA D 91 -2.27 -22.02 -19.11
C ALA D 91 -2.93 -22.17 -17.73
N ASN D 92 -3.94 -21.36 -17.43
CA ASN D 92 -4.62 -21.55 -16.15
C ASN D 92 -6.13 -21.67 -16.35
N GLY D 93 -6.55 -22.24 -17.46
CA GLY D 93 -7.94 -22.36 -17.80
C GLY D 93 -8.60 -23.53 -17.09
N LYS D 94 -9.82 -23.82 -17.53
CA LYS D 94 -10.63 -24.80 -16.82
C LYS D 94 -10.02 -26.20 -16.88
N LEU D 95 -9.54 -26.62 -18.05
CA LEU D 95 -9.04 -27.99 -18.13
C LEU D 95 -7.82 -28.19 -17.24
N VAL D 96 -6.91 -27.22 -17.23
CA VAL D 96 -5.74 -27.31 -16.35
C VAL D 96 -6.18 -27.45 -14.90
N LYS D 97 -7.22 -26.70 -14.51
CA LYS D 97 -7.68 -26.78 -13.14
C LYS D 97 -8.32 -28.14 -12.84
N ILE D 98 -9.08 -28.68 -13.80
CA ILE D 98 -9.68 -30.00 -13.61
C ILE D 98 -8.60 -31.08 -13.55
N LEU D 99 -7.60 -30.99 -14.43
CA LEU D 99 -6.50 -31.96 -14.39
C LEU D 99 -5.78 -31.95 -13.04
N ARG D 100 -5.62 -30.76 -12.45
CA ARG D 100 -4.99 -30.68 -11.14
C ARG D 100 -5.84 -31.36 -10.07
N MET D 101 -7.16 -31.27 -10.19
CA MET D 101 -8.04 -31.90 -9.20
C MET D 101 -7.86 -33.42 -9.17
N THR D 102 -7.62 -34.03 -10.34
CA THR D 102 -7.39 -35.47 -10.41
C THR D 102 -6.02 -35.84 -9.90
N GLY D 103 -5.07 -34.90 -9.91
CA GLY D 103 -3.73 -35.15 -9.45
C GLY D 103 -2.75 -35.66 -10.50
N VAL D 104 -3.22 -35.92 -11.73
CA VAL D 104 -2.32 -36.48 -12.73
C VAL D 104 -1.23 -35.50 -13.15
N THR D 105 -1.41 -34.19 -12.92
CA THR D 105 -0.42 -33.21 -13.37
C THR D 105 0.89 -33.30 -12.58
N ARG D 106 0.87 -33.85 -11.38
CA ARG D 106 2.07 -33.99 -10.58
C ARG D 106 2.90 -35.22 -10.96
N TYR D 107 2.40 -36.07 -11.85
CA TYR D 107 3.09 -37.29 -12.27
C TYR D 107 4.31 -36.94 -13.11
N ASN D 108 4.86 -37.92 -13.84
CA ASN D 108 5.99 -37.66 -14.73
C ASN D 108 5.45 -37.07 -16.03
N MET D 109 4.83 -35.91 -15.87
CA MET D 109 4.13 -35.20 -16.93
C MET D 109 4.60 -33.76 -16.99
N GLU D 110 5.06 -33.32 -18.15
CA GLU D 110 5.57 -31.97 -18.34
C GLU D 110 4.69 -31.21 -19.32
N PHE D 111 4.30 -30.00 -18.95
CA PHE D 111 3.67 -29.09 -19.89
C PHE D 111 4.72 -28.10 -20.38
N ALA D 112 4.79 -27.91 -21.69
CA ALA D 112 5.70 -26.95 -22.28
C ALA D 112 4.92 -25.86 -23.00
N LEU D 113 5.50 -24.67 -23.03
CA LEU D 113 4.79 -23.54 -23.61
C LEU D 113 4.76 -23.64 -25.13
N VAL D 114 3.75 -23.02 -25.71
CA VAL D 114 3.61 -22.82 -27.14
C VAL D 114 4.24 -21.47 -27.50
N GLU D 115 4.97 -21.43 -28.62
CA GLU D 115 5.77 -20.25 -28.92
C GLU D 115 5.00 -19.12 -29.60
N GLY D 116 3.89 -19.41 -30.29
CA GLY D 116 3.24 -18.40 -31.08
C GLY D 116 1.75 -18.33 -30.87
N SER D 117 1.22 -17.11 -31.01
CA SER D 117 -0.22 -16.88 -31.02
C SER D 117 -0.52 -15.88 -32.14
N PHE D 118 -1.20 -16.34 -33.19
CA PHE D 118 -1.40 -15.55 -34.39
C PHE D 118 -2.86 -15.56 -34.84
N VAL D 119 -3.23 -14.50 -35.55
CA VAL D 119 -4.57 -14.33 -36.08
C VAL D 119 -4.48 -13.83 -37.52
N TYR D 120 -5.45 -14.24 -38.32
CA TYR D 120 -5.49 -13.98 -39.76
C TYR D 120 -6.24 -12.70 -40.09
N HIS D 121 -5.79 -12.02 -41.13
CA HIS D 121 -6.44 -10.80 -41.61
C HIS D 121 -5.98 -10.52 -43.02
N LYS D 122 -6.93 -10.40 -43.95
CA LYS D 122 -6.67 -9.98 -45.33
C LYS D 122 -5.44 -10.66 -45.93
N GLY D 123 -5.42 -11.99 -45.85
CA GLY D 123 -4.40 -12.78 -46.50
C GLY D 123 -3.09 -12.92 -45.75
N GLU D 124 -2.97 -12.37 -44.54
CA GLU D 124 -1.75 -12.44 -43.77
C GLU D 124 -2.09 -12.88 -42.35
N ILE D 125 -1.10 -13.44 -41.66
CA ILE D 125 -1.24 -13.79 -40.25
C ILE D 125 -0.32 -12.89 -39.45
N HIS D 126 -0.84 -12.39 -38.33
CA HIS D 126 -0.10 -11.44 -37.50
C HIS D 126 -0.23 -11.85 -36.05
N LYS D 127 0.74 -11.41 -35.24
CA LYS D 127 0.72 -11.67 -33.81
C LYS D 127 -0.52 -11.07 -33.18
N VAL D 128 -1.05 -11.73 -32.17
CA VAL D 128 -2.23 -11.24 -31.47
C VAL D 128 -1.83 -10.08 -30.57
N PRO D 129 -2.37 -8.87 -30.79
CA PRO D 129 -2.00 -7.74 -29.94
C PRO D 129 -2.86 -7.66 -28.69
N ILE D 130 -2.19 -7.34 -27.58
CA ILE D 130 -2.81 -7.37 -26.25
C ILE D 130 -2.94 -5.97 -25.66
N THR D 131 -1.83 -5.24 -25.59
CA THR D 131 -1.81 -3.94 -24.92
C THR D 131 -2.35 -2.84 -25.84
N PRO D 132 -2.82 -1.74 -25.26
CA PRO D 132 -3.18 -0.57 -26.09
C PRO D 132 -2.06 -0.10 -27.01
N THR D 133 -0.80 -0.23 -26.58
CA THR D 133 0.31 0.16 -27.44
C THR D 133 0.41 -0.75 -28.66
N GLU D 134 0.24 -2.07 -28.47
CA GLU D 134 0.33 -3.02 -29.57
C GLU D 134 -0.86 -2.89 -30.51
N VAL D 135 -2.06 -2.65 -29.97
CA VAL D 135 -3.26 -2.50 -30.79
C VAL D 135 -3.17 -1.24 -31.65
N ALA D 136 -2.57 -0.17 -31.12
CA ALA D 136 -2.41 1.06 -31.88
C ALA D 136 -1.43 0.92 -33.04
N LYS D 137 -0.66 -0.16 -33.08
CA LYS D 137 0.35 -0.38 -34.11
C LYS D 137 0.15 -1.69 -34.85
N THR D 138 -0.98 -2.39 -34.61
CA THR D 138 -1.08 -3.74 -35.15
C THR D 138 -1.41 -3.67 -36.63
N PRO D 139 -0.77 -4.52 -37.45
CA PRO D 139 -1.10 -4.53 -38.89
C PRO D 139 -2.49 -5.06 -39.18
N LEU D 140 -3.17 -5.65 -38.19
CA LEU D 140 -4.54 -6.13 -38.39
C LEU D 140 -5.53 -5.03 -38.67
N LEU D 141 -5.20 -3.78 -38.36
CA LEU D 141 -6.17 -2.68 -38.46
C LEU D 141 -5.67 -1.60 -39.40
N GLY D 142 -6.64 -0.92 -40.04
CA GLY D 142 -6.35 0.25 -40.83
C GLY D 142 -6.08 1.46 -39.97
N PHE D 143 -5.72 2.57 -40.64
CA PHE D 143 -5.28 3.76 -39.93
C PHE D 143 -6.35 4.28 -38.99
N PHE D 144 -7.60 4.39 -39.46
CA PHE D 144 -8.65 4.96 -38.64
C PHE D 144 -9.14 3.98 -37.61
N GLU D 145 -9.13 2.68 -37.91
CA GLU D 145 -9.56 1.70 -36.93
C GLU D 145 -8.58 1.56 -35.77
N LYS D 146 -7.27 1.73 -36.05
CA LYS D 146 -6.26 1.70 -34.99
C LYS D 146 -6.59 2.67 -33.86
N LEU D 147 -7.02 3.89 -34.20
CA LEU D 147 -7.31 4.89 -33.18
C LEU D 147 -8.53 4.48 -32.35
N LYS D 148 -9.59 4.03 -33.02
CA LYS D 148 -10.78 3.61 -32.31
C LYS D 148 -10.50 2.37 -31.44
N ALA D 149 -9.71 1.42 -31.96
CA ALA D 149 -9.39 0.22 -31.21
C ALA D 149 -8.42 0.48 -30.07
N LYS D 150 -7.49 1.42 -30.23
CA LYS D 150 -6.59 1.78 -29.13
C LYS D 150 -7.38 2.33 -27.94
N LYS D 151 -8.37 3.18 -28.22
CA LYS D 151 -9.21 3.72 -27.14
C LYS D 151 -10.06 2.62 -26.50
N LEU D 152 -10.57 1.69 -27.31
CA LEU D 152 -11.41 0.61 -26.77
C LEU D 152 -10.61 -0.27 -25.83
N VAL D 153 -9.40 -0.67 -26.24
CA VAL D 153 -8.60 -1.57 -25.41
C VAL D 153 -8.12 -0.87 -24.16
N SER D 154 -7.79 0.41 -24.27
CA SER D 154 -7.41 1.18 -23.08
C SER D 154 -8.53 1.14 -22.05
N TYR D 155 -9.77 1.36 -22.51
CA TYR D 155 -10.90 1.35 -21.60
C TYR D 155 -11.11 -0.03 -20.98
N LEU D 156 -10.97 -1.09 -21.78
CA LEU D 156 -11.18 -2.43 -21.26
C LEU D 156 -10.07 -2.85 -20.31
N TYR D 157 -8.82 -2.49 -20.63
CA TYR D 157 -7.71 -2.85 -19.77
C TYR D 157 -7.66 -2.00 -18.51
N ASP D 158 -8.20 -0.79 -18.55
CA ASP D 158 -8.22 0.09 -17.39
C ASP D 158 -9.48 -0.08 -16.55
N TYR D 159 -10.40 -0.95 -16.98
CA TYR D 159 -11.68 -1.10 -16.27
C TYR D 159 -11.49 -1.80 -14.94
N ASP D 160 -12.05 -1.21 -13.89
CA ASP D 160 -12.14 -1.82 -12.57
C ASP D 160 -13.60 -1.76 -12.15
N GLN D 161 -14.22 -2.93 -11.92
CA GLN D 161 -15.63 -2.95 -11.57
C GLN D 161 -15.89 -2.24 -10.24
N ASN D 162 -14.98 -2.38 -9.29
CA ASN D 162 -15.14 -1.76 -7.97
C ASN D 162 -14.75 -0.28 -7.96
N ASN D 163 -14.15 0.22 -9.03
CA ASN D 163 -13.77 1.64 -9.11
C ASN D 163 -14.65 2.34 -10.13
N PRO D 164 -15.62 3.14 -9.68
CA PRO D 164 -16.56 3.77 -10.64
C PRO D 164 -15.90 4.82 -11.51
N LYS D 165 -14.72 5.33 -11.15
CA LYS D 165 -14.06 6.32 -12.00
C LYS D 165 -13.73 5.74 -13.37
N THR D 166 -13.44 4.45 -13.43
CA THR D 166 -13.09 3.78 -14.67
C THR D 166 -14.31 3.29 -15.47
N HIS D 167 -15.53 3.44 -14.93
CA HIS D 167 -16.71 2.91 -15.61
C HIS D 167 -17.03 3.70 -16.87
N GLN D 168 -16.89 5.03 -16.83
CA GLN D 168 -17.09 5.90 -17.98
C GLN D 168 -18.41 5.63 -18.69
N GLY D 169 -19.48 5.52 -17.91
CA GLY D 169 -20.81 5.38 -18.47
C GLY D 169 -21.25 3.97 -18.77
N PHE D 170 -20.46 2.97 -18.40
CA PHE D 170 -20.83 1.58 -18.63
C PHE D 170 -20.70 0.81 -17.33
N ASP D 171 -21.66 -0.09 -17.10
CA ASP D 171 -21.61 -1.01 -15.98
C ASP D 171 -21.45 -2.37 -16.64
N CYS D 172 -20.19 -2.79 -16.78
CA CYS D 172 -19.91 -4.03 -17.51
C CYS D 172 -20.39 -5.26 -16.76
N SER D 173 -20.76 -5.13 -15.48
CA SER D 173 -21.40 -6.25 -14.80
C SER D 173 -22.78 -6.51 -15.37
N LYS D 174 -23.44 -5.49 -15.93
CA LYS D 174 -24.77 -5.62 -16.52
C LYS D 174 -24.79 -5.39 -18.03
N ASP D 175 -24.04 -4.41 -18.53
CA ASP D 175 -24.03 -4.10 -19.95
C ASP D 175 -23.31 -5.19 -20.75
N THR D 176 -23.74 -5.37 -21.99
CA THR D 176 -23.09 -6.32 -22.88
C THR D 176 -22.07 -5.59 -23.75
N MET D 177 -21.25 -6.37 -24.45
CA MET D 177 -20.12 -5.80 -25.17
C MET D 177 -20.54 -5.03 -26.42
N ASP D 178 -21.67 -5.38 -27.04
CA ASP D 178 -22.05 -4.72 -28.29
C ASP D 178 -22.25 -3.22 -28.10
N LYS D 179 -22.78 -2.80 -26.95
CA LYS D 179 -22.93 -1.37 -26.69
C LYS D 179 -21.57 -0.68 -26.56
N ILE D 180 -20.60 -1.37 -25.96
CA ILE D 180 -19.27 -0.78 -25.82
C ILE D 180 -18.57 -0.71 -27.17
N TYR D 181 -18.73 -1.76 -27.99
CA TYR D 181 -18.15 -1.77 -29.33
C TYR D 181 -18.67 -0.62 -30.18
N LYS D 182 -20.00 -0.48 -30.24
CA LYS D 182 -20.60 0.57 -31.08
C LYS D 182 -20.22 1.96 -30.57
N TYR D 183 -20.01 2.09 -29.25
CA TYR D 183 -19.64 3.40 -28.71
C TYR D 183 -18.27 3.84 -29.21
N TYR D 184 -17.32 2.91 -29.28
CA TYR D 184 -15.99 3.23 -29.77
C TYR D 184 -15.86 3.12 -31.29
N GLY D 185 -16.88 2.63 -31.98
CA GLY D 185 -16.87 2.56 -33.43
C GLY D 185 -15.88 1.61 -34.05
N VAL D 186 -15.64 0.46 -33.44
CA VAL D 186 -14.75 -0.55 -34.00
C VAL D 186 -15.54 -1.43 -34.97
N SER D 187 -14.83 -2.03 -35.93
CA SER D 187 -15.46 -2.88 -36.93
C SER D 187 -15.12 -4.33 -36.64
N GLU D 188 -15.44 -5.20 -37.61
CA GLU D 188 -15.12 -6.62 -37.45
C GLU D 188 -13.62 -6.85 -37.32
N ASP D 189 -12.82 -5.97 -37.93
CA ASP D 189 -11.37 -6.13 -37.84
C ASP D 189 -10.87 -6.06 -36.40
N THR D 190 -11.53 -5.26 -35.56
CA THR D 190 -11.15 -5.18 -34.14
C THR D 190 -11.79 -6.30 -33.33
N THR D 191 -13.09 -6.52 -33.51
CA THR D 191 -13.80 -7.52 -32.71
C THR D 191 -13.36 -8.95 -33.02
N ASP D 192 -12.82 -9.19 -34.21
CA ASP D 192 -12.37 -10.54 -34.56
C ASP D 192 -11.20 -10.98 -33.68
N PHE D 193 -10.07 -10.26 -33.74
CA PHE D 193 -8.94 -10.70 -32.93
C PHE D 193 -9.27 -10.59 -31.44
N LEU D 194 -10.08 -9.59 -31.07
CA LEU D 194 -10.42 -9.43 -29.66
C LEU D 194 -11.33 -10.55 -29.18
N GLY D 195 -12.41 -10.81 -29.91
CA GLY D 195 -13.40 -11.79 -29.49
C GLY D 195 -12.96 -13.22 -29.72
N HIS D 196 -12.30 -13.48 -30.84
CA HIS D 196 -11.94 -14.83 -31.25
C HIS D 196 -10.52 -15.24 -30.84
N ALA D 197 -9.54 -14.36 -30.95
CA ALA D 197 -8.16 -14.75 -30.67
C ALA D 197 -7.73 -14.45 -29.25
N VAL D 198 -8.33 -13.46 -28.57
CA VAL D 198 -7.97 -13.15 -27.20
C VAL D 198 -8.98 -13.78 -26.25
N ALA D 199 -10.27 -13.47 -26.43
CA ALA D 199 -11.32 -13.98 -25.55
C ALA D 199 -11.75 -15.39 -25.91
N LEU D 200 -11.39 -15.88 -27.10
CA LEU D 200 -11.59 -17.27 -27.52
C LEU D 200 -13.05 -17.63 -27.74
N TYR D 201 -13.88 -16.65 -28.11
CA TYR D 201 -15.23 -16.97 -28.56
C TYR D 201 -15.17 -17.55 -29.98
N THR D 202 -16.13 -18.40 -30.29
CA THR D 202 -16.17 -19.05 -31.60
C THR D 202 -17.14 -18.38 -32.56
N ASP D 203 -18.03 -17.55 -32.05
CA ASP D 203 -18.87 -16.67 -32.86
C ASP D 203 -19.15 -15.42 -32.04
N ASP D 204 -19.87 -14.49 -32.65
CA ASP D 204 -20.09 -13.17 -32.05
C ASP D 204 -21.37 -13.07 -31.25
N SER D 205 -22.01 -14.20 -30.91
CA SER D 205 -23.24 -14.13 -30.13
C SER D 205 -23.01 -13.63 -28.71
N TYR D 206 -21.77 -13.71 -28.20
CA TYR D 206 -21.46 -13.20 -26.87
C TYR D 206 -21.70 -11.70 -26.76
N MET D 207 -21.68 -10.98 -27.88
CA MET D 207 -21.79 -9.54 -27.85
C MET D 207 -23.10 -9.07 -27.23
N THR D 208 -24.12 -9.92 -27.19
CA THR D 208 -25.42 -9.57 -26.65
C THR D 208 -25.87 -10.45 -25.50
N THR D 209 -25.22 -11.60 -25.27
CA THR D 209 -25.72 -12.57 -24.32
C THR D 209 -24.93 -12.65 -23.03
N VAL D 210 -23.75 -12.03 -22.96
CA VAL D 210 -22.94 -12.11 -21.74
C VAL D 210 -22.51 -10.70 -21.34
N PRO D 211 -22.43 -10.41 -20.05
CA PRO D 211 -21.99 -9.08 -19.63
C PRO D 211 -20.56 -8.81 -20.05
N ALA D 212 -20.26 -7.55 -20.34
CA ALA D 212 -18.93 -7.16 -20.78
C ALA D 212 -17.85 -7.55 -19.77
N LEU D 213 -18.18 -7.62 -18.48
CA LEU D 213 -17.18 -7.98 -17.49
C LEU D 213 -16.69 -9.41 -17.68
N GLU D 214 -17.55 -10.31 -18.16
CA GLU D 214 -17.11 -11.67 -18.45
C GLU D 214 -16.11 -11.68 -19.59
N VAL D 215 -16.38 -10.91 -20.64
CA VAL D 215 -15.45 -10.82 -21.76
C VAL D 215 -14.12 -10.25 -21.30
N ILE D 216 -14.17 -9.21 -20.46
CA ILE D 216 -12.94 -8.59 -19.96
C ILE D 216 -12.14 -9.60 -19.14
N GLU D 217 -12.82 -10.39 -18.30
CA GLU D 217 -12.10 -11.39 -17.50
C GLU D 217 -11.39 -12.41 -18.39
N ARG D 218 -12.01 -12.79 -19.50
CA ARG D 218 -11.35 -13.74 -20.41
C ARG D 218 -10.08 -13.15 -21.01
N MET D 219 -10.12 -11.87 -21.37
CA MET D 219 -8.93 -11.23 -21.90
C MET D 219 -7.85 -11.12 -20.83
N ARG D 220 -8.23 -10.88 -19.57
CA ARG D 220 -7.25 -10.83 -18.50
C ARG D 220 -6.58 -12.19 -18.32
N LEU D 221 -7.35 -13.28 -18.41
CA LEU D 221 -6.77 -14.62 -18.30
C LEU D 221 -5.74 -14.87 -19.41
N TYR D 222 -6.06 -14.44 -20.63
CA TYR D 222 -5.10 -14.53 -21.73
C TYR D 222 -3.84 -13.74 -21.41
N GLU D 223 -4.01 -12.50 -20.94
CA GLU D 223 -2.84 -11.70 -20.61
C GLU D 223 -2.08 -12.27 -19.42
N ASP D 224 -2.79 -12.81 -18.44
CA ASP D 224 -2.13 -13.36 -17.26
C ASP D 224 -1.24 -14.53 -17.65
N SER D 225 -1.80 -15.49 -18.40
CA SER D 225 -1.04 -16.65 -18.85
C SER D 225 0.07 -16.25 -19.81
N LEU D 226 -0.20 -15.29 -20.70
CA LEU D 226 0.82 -14.86 -21.65
C LEU D 226 2.03 -14.26 -20.94
N ASN D 227 1.82 -13.47 -19.89
CA ASN D 227 2.96 -12.90 -19.18
C ASN D 227 3.69 -13.93 -18.34
N MET D 228 3.03 -15.05 -18.01
CA MET D 228 3.62 -16.10 -17.19
C MET D 228 4.52 -17.00 -18.03
N TYR D 229 4.14 -17.25 -19.27
CA TYR D 229 4.91 -18.10 -20.15
C TYR D 229 5.63 -17.34 -21.25
N GLY D 230 5.25 -16.09 -21.52
CA GLY D 230 6.04 -15.22 -22.38
C GLY D 230 5.57 -15.04 -23.80
N LYS D 231 5.70 -16.11 -24.58
CA LYS D 231 5.38 -16.07 -26.01
C LYS D 231 3.88 -16.23 -26.27
N SER D 232 3.19 -17.04 -25.47
CA SER D 232 1.77 -17.29 -25.70
C SER D 232 1.16 -17.75 -24.38
N PRO D 233 -0.18 -17.73 -24.27
CA PRO D 233 -0.83 -18.22 -23.06
C PRO D 233 -1.05 -19.73 -23.05
N TYR D 234 -0.59 -20.44 -24.07
CA TYR D 234 -0.95 -21.83 -24.30
C TYR D 234 0.18 -22.76 -23.89
N VAL D 235 -0.17 -23.90 -23.31
CA VAL D 235 0.77 -25.00 -23.10
C VAL D 235 0.22 -26.25 -23.79
N TYR D 236 1.09 -27.26 -23.90
CA TYR D 236 0.84 -28.50 -24.60
C TYR D 236 1.75 -29.54 -23.93
N PRO D 237 1.30 -30.78 -23.78
CA PRO D 237 2.13 -31.77 -23.09
C PRO D 237 3.26 -32.27 -23.97
N MET D 238 4.41 -32.47 -23.34
CA MET D 238 5.53 -33.11 -24.00
C MET D 238 5.11 -34.49 -24.46
N TYR D 239 5.41 -34.82 -25.72
CA TYR D 239 5.02 -36.04 -26.42
C TYR D 239 3.53 -36.06 -26.77
N GLY D 240 2.81 -34.96 -26.51
CA GLY D 240 1.46 -34.81 -27.02
C GLY D 240 0.37 -35.35 -26.11
N LEU D 241 -0.87 -35.18 -26.57
CA LEU D 241 -2.03 -35.55 -25.78
C LEU D 241 -2.11 -37.05 -25.50
N GLY D 242 -1.35 -37.87 -26.23
CA GLY D 242 -1.33 -39.30 -25.95
C GLY D 242 -0.79 -39.65 -24.58
N GLU D 243 -0.13 -38.72 -23.90
CA GLU D 243 0.37 -38.97 -22.56
C GLU D 243 -0.77 -38.97 -21.54
N LEU D 244 -1.84 -38.25 -21.83
CA LEU D 244 -2.93 -38.13 -20.85
C LEU D 244 -3.63 -39.46 -20.54
N PRO D 245 -4.04 -40.28 -21.52
CA PRO D 245 -4.64 -41.58 -21.14
C PRO D 245 -3.69 -42.46 -20.38
N GLN D 246 -2.38 -42.31 -20.60
CA GLN D 246 -1.41 -43.13 -19.89
C GLN D 246 -1.39 -42.78 -18.41
N VAL D 247 -1.36 -41.49 -18.08
CA VAL D 247 -1.32 -41.11 -16.67
C VAL D 247 -2.67 -41.41 -16.01
N PHE D 248 -3.77 -41.27 -16.73
CA PHE D 248 -5.07 -41.57 -16.14
C PHE D 248 -5.27 -43.07 -15.91
N ALA D 249 -4.69 -43.92 -16.75
CA ALA D 249 -4.71 -45.36 -16.49
C ALA D 249 -3.88 -45.71 -15.26
N ARG D 250 -2.75 -45.03 -15.06
CA ARG D 250 -1.99 -45.24 -13.82
C ARG D 250 -2.75 -44.67 -12.64
N LEU D 251 -3.43 -43.54 -12.81
CA LEU D 251 -4.26 -43.01 -11.75
C LEU D 251 -5.35 -44.00 -11.35
N CYS D 252 -5.99 -44.62 -12.35
CA CYS D 252 -7.03 -45.60 -12.05
C CYS D 252 -6.44 -46.78 -11.29
N ALA D 253 -5.24 -47.22 -11.66
CA ALA D 253 -4.60 -48.33 -10.96
C ALA D 253 -4.29 -47.99 -9.52
N VAL D 254 -3.87 -46.75 -9.27
CA VAL D 254 -3.60 -46.31 -7.90
C VAL D 254 -4.85 -46.45 -7.03
N TYR D 255 -6.04 -46.26 -7.62
CA TYR D 255 -7.31 -46.36 -6.91
C TYR D 255 -8.01 -47.70 -7.10
N GLY D 256 -7.27 -48.76 -7.43
CA GLY D 256 -7.79 -50.10 -7.46
C GLY D 256 -8.42 -50.56 -8.76
N GLY D 257 -8.73 -49.64 -9.68
CA GLY D 257 -9.29 -50.01 -10.96
C GLY D 257 -8.20 -50.35 -11.97
N THR D 258 -8.63 -50.76 -13.16
CA THR D 258 -7.71 -51.01 -14.26
C THR D 258 -8.35 -50.58 -15.57
N TYR D 259 -7.54 -49.99 -16.45
CA TYR D 259 -7.95 -49.65 -17.80
C TYR D 259 -7.85 -50.89 -18.67
N MET D 260 -8.99 -51.35 -19.20
CA MET D 260 -9.03 -52.55 -20.03
C MET D 260 -9.11 -52.14 -21.50
N LEU D 261 -8.02 -52.35 -22.24
CA LEU D 261 -8.04 -52.11 -23.67
C LEU D 261 -8.40 -53.39 -24.42
N ASP D 262 -8.79 -53.23 -25.68
CA ASP D 262 -9.12 -54.35 -26.56
C ASP D 262 -10.24 -55.22 -26.00
N LYS D 263 -11.20 -54.61 -25.31
CA LYS D 263 -12.34 -55.33 -24.75
C LYS D 263 -13.60 -54.82 -25.45
N LYS D 264 -14.17 -55.64 -26.33
CA LYS D 264 -15.35 -55.24 -27.08
C LYS D 264 -16.58 -55.19 -26.17
N VAL D 265 -17.43 -54.20 -26.42
CA VAL D 265 -18.66 -54.03 -25.66
C VAL D 265 -19.77 -54.71 -26.45
N ASP D 266 -20.29 -55.82 -25.88
CA ASP D 266 -21.34 -56.58 -26.55
C ASP D 266 -22.67 -55.85 -26.49
N ARG D 267 -23.10 -55.46 -25.30
CA ARG D 267 -24.39 -54.80 -25.15
C ARG D 267 -24.37 -54.00 -23.85
N ILE D 268 -25.22 -52.99 -23.79
CA ILE D 268 -25.54 -52.32 -22.54
C ILE D 268 -26.77 -52.99 -21.96
N VAL D 269 -26.76 -53.24 -20.65
CA VAL D 269 -27.85 -53.93 -19.99
C VAL D 269 -28.72 -52.89 -19.29
N TYR D 270 -30.01 -52.88 -19.64
CA TYR D 270 -30.98 -51.97 -19.04
C TYR D 270 -32.07 -52.77 -18.33
N ASP D 271 -32.69 -52.14 -17.33
CA ASP D 271 -33.82 -52.74 -16.62
C ASP D 271 -35.13 -52.36 -17.32
N ASP D 272 -36.26 -52.73 -16.71
CA ASP D 272 -37.55 -52.48 -17.34
C ASP D 272 -37.87 -51.00 -17.46
N ASN D 273 -37.32 -50.17 -16.58
CA ASN D 273 -37.54 -48.73 -16.66
C ASN D 273 -36.66 -48.05 -17.69
N GLY D 274 -35.76 -48.80 -18.35
CA GLY D 274 -34.86 -48.21 -19.31
C GLY D 274 -33.58 -47.67 -18.71
N HIS D 275 -33.35 -47.87 -17.42
CA HIS D 275 -32.16 -47.39 -16.76
C HIS D 275 -31.05 -48.43 -16.84
N VAL D 276 -29.81 -47.95 -16.96
CA VAL D 276 -28.68 -48.86 -17.09
C VAL D 276 -28.46 -49.61 -15.79
N VAL D 277 -28.11 -50.89 -15.90
CA VAL D 277 -27.69 -51.68 -14.74
C VAL D 277 -26.36 -52.40 -14.95
N GLY D 278 -25.89 -52.58 -16.17
CA GLY D 278 -24.64 -53.29 -16.38
C GLY D 278 -24.17 -53.15 -17.82
N VAL D 279 -22.94 -53.59 -18.05
CA VAL D 279 -22.35 -53.69 -19.37
C VAL D 279 -21.84 -55.11 -19.58
N GLU D 280 -22.13 -55.68 -20.75
CA GLU D 280 -21.80 -57.06 -21.05
C GLU D 280 -20.67 -57.11 -22.08
N SER D 281 -19.61 -57.86 -21.76
CA SER D 281 -18.47 -57.99 -22.65
C SER D 281 -17.98 -59.43 -22.57
N GLY D 282 -17.93 -60.10 -23.73
CA GLY D 282 -17.47 -61.47 -23.81
C GLY D 282 -18.25 -62.44 -22.94
N GLY D 283 -19.58 -62.34 -22.97
CA GLY D 283 -20.44 -63.20 -22.20
C GLY D 283 -20.45 -62.93 -20.71
N GLU D 284 -19.65 -61.99 -20.21
CA GLU D 284 -19.66 -61.62 -18.81
C GLU D 284 -20.29 -60.24 -18.68
N VAL D 285 -20.97 -60.02 -17.55
CA VAL D 285 -21.69 -58.77 -17.31
C VAL D 285 -21.15 -58.14 -16.04
N ALA D 286 -20.78 -56.87 -16.14
CA ALA D 286 -20.32 -56.08 -15.00
C ALA D 286 -21.43 -55.14 -14.55
N LYS D 287 -21.93 -55.33 -13.33
CA LYS D 287 -22.99 -54.49 -12.83
C LYS D 287 -22.48 -53.09 -12.51
N CYS D 288 -23.32 -52.08 -12.75
CA CYS D 288 -22.95 -50.70 -12.50
C CYS D 288 -24.21 -49.88 -12.26
N LYS D 289 -24.05 -48.78 -11.53
CA LYS D 289 -25.14 -47.85 -11.31
C LYS D 289 -25.25 -46.81 -12.41
N MET D 290 -24.15 -46.52 -13.11
CA MET D 290 -24.13 -45.55 -14.19
C MET D 290 -23.16 -46.02 -15.24
N VAL D 291 -23.32 -45.50 -16.46
CA VAL D 291 -22.36 -45.73 -17.52
C VAL D 291 -22.03 -44.38 -18.18
N VAL D 292 -20.76 -44.21 -18.55
CA VAL D 292 -20.26 -43.01 -19.18
C VAL D 292 -19.47 -43.42 -20.41
N GLY D 293 -19.68 -42.72 -21.53
CA GLY D 293 -18.98 -43.06 -22.75
C GLY D 293 -19.18 -42.02 -23.83
N ASP D 294 -18.41 -42.17 -24.91
CA ASP D 294 -18.50 -41.30 -26.08
C ASP D 294 -19.55 -41.83 -27.04
N PRO D 295 -20.04 -40.99 -27.96
CA PRO D 295 -21.20 -41.38 -28.78
C PRO D 295 -21.10 -42.73 -29.46
N SER D 296 -19.89 -43.20 -29.80
CA SER D 296 -19.78 -44.42 -30.59
C SER D 296 -20.34 -45.65 -29.87
N TYR D 297 -20.47 -45.60 -28.56
CA TYR D 297 -20.99 -46.73 -27.80
C TYR D 297 -22.50 -46.75 -27.67
N PHE D 298 -23.17 -45.64 -27.96
CA PHE D 298 -24.63 -45.55 -27.81
C PHE D 298 -25.23 -44.93 -29.07
N PRO D 299 -25.13 -45.62 -30.21
CA PRO D 299 -25.67 -45.05 -31.46
C PRO D 299 -27.14 -44.71 -31.38
N GLU D 300 -27.91 -45.46 -30.59
CA GLU D 300 -29.35 -45.25 -30.47
C GLU D 300 -29.71 -44.07 -29.56
N LYS D 301 -28.73 -43.45 -28.88
CA LYS D 301 -28.99 -42.37 -27.94
C LYS D 301 -28.33 -41.05 -28.32
N VAL D 302 -27.85 -40.90 -29.56
CA VAL D 302 -27.18 -39.69 -29.99
C VAL D 302 -27.78 -39.23 -31.32
N ARG D 303 -27.44 -38.00 -31.70
CA ARG D 303 -27.81 -37.45 -32.99
C ARG D 303 -26.59 -36.79 -33.64
N LYS D 304 -26.53 -36.86 -34.96
CA LYS D 304 -25.46 -36.19 -35.68
C LYS D 304 -25.63 -34.67 -35.59
N THR D 305 -24.55 -33.98 -35.26
CA THR D 305 -24.56 -32.53 -35.15
C THR D 305 -23.79 -31.83 -36.26
N GLY D 306 -23.06 -32.55 -37.08
CA GLY D 306 -22.34 -31.95 -38.19
C GLY D 306 -21.10 -32.75 -38.51
N LYS D 307 -20.17 -32.08 -39.17
CA LYS D 307 -18.87 -32.64 -39.52
C LYS D 307 -17.77 -31.66 -39.18
N VAL D 308 -16.59 -32.19 -38.97
CA VAL D 308 -15.37 -31.41 -38.78
C VAL D 308 -14.30 -31.99 -39.68
N ILE D 309 -13.69 -31.15 -40.50
CA ILE D 309 -12.53 -31.56 -41.28
C ILE D 309 -11.27 -31.14 -40.53
N ARG D 310 -10.32 -32.06 -40.44
CA ARG D 310 -8.97 -31.76 -39.96
C ARG D 310 -8.01 -32.22 -41.04
N VAL D 311 -7.17 -31.31 -41.52
CA VAL D 311 -6.12 -31.64 -42.48
C VAL D 311 -4.79 -31.56 -41.74
N ILE D 312 -4.11 -32.70 -41.69
CA ILE D 312 -2.87 -32.87 -40.92
C ILE D 312 -1.71 -32.75 -41.90
N CYS D 313 -0.83 -31.78 -41.68
CA CYS D 313 0.24 -31.45 -42.61
C CYS D 313 1.60 -31.57 -41.93
N ILE D 314 2.49 -32.35 -42.54
CA ILE D 314 3.88 -32.45 -42.11
C ILE D 314 4.69 -31.46 -42.92
N LEU D 315 5.37 -30.56 -42.23
CA LEU D 315 6.15 -29.51 -42.87
C LEU D 315 7.63 -29.66 -42.51
N SER D 316 8.49 -29.23 -43.43
CA SER D 316 9.93 -29.15 -43.17
C SER D 316 10.37 -27.70 -42.98
N HIS D 317 9.45 -26.84 -42.54
CA HIS D 317 9.74 -25.43 -42.40
C HIS D 317 8.72 -24.83 -41.46
N PRO D 318 9.07 -23.80 -40.71
CA PRO D 318 8.07 -23.09 -39.91
C PRO D 318 7.11 -22.32 -40.80
N VAL D 319 5.99 -21.91 -40.22
CA VAL D 319 4.99 -21.16 -40.98
C VAL D 319 5.52 -19.76 -41.25
N LYS D 320 5.40 -19.30 -42.49
CA LYS D 320 5.85 -17.96 -42.82
C LYS D 320 5.10 -16.94 -41.96
N SER D 321 5.81 -15.88 -41.58
CA SER D 321 5.31 -14.76 -40.78
C SER D 321 5.10 -15.09 -39.31
N THR D 322 5.51 -16.27 -38.83
CA THR D 322 5.47 -16.56 -37.40
C THR D 322 6.83 -16.40 -36.73
N GLU D 323 7.79 -15.77 -37.40
CA GLU D 323 9.13 -15.52 -36.85
C GLU D 323 9.80 -16.81 -36.42
N ASN D 324 9.70 -17.83 -37.26
CA ASN D 324 10.36 -19.13 -37.08
C ASN D 324 9.89 -19.81 -35.80
N ALA D 325 8.67 -19.51 -35.35
CA ALA D 325 8.12 -20.16 -34.17
C ALA D 325 8.04 -21.67 -34.40
N LYS D 326 8.45 -22.44 -33.40
CA LYS D 326 8.43 -23.88 -33.55
C LYS D 326 7.15 -24.52 -33.04
N SER D 327 6.25 -23.73 -32.46
CA SER D 327 4.91 -24.19 -32.12
C SER D 327 4.02 -22.97 -32.07
N SER D 328 2.75 -23.11 -32.44
CA SER D 328 1.96 -21.91 -32.62
C SER D 328 0.46 -22.19 -32.61
N GLN D 329 -0.30 -21.24 -32.07
CA GLN D 329 -1.73 -21.14 -32.27
C GLN D 329 -2.00 -20.12 -33.36
N ILE D 330 -2.87 -20.46 -34.31
CA ILE D 330 -3.27 -19.55 -35.38
C ILE D 330 -4.79 -19.60 -35.53
N ILE D 331 -5.44 -18.46 -35.34
CA ILE D 331 -6.90 -18.33 -35.44
C ILE D 331 -7.26 -17.70 -36.77
N PHE D 332 -8.25 -18.29 -37.46
CA PHE D 332 -8.79 -17.73 -38.69
C PHE D 332 -10.24 -17.36 -38.43
N PRO D 333 -10.52 -16.12 -38.00
CA PRO D 333 -11.92 -15.74 -37.71
C PRO D 333 -12.81 -15.85 -38.94
N GLN D 334 -14.05 -16.27 -38.73
CA GLN D 334 -14.95 -16.53 -39.85
C GLN D 334 -15.22 -15.27 -40.66
N LYS D 335 -15.30 -14.10 -40.01
CA LYS D 335 -15.58 -12.88 -40.75
C LYS D 335 -14.38 -12.40 -41.58
N GLN D 336 -13.18 -12.92 -41.31
CA GLN D 336 -12.03 -12.61 -42.16
C GLN D 336 -11.89 -13.57 -43.32
N THR D 337 -12.73 -14.60 -43.38
CA THR D 337 -12.61 -15.65 -44.38
C THR D 337 -13.87 -15.85 -45.20
N GLY D 338 -14.92 -15.07 -44.95
CA GLY D 338 -16.18 -15.25 -45.66
C GLY D 338 -16.91 -16.52 -45.31
N ARG D 339 -16.85 -16.93 -44.05
CA ARG D 339 -17.41 -18.18 -43.56
C ARG D 339 -18.30 -17.90 -42.35
N LYS D 340 -18.99 -18.95 -41.89
CA LYS D 340 -19.79 -18.86 -40.68
C LYS D 340 -19.18 -19.68 -39.56
N HIS D 341 -17.97 -20.19 -39.76
CA HIS D 341 -17.23 -20.94 -38.77
C HIS D 341 -15.76 -20.60 -38.89
N ASP D 342 -15.11 -20.41 -37.75
CA ASP D 342 -13.68 -20.13 -37.74
C ASP D 342 -12.90 -21.36 -38.23
N ILE D 343 -11.71 -21.10 -38.74
CA ILE D 343 -10.75 -22.14 -39.05
C ILE D 343 -9.63 -22.03 -38.03
N TYR D 344 -9.16 -23.17 -37.56
CA TYR D 344 -8.13 -23.24 -36.53
C TYR D 344 -6.93 -24.00 -37.09
N CYS D 345 -5.74 -23.49 -36.78
CA CYS D 345 -4.48 -24.17 -37.13
C CYS D 345 -3.58 -24.12 -35.91
N CYS D 346 -3.17 -25.29 -35.43
CA CYS D 346 -2.16 -25.37 -34.39
C CYS D 346 -0.93 -26.07 -34.95
N VAL D 347 0.25 -25.58 -34.56
CA VAL D 347 1.52 -26.09 -35.07
C VAL D 347 2.32 -26.62 -33.89
N THR D 348 2.76 -27.86 -33.98
CA THR D 348 3.67 -28.43 -33.01
C THR D 348 4.79 -29.09 -33.77
N SER D 349 5.86 -29.44 -33.07
CA SER D 349 7.07 -29.90 -33.73
C SER D 349 7.89 -30.72 -32.76
N PHE D 350 9.17 -30.89 -33.10
CA PHE D 350 10.14 -31.57 -32.25
C PHE D 350 10.22 -30.97 -30.85
N THR D 351 9.90 -29.67 -30.71
CA THR D 351 10.00 -29.04 -29.40
C THR D 351 9.03 -29.63 -28.38
N HIS D 352 7.96 -30.27 -28.84
CA HIS D 352 7.10 -31.05 -27.96
C HIS D 352 7.27 -32.55 -28.20
N HIS D 353 8.31 -32.93 -28.94
CA HIS D 353 8.60 -34.32 -29.24
C HIS D 353 7.39 -35.00 -29.84
N VAL D 354 6.72 -34.30 -30.75
CA VAL D 354 5.64 -34.90 -31.53
C VAL D 354 6.07 -35.19 -32.96
N ALA D 355 7.26 -34.74 -33.36
CA ALA D 355 7.76 -34.94 -34.71
C ALA D 355 9.26 -35.06 -34.66
N PRO D 356 9.89 -35.61 -35.69
CA PRO D 356 11.36 -35.63 -35.75
C PRO D 356 11.93 -34.22 -35.80
N ASN D 357 13.24 -34.16 -35.61
CA ASN D 357 13.97 -32.90 -35.67
C ASN D 357 13.84 -32.28 -37.05
N GLY D 358 13.41 -31.02 -37.10
CA GLY D 358 13.23 -30.36 -38.38
C GLY D 358 11.87 -30.55 -39.01
N LYS D 359 10.95 -31.24 -38.36
CA LYS D 359 9.61 -31.47 -38.88
C LYS D 359 8.60 -30.71 -38.02
N TYR D 360 7.51 -30.28 -38.65
CA TYR D 360 6.44 -29.55 -37.99
C TYR D 360 5.12 -30.23 -38.35
N ILE D 361 4.23 -30.35 -37.38
CA ILE D 361 2.88 -30.84 -37.61
C ILE D 361 1.96 -29.64 -37.53
N ALA D 362 1.31 -29.33 -38.64
CA ALA D 362 0.34 -28.24 -38.71
C ALA D 362 -1.00 -28.84 -39.09
N ILE D 363 -1.98 -28.73 -38.18
CA ILE D 363 -3.28 -29.36 -38.36
C ILE D 363 -4.33 -28.26 -38.47
N VAL D 364 -5.06 -28.27 -39.58
CA VAL D 364 -6.06 -27.26 -39.89
C VAL D 364 -7.43 -27.86 -39.66
N SER D 365 -8.28 -27.16 -38.91
CA SER D 365 -9.57 -27.73 -38.55
C SER D 365 -10.68 -26.71 -38.66
N THR D 366 -11.84 -27.17 -39.13
CA THR D 366 -13.03 -26.32 -39.16
C THR D 366 -14.27 -27.18 -39.33
N THR D 367 -15.39 -26.59 -38.94
CA THR D 367 -16.69 -27.20 -39.19
C THR D 367 -17.03 -27.16 -40.67
N VAL D 368 -17.54 -28.27 -41.19
CA VAL D 368 -17.84 -28.37 -42.62
C VAL D 368 -19.09 -27.59 -42.93
N GLU D 369 -19.01 -26.71 -43.95
CA GLU D 369 -20.16 -25.96 -44.43
C GLU D 369 -20.62 -26.36 -45.82
N SER D 370 -19.78 -27.03 -46.61
CA SER D 370 -20.07 -27.22 -48.03
C SER D 370 -19.86 -28.68 -48.44
N ASP D 371 -20.03 -28.93 -49.74
CA ASP D 371 -19.83 -30.23 -50.35
C ASP D 371 -18.37 -30.50 -50.64
N ASN D 372 -17.51 -29.50 -50.52
CA ASN D 372 -16.08 -29.63 -50.77
C ASN D 372 -15.38 -29.20 -49.48
N PRO D 373 -15.32 -30.09 -48.48
CA PRO D 373 -14.72 -29.68 -47.19
C PRO D 373 -13.26 -29.27 -47.33
N GLU D 374 -12.49 -29.94 -48.18
CA GLU D 374 -11.09 -29.60 -48.35
C GLU D 374 -10.92 -28.19 -48.88
N ASN D 375 -11.82 -27.77 -49.78
CA ASN D 375 -11.72 -26.44 -50.35
C ASN D 375 -11.96 -25.37 -49.30
N GLU D 376 -12.72 -25.69 -48.25
CA GLU D 376 -13.00 -24.72 -47.20
C GLU D 376 -11.73 -24.29 -46.45
N VAL D 377 -10.75 -25.19 -46.32
CA VAL D 377 -9.51 -24.87 -45.61
C VAL D 377 -8.35 -24.53 -46.54
N LYS D 378 -8.64 -24.33 -47.84
CA LYS D 378 -7.57 -24.04 -48.79
C LYS D 378 -6.86 -22.73 -48.44
N VAL D 379 -7.58 -21.76 -47.88
CA VAL D 379 -6.97 -20.50 -47.51
C VAL D 379 -5.83 -20.70 -46.51
N VAL D 380 -5.96 -21.68 -45.62
CA VAL D 380 -4.90 -21.93 -44.65
C VAL D 380 -3.78 -22.75 -45.27
N LEU D 381 -4.14 -23.80 -46.01
CA LEU D 381 -3.12 -24.67 -46.60
C LEU D 381 -2.20 -23.90 -47.52
N ASP D 382 -2.72 -22.89 -48.21
CA ASP D 382 -1.88 -22.09 -49.10
C ASP D 382 -0.79 -21.37 -48.32
N LEU D 383 -1.06 -21.02 -47.06
CA LEU D 383 -0.05 -20.37 -46.24
C LEU D 383 0.99 -21.35 -45.71
N LEU D 384 0.72 -22.65 -45.75
CA LEU D 384 1.63 -23.65 -45.25
C LEU D 384 2.57 -24.21 -46.32
N ASN D 385 2.31 -23.95 -47.60
CA ASN D 385 3.08 -24.59 -48.66
C ASN D 385 4.56 -24.18 -48.58
N PRO D 386 5.48 -25.09 -48.93
CA PRO D 386 5.21 -26.45 -49.40
C PRO D 386 4.90 -27.43 -48.26
N ILE D 387 4.06 -28.42 -48.55
CA ILE D 387 3.65 -29.43 -47.58
C ILE D 387 4.24 -30.77 -48.02
N ASP D 388 4.97 -31.42 -47.10
CA ASP D 388 5.59 -32.70 -47.45
C ASP D 388 4.54 -33.80 -47.56
N GLU D 389 3.66 -33.90 -46.57
CA GLU D 389 2.63 -34.93 -46.60
C GLU D 389 1.37 -34.36 -45.97
N LYS D 390 0.22 -34.68 -46.55
CA LYS D 390 -1.05 -34.13 -46.12
C LYS D 390 -2.05 -35.26 -45.96
N PHE D 391 -2.75 -35.26 -44.82
CA PHE D 391 -3.75 -36.28 -44.51
C PHE D 391 -5.08 -35.60 -44.20
N VAL D 392 -6.13 -35.98 -44.94
CA VAL D 392 -7.46 -35.42 -44.78
C VAL D 392 -8.27 -36.30 -43.84
N TYR D 393 -8.72 -35.72 -42.72
CA TYR D 393 -9.41 -36.44 -41.65
C TYR D 393 -10.75 -35.77 -41.38
N ILE D 394 -11.82 -36.33 -41.93
CA ILE D 394 -13.17 -35.80 -41.78
C ILE D 394 -13.94 -36.72 -40.84
N LEU D 395 -14.62 -36.14 -39.86
CA LEU D 395 -15.37 -36.90 -38.87
C LEU D 395 -16.78 -36.33 -38.71
N ASP D 396 -17.75 -37.22 -38.48
CA ASP D 396 -19.07 -36.79 -38.04
C ASP D 396 -19.04 -36.46 -36.56
N THR D 397 -19.85 -35.50 -36.16
CA THR D 397 -19.94 -35.12 -34.76
C THR D 397 -21.30 -35.49 -34.20
N TYR D 398 -21.33 -35.83 -32.92
CA TYR D 398 -22.54 -36.32 -32.28
C TYR D 398 -22.69 -35.69 -30.90
N ALA D 399 -23.93 -35.71 -30.41
CA ALA D 399 -24.28 -35.21 -29.09
C ALA D 399 -25.40 -36.09 -28.55
N PRO D 400 -25.45 -36.31 -27.23
CA PRO D 400 -26.50 -37.19 -26.69
C PRO D 400 -27.86 -36.52 -26.77
N LEU D 401 -28.89 -37.36 -26.90
CA LEU D 401 -30.26 -36.85 -26.92
C LEU D 401 -30.72 -36.44 -25.53
N GLU D 402 -30.32 -37.18 -24.51
CA GLU D 402 -30.70 -36.91 -23.12
C GLU D 402 -29.47 -36.65 -22.27
N ASP D 403 -29.69 -36.04 -21.11
CA ASP D 403 -28.58 -35.66 -20.23
C ASP D 403 -28.09 -36.81 -19.37
N GLY D 404 -28.82 -37.94 -19.36
CA GLY D 404 -28.41 -39.13 -18.65
C GLY D 404 -29.07 -39.33 -17.30
N LYS D 405 -29.79 -38.32 -16.78
CA LYS D 405 -30.37 -38.44 -15.46
C LYS D 405 -31.51 -39.46 -15.41
N LYS D 406 -32.25 -39.63 -16.51
CA LYS D 406 -33.34 -40.59 -16.52
C LYS D 406 -32.86 -42.02 -16.69
N ASP D 407 -31.88 -42.24 -17.57
CA ASP D 407 -31.43 -43.58 -17.91
C ASP D 407 -30.09 -43.98 -17.31
N GLY D 408 -29.36 -43.06 -16.70
CA GLY D 408 -28.06 -43.38 -16.14
C GLY D 408 -26.94 -43.48 -17.14
N VAL D 409 -27.17 -43.08 -18.40
CA VAL D 409 -26.18 -43.14 -19.46
C VAL D 409 -25.75 -41.72 -19.79
N PHE D 410 -24.52 -41.37 -19.41
CA PHE D 410 -23.99 -40.01 -19.59
C PHE D 410 -23.01 -40.00 -20.75
N ILE D 411 -23.38 -39.33 -21.84
CA ILE D 411 -22.64 -39.38 -23.10
C ILE D 411 -22.01 -38.02 -23.38
N SER D 412 -20.75 -38.04 -23.80
CA SER D 412 -20.01 -36.82 -24.12
C SER D 412 -20.29 -36.38 -25.56
N LYS D 413 -19.97 -35.12 -25.83
CA LYS D 413 -20.01 -34.59 -27.19
C LYS D 413 -18.72 -34.90 -27.92
N SER D 414 -18.81 -35.04 -29.24
CA SER D 414 -17.62 -35.12 -30.07
C SER D 414 -16.82 -33.83 -29.95
N TYR D 415 -15.54 -33.90 -30.25
CA TYR D 415 -14.70 -32.72 -30.11
C TYR D 415 -14.96 -31.77 -31.27
N ASP D 416 -15.12 -30.48 -30.95
CA ASP D 416 -15.33 -29.48 -31.99
C ASP D 416 -14.00 -29.09 -32.63
N ALA D 417 -14.08 -28.18 -33.59
CA ALA D 417 -12.93 -27.83 -34.40
C ALA D 417 -11.92 -26.96 -33.67
N THR D 418 -12.31 -26.33 -32.56
CA THR D 418 -11.38 -25.43 -31.87
C THR D 418 -10.10 -26.17 -31.50
N THR D 419 -8.99 -25.43 -31.52
CA THR D 419 -7.69 -25.95 -31.14
C THR D 419 -7.29 -25.51 -29.73
N HIS D 420 -8.27 -25.31 -28.86
CA HIS D 420 -8.06 -25.14 -27.43
C HIS D 420 -9.14 -25.94 -26.71
N PHE D 421 -8.97 -26.10 -25.41
CA PHE D 421 -9.71 -27.13 -24.68
C PHE D 421 -10.93 -26.63 -23.93
N GLU D 422 -11.31 -25.36 -24.07
CA GLU D 422 -12.40 -24.84 -23.23
C GLU D 422 -13.69 -25.64 -23.41
N SER D 423 -14.09 -25.90 -24.65
CA SER D 423 -15.37 -26.57 -24.86
C SER D 423 -15.35 -28.01 -24.35
N CYS D 424 -14.21 -28.70 -24.46
CA CYS D 424 -14.08 -30.01 -23.83
C CYS D 424 -14.18 -29.91 -22.31
N ALA D 425 -13.54 -28.90 -21.70
CA ALA D 425 -13.65 -28.71 -20.25
C ALA D 425 -15.07 -28.35 -19.83
N VAL D 426 -15.78 -27.55 -20.64
CA VAL D 426 -17.17 -27.23 -20.34
C VAL D 426 -18.02 -28.49 -20.35
N ASP D 427 -17.78 -29.38 -21.32
CA ASP D 427 -18.52 -30.63 -21.39
C ASP D 427 -18.21 -31.53 -20.20
N ILE D 428 -16.94 -31.55 -19.78
CA ILE D 428 -16.54 -32.36 -18.64
C ILE D 428 -17.29 -31.90 -17.39
N VAL D 429 -17.32 -30.60 -17.15
CA VAL D 429 -18.02 -30.07 -15.98
C VAL D 429 -19.49 -30.43 -16.05
N ASP D 430 -20.10 -30.25 -17.23
CA ASP D 430 -21.53 -30.51 -17.40
C ASP D 430 -21.84 -31.98 -17.13
N ILE D 431 -21.08 -32.90 -17.73
CA ILE D 431 -21.28 -34.32 -17.48
C ILE D 431 -21.17 -34.63 -15.99
N TYR D 432 -20.15 -34.06 -15.33
CA TYR D 432 -19.97 -34.36 -13.92
C TYR D 432 -21.13 -33.83 -13.10
N GLU D 433 -21.65 -32.66 -13.48
CA GLU D 433 -22.83 -32.11 -12.81
C GLU D 433 -24.07 -32.97 -13.05
N ARG D 434 -24.22 -33.51 -14.26
CA ARG D 434 -25.32 -34.43 -14.53
C ARG D 434 -25.22 -35.70 -13.71
N ILE D 435 -23.99 -36.18 -13.48
CA ILE D 435 -23.79 -37.39 -12.69
C ILE D 435 -24.07 -37.14 -11.22
N THR D 436 -23.52 -36.06 -10.67
CA THR D 436 -23.61 -35.78 -9.23
C THR D 436 -24.87 -35.03 -8.84
N GLY D 437 -25.55 -34.38 -9.77
CA GLY D 437 -26.67 -33.54 -9.41
C GLY D 437 -26.31 -32.31 -8.62
N GLU D 438 -25.02 -31.99 -8.51
CA GLU D 438 -24.54 -30.87 -7.72
C GLU D 438 -23.69 -29.95 -8.58
N LYS D 439 -23.69 -28.66 -8.23
CA LYS D 439 -22.82 -27.73 -8.93
C LYS D 439 -21.38 -28.13 -8.71
N PHE D 440 -20.58 -28.00 -9.76
CA PHE D 440 -19.20 -28.47 -9.75
C PHE D 440 -18.42 -27.78 -8.64
N ASP D 441 -17.86 -28.57 -7.73
CA ASP D 441 -17.06 -28.06 -6.64
C ASP D 441 -15.61 -28.04 -7.08
N TRP D 442 -15.08 -26.84 -7.35
CA TRP D 442 -13.70 -26.70 -7.80
C TRP D 442 -12.68 -26.90 -6.69
N ASN D 443 -13.15 -27.17 -5.47
CA ASN D 443 -12.26 -27.36 -4.34
C ASN D 443 -12.25 -28.79 -3.82
N LYS D 444 -12.96 -29.71 -4.48
CA LYS D 444 -12.94 -31.10 -4.04
C LYS D 444 -11.53 -31.64 -4.16
N LYS D 445 -11.08 -32.37 -3.15
CA LYS D 445 -9.73 -32.85 -3.14
C LYS D 445 -9.74 -34.38 -3.09
N PRO D 446 -8.72 -35.02 -3.66
CA PRO D 446 -8.74 -36.48 -3.74
C PRO D 446 -8.72 -37.13 -2.37
N VAL D 447 -9.24 -38.35 -2.31
CA VAL D 447 -9.19 -39.18 -1.12
C VAL D 447 -7.99 -40.11 -1.25
N GLU D 448 -7.50 -40.58 -0.10
CA GLU D 448 -6.37 -41.50 -0.13
C GLU D 448 -6.86 -42.81 -0.77
N PRO D 449 -6.11 -43.38 -1.71
CA PRO D 449 -6.45 -44.62 -2.41
C PRO D 449 -6.80 -45.79 -1.47
S SO4 E . 17.04 5.06 42.97
O1 SO4 E . 17.12 5.77 41.70
O2 SO4 E . 15.66 5.10 43.47
O3 SO4 E . 17.91 5.72 43.95
O4 SO4 E . 17.46 3.69 42.77
S SO4 F . 5.93 -40.50 16.10
O1 SO4 F . 7.24 -40.10 15.59
O2 SO4 F . 4.92 -40.25 15.08
O3 SO4 F . 5.62 -39.71 17.30
O4 SO4 F . 5.94 -41.91 16.43
#